data_5FB3
#
_entry.id   5FB3
#
_cell.length_a   102.182
_cell.length_b   123.335
_cell.length_c   166.724
_cell.angle_alpha   90.000
_cell.angle_beta   90.000
_cell.angle_gamma   90.000
#
_symmetry.space_group_name_H-M   'P 21 21 21'
#
loop_
_entity.id
_entity.type
_entity.pdbx_description
1 polymer 'Glycerol-1-phosphate dehydrogenase [NAD(P)+]'
2 non-polymer 'ZINC ION'
3 non-polymer 'SULFATE ION'
4 non-polymer PYROPHOSPHATE
5 non-polymer 'NADPH DIHYDRO-NICOTINAMIDE-ADENINE-DINUCLEOTIDE PHOSPHATE'
6 water water
#
_entity_poly.entity_id   1
_entity_poly.type   'polypeptide(L)'
_entity_poly.pdbx_seq_one_letter_code
;MKKVERFEVPRTIIFGPGALEKTPEVIPPSGRVLIITGKSSTRKYAERVAELLKQNCEIISYDQVELEKPGFDLVIGIGG
GRPLDMAKVYSYIHKKPFVAIPTSASHDGIASPYVSFSLTQRFSKYGKISSSPVAIIADTSIILSAPSRLLKAGIGDLLG
KIIAVRDWQLAHRLKGEEYSEYAAHLSLTSYKIAVGNAQKIKNFIREEDVRVLVKALIGCGVAMGIAGSSRPCSGSEHLF
AHAIEVRVEKEDEVVHGELVALGTIIMAYLHGINWRRIKRIADIIGLPTSLRQANIDVDLALEALTTAHTLRPDRYTILG
DGLSREAAKRALEDVELI
;
_entity_poly.pdbx_strand_id   A,B,C,D,E,F
#
# COMPACT_ATOMS: atom_id res chain seq x y z
N LYS A 3 24.06 26.33 18.73
CA LYS A 3 24.31 27.34 17.66
C LYS A 3 23.03 28.15 17.39
N VAL A 4 22.97 29.35 17.95
CA VAL A 4 21.77 30.18 17.90
C VAL A 4 21.52 30.71 16.50
N GLU A 5 20.29 30.54 16.04
CA GLU A 5 19.89 30.89 14.69
C GLU A 5 18.90 32.04 14.72
N ARG A 6 18.90 32.79 13.63
CA ARG A 6 18.05 33.95 13.50
C ARG A 6 17.59 34.02 12.04
N PHE A 7 16.36 34.46 11.83
CA PHE A 7 15.89 34.72 10.47
C PHE A 7 14.70 35.65 10.43
N GLU A 8 14.44 36.15 9.24
CA GLU A 8 13.43 37.15 9.03
C GLU A 8 12.34 36.51 8.20
N VAL A 9 11.14 37.03 8.36
CA VAL A 9 9.97 36.55 7.67
C VAL A 9 9.22 37.82 7.29
N PRO A 10 8.68 37.87 6.06
CA PRO A 10 7.91 39.06 5.72
C PRO A 10 6.91 39.37 6.82
N ARG A 11 6.88 40.63 7.26
CA ARG A 11 6.05 41.01 8.39
C ARG A 11 4.60 41.12 7.99
N THR A 12 4.35 41.74 6.84
CA THR A 12 2.98 42.00 6.39
C THR A 12 2.74 41.53 4.96
N ILE A 13 1.68 40.77 4.75
CA ILE A 13 1.38 40.23 3.41
C ILE A 13 -0.04 40.64 3.07
N ILE A 14 -0.26 41.07 1.83
CA ILE A 14 -1.55 41.59 1.42
C ILE A 14 -1.94 40.96 0.09
N PHE A 15 -3.08 40.26 0.15
CA PHE A 15 -3.54 39.36 -0.89
C PHE A 15 -4.94 39.73 -1.33
N GLY A 16 -5.16 39.67 -2.63
CA GLY A 16 -6.49 39.80 -3.19
C GLY A 16 -6.54 40.58 -4.48
N PRO A 17 -7.74 40.80 -5.01
CA PRO A 17 -7.91 41.63 -6.19
C PRO A 17 -7.74 43.11 -5.85
N GLY A 18 -6.88 43.80 -6.59
CA GLY A 18 -6.58 45.21 -6.32
C GLY A 18 -5.87 45.43 -4.99
N ALA A 19 -4.95 44.54 -4.63
CA ALA A 19 -4.17 44.71 -3.39
C ALA A 19 -3.08 45.75 -3.59
N LEU A 20 -2.80 46.09 -4.84
CA LEU A 20 -1.92 47.20 -5.17
C LEU A 20 -2.50 48.53 -4.69
N GLU A 21 -3.83 48.64 -4.69
CA GLU A 21 -4.47 49.86 -4.19
C GLU A 21 -4.22 50.08 -2.70
N LYS A 22 -3.88 49.01 -1.99
CA LYS A 22 -3.63 49.09 -0.55
C LYS A 22 -2.14 49.18 -0.17
N THR A 23 -1.22 49.37 -1.12
CA THR A 23 0.21 49.41 -0.75
C THR A 23 0.65 50.56 0.17
N PRO A 24 0.01 51.75 0.06
CA PRO A 24 0.43 52.82 0.95
C PRO A 24 0.25 52.49 2.42
N GLU A 25 -0.45 51.39 2.69
CA GLU A 25 -0.67 50.88 4.02
C GLU A 25 0.59 50.35 4.69
N VAL A 26 1.57 49.93 3.90
CA VAL A 26 2.73 49.22 4.43
C VAL A 26 4.05 49.98 4.16
N ILE A 27 3.92 51.29 3.93
CA ILE A 27 5.04 52.18 3.65
C ILE A 27 5.01 53.35 4.65
N PRO A 28 5.94 53.37 5.62
CA PRO A 28 5.92 54.41 6.68
C PRO A 28 5.86 55.84 6.14
N PRO A 29 5.23 56.75 6.89
CA PRO A 29 4.80 58.07 6.39
C PRO A 29 5.93 58.99 5.88
N SER A 30 7.06 58.98 6.57
CA SER A 30 8.17 59.85 6.21
C SER A 30 9.28 59.06 5.52
N GLY A 31 10.02 59.74 4.64
CA GLY A 31 11.16 59.15 3.95
C GLY A 31 10.93 58.99 2.45
N ARG A 32 12.04 58.93 1.72
CA ARG A 32 12.00 58.85 0.26
C ARG A 32 12.03 57.39 -0.17
N VAL A 33 11.32 57.11 -1.27
CA VAL A 33 11.03 55.74 -1.68
C VAL A 33 11.50 55.44 -3.09
N LEU A 34 12.36 54.43 -3.20
CA LEU A 34 12.82 53.93 -4.48
C LEU A 34 11.87 52.85 -4.98
N ILE A 35 11.38 53.01 -6.20
CA ILE A 35 10.51 52.04 -6.82
C ILE A 35 11.26 51.45 -8.01
N ILE A 36 11.83 50.26 -7.81
CA ILE A 36 12.58 49.61 -8.87
C ILE A 36 11.63 48.77 -9.69
N THR A 37 11.58 49.04 -10.99
CA THR A 37 10.60 48.43 -11.86
C THR A 37 11.29 47.56 -12.89
N GLY A 38 10.54 46.59 -13.42
CA GLY A 38 11.00 45.80 -14.52
C GLY A 38 10.70 46.53 -15.81
N LYS A 39 10.77 45.78 -16.91
CA LYS A 39 10.37 46.29 -18.22
C LYS A 39 9.37 45.31 -18.82
N SER A 40 8.64 45.71 -19.86
CA SER A 40 8.52 47.11 -20.28
C SER A 40 7.22 47.70 -19.76
N SER A 41 6.11 46.98 -19.92
CA SER A 41 4.79 47.45 -19.48
C SER A 41 4.58 47.40 -17.95
N THR A 42 5.67 47.19 -17.21
CA THR A 42 5.62 47.13 -15.76
C THR A 42 5.40 48.50 -15.11
N ARG A 43 5.67 49.58 -15.85
CA ARG A 43 5.58 50.96 -15.31
C ARG A 43 4.17 51.31 -14.84
N LYS A 44 3.16 50.92 -15.62
CA LYS A 44 1.77 51.23 -15.25
C LYS A 44 1.48 50.96 -13.76
N TYR A 45 2.04 49.86 -13.24
CA TYR A 45 1.86 49.49 -11.83
C TYR A 45 2.70 50.36 -10.89
N ALA A 46 3.95 50.60 -11.27
CA ALA A 46 4.82 51.47 -10.48
C ALA A 46 4.29 52.90 -10.43
N GLU A 47 3.79 53.37 -11.57
CA GLU A 47 3.21 54.71 -11.68
C GLU A 47 1.98 54.86 -10.79
N ARG A 48 1.13 53.84 -10.78
CA ARG A 48 -0.04 53.83 -9.90
C ARG A 48 0.34 53.82 -8.42
N VAL A 49 1.33 53.02 -8.04
CA VAL A 49 1.82 53.04 -6.66
C VAL A 49 2.37 54.42 -6.31
N ALA A 50 3.11 55.03 -7.23
CA ALA A 50 3.59 56.41 -7.02
C ALA A 50 2.43 57.43 -6.84
N GLU A 51 1.35 57.27 -7.60
CA GLU A 51 0.15 58.11 -7.44
C GLU A 51 -0.41 58.03 -6.02
N LEU A 52 -0.57 56.81 -5.51
CA LEU A 52 -1.15 56.57 -4.19
C LEU A 52 -0.25 56.98 -3.03
N LEU A 53 1.03 57.22 -3.31
CA LEU A 53 1.98 57.52 -2.27
C LEU A 53 2.07 59.01 -2.00
N LYS A 54 1.82 59.37 -0.74
CA LYS A 54 2.05 60.73 -0.23
C LYS A 54 3.54 61.12 -0.26
N GLN A 55 4.41 60.12 -0.13
CA GLN A 55 5.86 60.35 -0.09
C GLN A 55 6.43 60.70 -1.46
N ASN A 56 7.49 61.48 -1.48
CA ASN A 56 8.26 61.68 -2.72
C ASN A 56 8.99 60.39 -3.08
N CYS A 57 8.97 60.03 -4.36
CA CYS A 57 9.44 58.74 -4.79
C CYS A 57 9.83 58.69 -6.28
N GLU A 58 11.04 58.19 -6.54
CA GLU A 58 11.54 58.01 -7.90
C GLU A 58 11.27 56.60 -8.40
N ILE A 59 10.96 56.48 -9.69
CA ILE A 59 10.80 55.19 -10.34
C ILE A 59 11.93 55.01 -11.35
N ILE A 60 12.66 53.90 -11.22
CA ILE A 60 13.82 53.59 -12.05
C ILE A 60 13.80 52.14 -12.52
N SER A 61 13.91 51.93 -13.82
CA SER A 61 14.13 50.59 -14.37
C SER A 61 15.35 49.95 -13.71
N TYR A 62 15.25 48.68 -13.34
CA TYR A 62 16.34 47.96 -12.67
C TYR A 62 17.70 48.06 -13.35
N ASP A 63 17.72 48.17 -14.68
CA ASP A 63 18.99 48.31 -15.41
C ASP A 63 19.61 49.73 -15.34
N GLN A 64 18.88 50.70 -14.79
CA GLN A 64 19.38 52.06 -14.61
C GLN A 64 19.69 52.41 -13.14
N VAL A 65 19.50 51.44 -12.26
CA VAL A 65 19.78 51.64 -10.83
C VAL A 65 21.28 51.80 -10.52
N GLU A 66 21.65 52.89 -9.85
CA GLU A 66 22.96 52.99 -9.20
C GLU A 66 22.84 52.42 -7.80
N LEU A 67 23.18 51.17 -7.64
CA LEU A 67 23.05 50.50 -6.34
C LEU A 67 23.73 51.23 -5.16
N GLU A 68 24.88 51.85 -5.39
CA GLU A 68 25.61 52.51 -4.30
C GLU A 68 25.08 53.90 -3.93
N LYS A 69 24.13 54.41 -4.71
CA LYS A 69 23.53 55.70 -4.40
C LYS A 69 22.62 55.63 -3.16
N PRO A 70 23.02 56.29 -2.05
CA PRO A 70 22.18 56.29 -0.84
C PRO A 70 21.06 57.32 -0.92
N GLY A 71 20.37 57.55 0.19
CA GLY A 71 19.33 58.59 0.29
C GLY A 71 17.88 58.15 0.13
N PHE A 72 17.62 56.86 0.20
CA PHE A 72 16.26 56.33 0.12
C PHE A 72 16.01 55.54 1.36
N ASP A 73 14.85 55.77 1.97
CA ASP A 73 14.54 55.16 3.25
C ASP A 73 13.92 53.79 3.10
N LEU A 74 13.33 53.54 1.95
CA LEU A 74 12.71 52.24 1.65
C LEU A 74 12.76 51.99 0.14
N VAL A 75 12.86 50.72 -0.23
CA VAL A 75 12.87 50.36 -1.65
C VAL A 75 11.80 49.32 -2.00
N ILE A 76 11.13 49.57 -3.12
CA ILE A 76 10.11 48.68 -3.64
C ILE A 76 10.61 48.03 -4.90
N GLY A 77 10.51 46.70 -4.93
CA GLY A 77 10.69 45.91 -6.14
C GLY A 77 9.31 45.60 -6.64
N ILE A 78 9.08 45.87 -7.91
CA ILE A 78 7.78 45.58 -8.52
C ILE A 78 8.00 45.02 -9.92
N GLY A 79 7.58 43.77 -10.13
CA GLY A 79 7.71 43.11 -11.42
C GLY A 79 8.10 41.65 -11.31
N GLY A 80 9.02 41.22 -12.18
CA GLY A 80 9.49 39.84 -12.21
C GLY A 80 10.64 39.64 -11.24
N GLY A 81 11.46 38.63 -11.52
CA GLY A 81 12.57 38.27 -10.66
C GLY A 81 13.72 39.26 -10.67
N ARG A 82 13.93 39.93 -11.79
CA ARG A 82 15.05 40.85 -11.89
C ARG A 82 14.90 42.11 -11.01
N PRO A 83 13.78 42.85 -11.16
CA PRO A 83 13.64 44.07 -10.36
C PRO A 83 13.60 43.78 -8.88
N LEU A 84 12.94 42.69 -8.51
CA LEU A 84 12.89 42.23 -7.11
C LEU A 84 14.26 41.85 -6.56
N ASP A 85 15.07 41.14 -7.33
CA ASP A 85 16.44 40.85 -6.92
C ASP A 85 17.25 42.15 -6.81
N MET A 86 17.05 43.06 -7.76
CA MET A 86 17.76 44.33 -7.73
C MET A 86 17.38 45.10 -6.48
N ALA A 87 16.11 45.05 -6.09
CA ALA A 87 15.68 45.72 -4.88
C ALA A 87 16.24 45.06 -3.63
N LYS A 88 16.44 43.75 -3.69
CA LYS A 88 17.06 43.05 -2.58
C LYS A 88 18.51 43.51 -2.40
N VAL A 89 19.22 43.70 -3.50
CA VAL A 89 20.62 44.11 -3.41
C VAL A 89 20.69 45.52 -2.81
N TYR A 90 19.90 46.43 -3.37
CA TYR A 90 19.79 47.77 -2.79
C TYR A 90 19.54 47.72 -1.30
N SER A 91 18.54 46.93 -0.91
CA SER A 91 18.13 46.82 0.48
C SER A 91 19.30 46.42 1.37
N TYR A 92 20.10 45.48 0.88
CA TYR A 92 21.20 44.94 1.66
C TYR A 92 22.37 45.92 1.74
N ILE A 93 22.64 46.59 0.62
CA ILE A 93 23.74 47.56 0.60
C ILE A 93 23.49 48.69 1.59
N HIS A 94 22.23 49.12 1.70
CA HIS A 94 21.85 50.28 2.48
C HIS A 94 21.14 49.97 3.77
N LYS A 95 20.90 48.70 4.05
CA LYS A 95 20.19 48.31 5.28
C LYS A 95 18.86 49.05 5.34
N LYS A 96 18.07 48.94 4.28
CA LYS A 96 16.77 49.60 4.17
C LYS A 96 15.66 48.59 3.90
N PRO A 97 14.45 48.88 4.37
CA PRO A 97 13.26 48.09 4.10
C PRO A 97 13.01 47.75 2.62
N PHE A 98 12.80 46.46 2.36
CA PHE A 98 12.44 45.98 1.04
C PHE A 98 10.99 45.60 1.10
N VAL A 99 10.20 46.15 0.16
CA VAL A 99 8.80 45.74 -0.04
C VAL A 99 8.67 45.12 -1.42
N ALA A 100 8.08 43.93 -1.46
CA ALA A 100 8.00 43.13 -2.68
C ALA A 100 6.61 43.21 -3.33
N ILE A 101 6.55 43.46 -4.62
CA ILE A 101 5.27 43.56 -5.34
C ILE A 101 5.37 42.69 -6.58
N PRO A 102 5.15 41.38 -6.41
CA PRO A 102 5.26 40.48 -7.55
C PRO A 102 4.09 40.64 -8.51
N THR A 103 4.40 40.80 -9.79
CA THR A 103 3.40 40.83 -10.85
C THR A 103 3.25 39.48 -11.51
N SER A 104 4.29 38.65 -11.36
CA SER A 104 4.27 37.27 -11.84
C SER A 104 4.32 36.34 -10.64
N ALA A 105 3.97 35.08 -10.89
CA ALA A 105 4.12 34.00 -9.94
C ALA A 105 4.75 32.82 -10.67
N SER A 106 5.92 33.05 -11.25
CA SER A 106 6.66 32.03 -11.98
C SER A 106 7.89 31.52 -11.25
N HIS A 107 8.16 32.06 -10.05
CA HIS A 107 9.39 31.75 -9.32
C HIS A 107 9.22 31.83 -7.80
N ASP A 108 10.11 31.15 -7.09
CA ASP A 108 10.13 31.13 -5.61
C ASP A 108 10.98 32.24 -5.00
N GLY A 109 11.42 33.19 -5.82
CA GLY A 109 12.13 34.38 -5.37
C GLY A 109 11.32 35.41 -4.60
N ILE A 110 10.00 35.41 -4.80
CA ILE A 110 9.12 36.48 -4.27
C ILE A 110 9.46 36.91 -2.86
N ALA A 111 9.51 35.97 -1.92
CA ALA A 111 9.76 36.25 -0.52
C ALA A 111 11.13 35.76 -0.10
N SER A 112 11.94 35.33 -1.06
CA SER A 112 13.28 34.87 -0.75
C SER A 112 14.18 36.08 -0.46
N PRO A 113 14.96 36.02 0.63
CA PRO A 113 16.01 37.03 0.90
C PRO A 113 17.11 37.09 -0.17
N TYR A 114 17.35 35.98 -0.86
CA TYR A 114 18.51 35.79 -1.72
C TYR A 114 18.24 36.08 -3.19
N VAL A 115 19.23 36.62 -3.88
CA VAL A 115 19.08 36.83 -5.31
C VAL A 115 19.17 35.48 -5.99
N SER A 116 18.66 35.42 -7.20
CA SER A 116 18.61 34.19 -7.95
C SER A 116 20.01 33.77 -8.40
N PHE A 117 20.14 32.55 -8.89
CA PHE A 117 21.42 32.05 -9.39
C PHE A 117 21.84 32.89 -10.60
N SER A 118 23.13 33.20 -10.65
CA SER A 118 23.71 33.88 -11.77
C SER A 118 25.06 33.23 -12.10
N LEU A 119 25.23 32.85 -13.36
CA LEU A 119 26.49 32.28 -13.81
C LEU A 119 27.58 33.34 -13.77
N THR A 120 27.26 34.55 -14.20
CA THR A 120 28.22 35.65 -14.19
C THR A 120 28.51 36.17 -12.80
N GLN A 121 27.69 35.81 -11.81
CA GLN A 121 27.84 36.34 -10.44
C GLN A 121 27.59 37.86 -10.42
N ARG A 122 26.55 38.30 -11.12
CA ARG A 122 26.19 39.72 -11.18
C ARG A 122 26.53 40.48 -9.89
N PHE A 123 26.14 39.92 -8.73
CA PHE A 123 26.11 40.71 -7.49
C PHE A 123 27.05 40.27 -6.39
N SER A 124 28.07 39.49 -6.72
CA SER A 124 28.93 38.89 -5.69
C SER A 124 29.77 39.94 -4.97
N LYS A 125 30.04 41.03 -5.68
CA LYS A 125 30.82 42.14 -5.13
C LYS A 125 30.18 42.74 -3.86
N TYR A 126 28.86 42.63 -3.74
CA TYR A 126 28.12 43.21 -2.62
C TYR A 126 27.99 42.29 -1.41
N GLY A 127 28.52 41.08 -1.51
CA GLY A 127 28.60 40.20 -0.35
C GLY A 127 27.44 39.24 -0.29
N LYS A 128 27.19 38.72 0.90
CA LYS A 128 26.20 37.65 1.09
C LYS A 128 24.81 38.26 1.22
N ILE A 129 24.19 38.52 0.07
CA ILE A 129 22.94 39.27 0.00
C ILE A 129 21.76 38.56 0.69
N SER A 130 21.17 39.23 1.67
CA SER A 130 20.06 38.69 2.46
C SER A 130 19.06 39.79 2.84
N SER A 131 18.03 39.93 2.02
CA SER A 131 17.01 40.95 2.22
C SER A 131 15.61 40.36 2.18
N SER A 132 15.15 39.90 3.33
CA SER A 132 13.80 39.40 3.40
C SER A 132 12.89 40.61 3.35
N PRO A 133 11.99 40.67 2.36
CA PRO A 133 11.13 41.86 2.31
C PRO A 133 10.34 42.01 3.60
N VAL A 134 10.15 43.24 4.05
CA VAL A 134 9.35 43.49 5.26
C VAL A 134 7.87 43.25 5.02
N ALA A 135 7.46 43.34 3.76
CA ALA A 135 6.07 43.10 3.42
C ALA A 135 5.90 42.76 1.94
N ILE A 136 4.84 42.01 1.63
CA ILE A 136 4.58 41.61 0.26
C ILE A 136 3.21 42.12 -0.14
N ILE A 137 3.12 42.63 -1.36
CA ILE A 137 1.88 43.13 -1.91
C ILE A 137 1.55 42.27 -3.10
N ALA A 138 0.67 41.29 -2.91
CA ALA A 138 0.37 40.31 -3.95
C ALA A 138 -1.04 40.55 -4.49
N ASP A 139 -1.12 41.34 -5.55
CA ASP A 139 -2.39 41.63 -6.19
C ASP A 139 -2.68 40.49 -7.15
N THR A 140 -3.62 39.64 -6.76
CA THR A 140 -3.97 38.46 -7.55
C THR A 140 -4.60 38.79 -8.91
N SER A 141 -5.16 39.99 -9.07
CA SER A 141 -5.74 40.39 -10.34
C SER A 141 -4.67 40.53 -11.40
N ILE A 142 -3.64 41.29 -11.06
CA ILE A 142 -2.50 41.50 -11.95
C ILE A 142 -1.79 40.19 -12.22
N ILE A 143 -1.70 39.37 -11.19
CA ILE A 143 -1.04 38.08 -11.30
C ILE A 143 -1.85 37.11 -12.16
N LEU A 144 -3.16 37.05 -11.94
CA LEU A 144 -4.05 36.21 -12.77
C LEU A 144 -4.04 36.72 -14.20
N SER A 145 -3.77 38.01 -14.35
CA SER A 145 -3.62 38.64 -15.66
C SER A 145 -2.39 38.17 -16.45
N ALA A 146 -1.53 37.35 -15.86
CA ALA A 146 -0.37 36.83 -16.58
C ALA A 146 -0.79 35.75 -17.57
N PRO A 147 0.01 35.55 -18.64
CA PRO A 147 -0.23 34.45 -19.58
C PRO A 147 -0.44 33.11 -18.87
N SER A 148 -1.45 32.36 -19.30
CA SER A 148 -1.83 31.08 -18.68
C SER A 148 -0.64 30.11 -18.64
N ARG A 149 0.16 30.12 -19.71
CA ARG A 149 1.36 29.29 -19.82
C ARG A 149 2.34 29.46 -18.65
N LEU A 150 2.57 30.72 -18.24
CA LEU A 150 3.58 31.04 -17.22
C LEU A 150 3.12 30.81 -15.77
N LEU A 151 1.81 30.83 -15.55
CA LEU A 151 1.27 30.52 -14.23
C LEU A 151 1.42 29.02 -13.97
N LYS A 152 1.19 28.23 -15.00
CA LYS A 152 1.42 26.79 -14.95
C LYS A 152 2.87 26.45 -14.60
N ALA A 153 3.81 27.20 -15.17
CA ALA A 153 5.23 27.02 -14.86
C ALA A 153 5.52 27.23 -13.37
N GLY A 154 4.91 28.26 -12.78
CA GLY A 154 5.03 28.51 -11.35
C GLY A 154 4.80 27.26 -10.52
N ILE A 155 3.85 26.44 -10.94
CA ILE A 155 3.59 25.18 -10.23
C ILE A 155 4.75 24.22 -10.47
N GLY A 156 5.18 24.13 -11.72
CA GLY A 156 6.36 23.32 -12.06
C GLY A 156 7.50 23.59 -11.10
N ASP A 157 7.73 24.86 -10.82
CA ASP A 157 8.78 25.28 -9.91
C ASP A 157 8.60 24.62 -8.56
N LEU A 158 7.37 24.58 -8.08
CA LEU A 158 7.06 23.93 -6.80
C LEU A 158 7.32 22.41 -6.81
N LEU A 159 7.17 21.77 -7.97
CA LEU A 159 7.40 20.32 -8.10
C LEU A 159 8.85 19.93 -7.81
N GLY A 160 9.79 20.85 -8.07
CA GLY A 160 11.21 20.61 -7.85
C GLY A 160 11.64 20.39 -6.40
N LYS A 161 10.81 20.82 -5.46
CA LYS A 161 11.16 20.86 -4.03
C LYS A 161 11.37 19.49 -3.40
N ILE A 162 10.74 18.48 -3.99
CA ILE A 162 10.94 17.09 -3.54
C ILE A 162 12.36 16.60 -3.79
N ILE A 163 12.98 17.12 -4.84
CA ILE A 163 14.36 16.77 -5.18
C ILE A 163 15.37 17.64 -4.41
N ALA A 164 15.07 18.93 -4.32
CA ALA A 164 15.97 19.84 -3.65
C ALA A 164 16.23 19.38 -2.22
N VAL A 165 15.19 18.93 -1.54
CA VAL A 165 15.28 18.52 -0.15
C VAL A 165 16.11 17.24 -0.02
N ARG A 166 15.89 16.30 -0.93
CA ARG A 166 16.68 15.07 -0.95
C ARG A 166 18.14 15.36 -1.26
N ASP A 167 18.38 16.28 -2.20
CA ASP A 167 19.75 16.71 -2.51
C ASP A 167 20.43 17.34 -1.30
N TRP A 168 19.69 18.21 -0.62
CA TRP A 168 20.14 18.88 0.59
C TRP A 168 20.50 17.89 1.69
N GLN A 169 19.58 16.97 1.96
CA GLN A 169 19.78 15.93 2.97
C GLN A 169 21.04 15.14 2.65
N LEU A 170 21.17 14.76 1.40
CA LEU A 170 22.36 14.06 0.92
C LEU A 170 23.64 14.91 1.15
N ALA A 171 23.56 16.22 0.91
CA ALA A 171 24.72 17.09 1.11
C ALA A 171 25.04 17.23 2.62
N HIS A 172 24.02 17.36 3.44
CA HIS A 172 24.23 17.44 4.88
C HIS A 172 24.93 16.19 5.39
N ARG A 173 24.47 15.04 4.92
CA ARG A 173 24.95 13.75 5.39
C ARG A 173 26.35 13.41 4.92
N LEU A 174 26.64 13.69 3.65
CA LEU A 174 27.94 13.36 3.09
C LEU A 174 28.98 14.49 3.25
N LYS A 175 28.54 15.75 3.17
CA LYS A 175 29.47 16.90 3.15
C LYS A 175 29.38 17.81 4.37
N GLY A 176 28.52 17.49 5.32
CA GLY A 176 28.32 18.35 6.47
C GLY A 176 27.74 19.72 6.18
N GLU A 177 27.08 19.91 5.04
CA GLU A 177 26.42 21.19 4.76
C GLU A 177 25.35 21.43 5.80
N GLU A 178 25.17 22.70 6.17
CA GLU A 178 24.23 23.04 7.21
C GLU A 178 22.82 22.71 6.74
N TYR A 179 22.05 22.12 7.65
CA TYR A 179 20.73 21.59 7.34
C TYR A 179 19.73 22.06 8.38
N SER A 180 18.48 22.22 7.97
CA SER A 180 17.40 22.60 8.88
C SER A 180 16.20 21.74 8.57
N GLU A 181 15.88 20.82 9.47
CA GLU A 181 14.70 19.96 9.31
C GLU A 181 13.45 20.81 9.03
N TYR A 182 13.25 21.88 9.81
CA TYR A 182 12.04 22.67 9.62
C TYR A 182 11.97 23.33 8.26
N ALA A 183 13.11 23.80 7.76
CA ALA A 183 13.16 24.43 6.43
C ALA A 183 12.78 23.43 5.33
N ALA A 184 13.33 22.22 5.45
CA ALA A 184 12.98 21.10 4.57
C ALA A 184 11.47 20.81 4.58
N HIS A 185 10.86 20.82 5.76
CA HIS A 185 9.43 20.55 5.90
C HIS A 185 8.56 21.67 5.31
N LEU A 186 8.93 22.92 5.58
CA LEU A 186 8.19 24.05 5.01
C LEU A 186 8.22 24.04 3.48
N SER A 187 9.39 23.67 2.94
CA SER A 187 9.58 23.51 1.53
C SER A 187 8.65 22.46 0.99
N LEU A 188 8.61 21.31 1.66
CA LEU A 188 7.73 20.21 1.25
C LEU A 188 6.27 20.56 1.50
N THR A 189 5.98 21.32 2.55
CA THR A 189 4.62 21.80 2.72
C THR A 189 4.12 22.35 1.40
N SER A 190 4.93 23.18 0.74
CA SER A 190 4.51 23.85 -0.50
C SER A 190 4.48 22.89 -1.68
N TYR A 191 5.38 21.91 -1.69
CA TYR A 191 5.31 20.83 -2.68
C TYR A 191 3.98 20.06 -2.57
N LYS A 192 3.58 19.71 -1.36
CA LYS A 192 2.34 18.95 -1.14
C LYS A 192 1.10 19.75 -1.53
N ILE A 193 1.14 21.05 -1.29
CA ILE A 193 0.10 21.93 -1.79
C ILE A 193 0.05 21.94 -3.31
N ALA A 194 1.20 21.87 -3.97
CA ALA A 194 1.21 21.86 -5.42
C ALA A 194 0.47 20.63 -5.94
N VAL A 195 0.82 19.45 -5.43
CA VAL A 195 0.17 18.20 -5.86
C VAL A 195 -1.26 18.11 -5.34
N GLY A 196 -1.46 18.52 -4.09
CA GLY A 196 -2.79 18.57 -3.46
C GLY A 196 -3.85 19.34 -4.23
N ASN A 197 -3.44 20.43 -4.87
CA ASN A 197 -4.34 21.31 -5.61
C ASN A 197 -3.98 21.40 -7.07
N ALA A 198 -3.18 20.46 -7.57
CA ALA A 198 -2.72 20.50 -8.95
C ALA A 198 -3.93 20.47 -9.89
N GLN A 199 -4.67 19.38 -9.79
CA GLN A 199 -5.82 19.07 -10.64
C GLN A 199 -6.75 20.26 -10.84
N LYS A 200 -7.07 20.96 -9.78
CA LYS A 200 -8.10 22.00 -9.85
C LYS A 200 -7.57 23.36 -10.28
N ILE A 201 -6.52 23.84 -9.62
CA ILE A 201 -6.06 25.23 -9.83
C ILE A 201 -5.37 25.45 -11.18
N LYS A 202 -4.87 24.37 -11.76
CA LYS A 202 -4.09 24.44 -13.01
C LYS A 202 -4.70 25.28 -14.17
N ASN A 203 -6.01 25.49 -14.16
CA ASN A 203 -6.66 26.30 -15.20
C ASN A 203 -6.51 27.80 -14.99
N PHE A 204 -6.55 28.23 -13.73
CA PHE A 204 -6.39 29.64 -13.35
C PHE A 204 -7.49 30.54 -13.90
N ILE A 205 -8.70 30.01 -13.99
CA ILE A 205 -9.87 30.84 -14.26
C ILE A 205 -10.14 31.70 -13.02
N ARG A 206 -9.99 31.10 -11.85
CA ARG A 206 -10.34 31.73 -10.59
C ARG A 206 -9.18 32.52 -10.01
N GLU A 207 -9.47 33.78 -9.65
CA GLU A 207 -8.60 34.58 -8.79
C GLU A 207 -8.21 33.86 -7.47
N GLU A 208 -8.97 32.85 -7.07
CA GLU A 208 -8.64 32.03 -5.88
C GLU A 208 -7.68 30.85 -6.15
N ASP A 209 -7.51 30.49 -7.43
CA ASP A 209 -6.52 29.48 -7.82
C ASP A 209 -5.11 29.98 -7.60
N VAL A 210 -4.88 31.20 -8.08
CA VAL A 210 -3.61 31.91 -7.95
C VAL A 210 -3.25 32.19 -6.49
N ARG A 211 -4.23 32.49 -5.65
CA ARG A 211 -3.97 32.76 -4.24
CA ARG A 211 -3.94 32.77 -4.24
C ARG A 211 -3.19 31.60 -3.62
N VAL A 212 -3.58 30.38 -3.97
CA VAL A 212 -2.96 29.16 -3.44
C VAL A 212 -1.53 29.04 -3.95
N LEU A 213 -1.35 29.18 -5.26
CA LEU A 213 -0.01 29.18 -5.88
C LEU A 213 0.99 30.14 -5.20
N VAL A 214 0.60 31.42 -5.09
CA VAL A 214 1.51 32.47 -4.63
C VAL A 214 1.91 32.24 -3.18
N LYS A 215 0.95 31.85 -2.35
CA LYS A 215 1.25 31.52 -0.95
C LYS A 215 2.20 30.34 -0.82
N ALA A 216 2.08 29.37 -1.74
CA ALA A 216 3.06 28.29 -1.82
C ALA A 216 4.46 28.85 -2.15
N LEU A 217 4.54 29.67 -3.20
CA LEU A 217 5.82 30.26 -3.60
C LEU A 217 6.42 31.11 -2.48
N ILE A 218 5.56 31.85 -1.79
CA ILE A 218 6.04 32.67 -0.68
C ILE A 218 6.67 31.84 0.42
N GLY A 219 6.02 30.73 0.75
CA GLY A 219 6.47 29.90 1.85
C GLY A 219 7.79 29.23 1.54
N CYS A 220 8.06 29.00 0.26
CA CYS A 220 9.35 28.52 -0.16
C CYS A 220 10.40 29.60 0.15
N GLY A 221 10.10 30.83 -0.26
CA GLY A 221 10.93 31.97 0.11
C GLY A 221 11.37 31.95 1.56
N VAL A 222 10.39 31.90 2.46
CA VAL A 222 10.64 31.90 3.90
C VAL A 222 11.48 30.70 4.27
N ALA A 223 11.22 29.58 3.60
CA ALA A 223 11.98 28.37 3.86
C ALA A 223 13.46 28.60 3.63
N MET A 224 13.82 29.34 2.58
CA MET A 224 15.22 29.56 2.22
C MET A 224 15.86 30.42 3.28
N GLY A 225 15.12 31.45 3.70
CA GLY A 225 15.50 32.28 4.84
C GLY A 225 15.84 31.46 6.07
N ILE A 226 15.04 30.45 6.38
CA ILE A 226 15.32 29.64 7.55
C ILE A 226 16.57 28.80 7.34
N ALA A 227 16.73 28.27 6.13
CA ALA A 227 17.90 27.43 5.83
C ALA A 227 19.16 28.25 5.73
N GLY A 228 19.04 29.54 5.46
CA GLY A 228 20.21 30.36 5.28
C GLY A 228 20.68 30.33 3.84
N SER A 229 19.94 29.63 2.96
CA SER A 229 20.25 29.67 1.53
C SER A 229 19.08 29.07 0.78
N SER A 230 19.22 28.98 -0.55
CA SER A 230 18.17 28.44 -1.40
C SER A 230 18.22 26.92 -1.55
N ARG A 231 19.14 26.24 -0.83
CA ARG A 231 19.25 24.77 -0.90
C ARG A 231 17.90 24.01 -0.84
N PRO A 232 17.00 24.38 0.11
CA PRO A 232 15.78 23.59 0.24
C PRO A 232 14.75 23.78 -0.88
N CYS A 233 14.92 24.79 -1.72
CA CYS A 233 14.03 24.98 -2.88
C CYS A 233 14.73 24.89 -4.25
N SER A 234 16.01 24.52 -4.26
CA SER A 234 16.75 24.39 -5.52
C SER A 234 17.87 23.38 -5.36
N GLY A 235 17.84 22.35 -6.19
CA GLY A 235 18.89 21.35 -6.19
C GLY A 235 19.13 20.94 -7.62
N SER A 236 19.35 19.66 -7.84
CA SER A 236 19.79 19.16 -9.14
C SER A 236 18.79 19.49 -10.25
N GLU A 237 17.52 19.53 -9.92
CA GLU A 237 16.48 19.86 -10.90
C GLU A 237 16.63 21.30 -11.39
N HIS A 238 17.04 22.20 -10.50
CA HIS A 238 17.28 23.58 -10.89
C HIS A 238 18.59 23.73 -11.64
N LEU A 239 19.55 22.88 -11.31
CA LEU A 239 20.78 22.86 -12.06
C LEU A 239 20.48 22.50 -13.52
N PHE A 240 19.61 21.53 -13.73
CA PHE A 240 19.23 21.23 -15.09
C PHE A 240 18.64 22.45 -15.77
N ALA A 241 17.70 23.11 -15.09
CA ALA A 241 17.09 24.32 -15.61
C ALA A 241 18.12 25.40 -15.93
N HIS A 242 18.99 25.68 -14.97
CA HIS A 242 20.01 26.74 -15.13
C HIS A 242 20.96 26.39 -16.28
N ALA A 243 21.44 25.16 -16.32
CA ALA A 243 22.35 24.74 -17.40
C ALA A 243 21.72 24.83 -18.80
N ILE A 244 20.39 24.68 -18.89
CA ILE A 244 19.70 24.90 -20.15
C ILE A 244 19.61 26.39 -20.43
N GLU A 245 19.26 27.18 -19.41
CA GLU A 245 19.10 28.64 -19.58
C GLU A 245 20.40 29.30 -20.04
N VAL A 246 21.52 28.74 -19.60
CA VAL A 246 22.84 29.28 -19.95
C VAL A 246 23.21 29.04 -21.40
N ARG A 247 22.64 28.01 -22.03
CA ARG A 247 23.05 27.60 -23.37
C ARG A 247 22.07 27.97 -24.47
N VAL A 248 20.92 28.53 -24.12
CA VAL A 248 19.92 28.92 -25.12
C VAL A 248 20.19 30.34 -25.62
N GLU A 249 19.90 30.63 -26.87
CA GLU A 249 20.11 31.98 -27.37
C GLU A 249 19.21 33.05 -26.74
N LYS A 250 17.94 32.72 -26.51
CA LYS A 250 16.95 33.64 -25.95
C LYS A 250 16.13 32.99 -24.83
N GLU A 251 16.15 33.62 -23.67
CA GLU A 251 15.39 33.11 -22.54
C GLU A 251 13.95 32.83 -22.98
N ASP A 252 13.36 33.71 -23.80
CA ASP A 252 12.00 33.45 -24.26
C ASP A 252 11.91 32.04 -24.85
N GLU A 253 12.93 31.61 -25.58
CA GLU A 253 12.90 30.34 -26.14
C GLU A 253 12.43 29.30 -25.18
N VAL A 254 12.62 29.47 -23.88
CA VAL A 254 12.17 28.44 -22.99
C VAL A 254 11.77 29.08 -21.71
N VAL A 255 10.93 28.43 -20.93
CA VAL A 255 10.51 29.03 -19.67
C VAL A 255 11.05 28.22 -18.50
N HIS A 256 11.18 28.89 -17.37
CA HIS A 256 11.90 28.35 -16.23
C HIS A 256 11.20 27.18 -15.53
N GLY A 257 9.92 27.32 -15.24
CA GLY A 257 9.21 26.30 -14.46
C GLY A 257 9.08 24.96 -15.17
N GLU A 258 8.95 25.03 -16.50
CA GLU A 258 8.82 23.84 -17.33
C GLU A 258 10.10 23.05 -17.27
N LEU A 259 11.22 23.77 -17.29
CA LEU A 259 12.53 23.15 -17.17
C LEU A 259 12.74 22.48 -15.81
N VAL A 260 12.25 23.12 -14.75
CA VAL A 260 12.37 22.55 -13.39
C VAL A 260 11.59 21.25 -13.32
N ALA A 261 10.40 21.25 -13.93
CA ALA A 261 9.53 20.10 -13.93
C ALA A 261 10.17 18.97 -14.70
N LEU A 262 10.72 19.28 -15.86
CA LEU A 262 11.46 18.28 -16.62
C LEU A 262 12.67 17.80 -15.83
N GLY A 263 13.46 18.74 -15.35
CA GLY A 263 14.57 18.41 -14.47
C GLY A 263 14.16 17.46 -13.37
N THR A 264 13.03 17.76 -12.74
CA THR A 264 12.52 16.99 -11.61
C THR A 264 12.28 15.52 -11.96
N ILE A 265 11.74 15.28 -13.15
CA ILE A 265 11.50 13.92 -13.61
C ILE A 265 12.81 13.12 -13.68
N ILE A 266 13.79 13.70 -14.36
CA ILE A 266 15.13 13.11 -14.51
C ILE A 266 15.78 12.87 -13.15
N MET A 267 15.81 13.90 -12.31
CA MET A 267 16.46 13.78 -11.01
C MET A 267 15.74 12.77 -10.10
N ALA A 268 14.42 12.67 -10.21
CA ALA A 268 13.70 11.62 -9.47
C ALA A 268 14.21 10.24 -9.90
N TYR A 269 14.24 10.00 -11.20
CA TYR A 269 14.78 8.76 -11.70
C TYR A 269 16.17 8.49 -11.11
N LEU A 270 17.03 9.51 -11.08
CA LEU A 270 18.40 9.32 -10.59
C LEU A 270 18.43 9.02 -9.10
N HIS A 271 17.55 9.68 -8.36
CA HIS A 271 17.38 9.43 -6.94
C HIS A 271 16.76 8.05 -6.64
N GLY A 272 16.09 7.46 -7.63
CA GLY A 272 15.52 6.13 -7.46
C GLY A 272 14.18 6.18 -6.78
N ILE A 273 13.48 7.31 -6.96
CA ILE A 273 12.12 7.49 -6.46
C ILE A 273 11.14 7.58 -7.62
N ASN A 274 9.86 7.72 -7.27
CA ASN A 274 8.78 7.62 -8.23
C ASN A 274 8.68 8.84 -9.14
N TRP A 275 9.37 8.78 -10.26
CA TRP A 275 9.24 9.81 -11.27
C TRP A 275 7.92 9.76 -12.05
N ARG A 276 7.28 8.59 -12.12
CA ARG A 276 5.99 8.45 -12.84
C ARG A 276 4.88 9.30 -12.20
N ARG A 277 4.77 9.22 -10.89
CA ARG A 277 3.83 10.03 -10.11
C ARG A 277 3.98 11.53 -10.44
N ILE A 278 5.23 11.96 -10.64
CA ILE A 278 5.53 13.38 -10.88
C ILE A 278 5.22 13.76 -12.30
N LYS A 279 5.51 12.87 -13.24
CA LYS A 279 5.17 13.06 -14.64
C LYS A 279 3.65 13.14 -14.84
N ARG A 280 2.90 12.29 -14.13
CA ARG A 280 1.43 12.29 -14.20
C ARG A 280 0.85 13.64 -13.77
N ILE A 281 1.32 14.12 -12.63
CA ILE A 281 0.91 15.42 -12.10
C ILE A 281 1.31 16.56 -13.03
N ALA A 282 2.48 16.46 -13.66
CA ALA A 282 2.94 17.47 -14.62
C ALA A 282 2.04 17.52 -15.87
N ASP A 283 1.62 16.36 -16.37
CA ASP A 283 0.66 16.33 -17.49
C ASP A 283 -0.68 16.96 -17.11
N ILE A 284 -1.22 16.59 -15.95
CA ILE A 284 -2.48 17.15 -15.46
C ILE A 284 -2.42 18.68 -15.40
N ILE A 285 -1.29 19.21 -14.93
CA ILE A 285 -1.08 20.67 -14.86
C ILE A 285 -1.08 21.27 -16.26
N GLY A 286 -0.60 20.51 -17.24
CA GLY A 286 -0.46 20.99 -18.61
C GLY A 286 0.96 21.43 -18.93
N LEU A 287 1.92 20.92 -18.16
CA LEU A 287 3.32 21.24 -18.39
C LEU A 287 3.95 20.24 -19.36
N PRO A 288 4.92 20.68 -20.16
CA PRO A 288 5.56 19.74 -21.07
C PRO A 288 6.23 18.57 -20.34
N THR A 289 6.11 17.38 -20.92
CA THR A 289 6.69 16.16 -20.34
C THR A 289 7.62 15.44 -21.32
N SER A 290 8.08 16.13 -22.35
CA SER A 290 9.08 15.58 -23.27
C SER A 290 9.90 16.74 -23.81
N LEU A 291 11.10 16.44 -24.29
CA LEU A 291 11.98 17.50 -24.80
C LEU A 291 11.42 18.07 -26.10
N ARG A 292 10.86 17.20 -26.93
CA ARG A 292 10.11 17.59 -28.13
C ARG A 292 9.00 18.59 -27.77
N GLN A 293 8.15 18.23 -26.81
CA GLN A 293 7.05 19.09 -26.31
C GLN A 293 7.52 20.42 -25.74
N ALA A 294 8.77 20.48 -25.32
CA ALA A 294 9.37 21.69 -24.78
C ALA A 294 10.27 22.34 -25.80
N ASN A 295 10.31 21.78 -26.98
CA ASN A 295 11.14 22.32 -28.03
C ASN A 295 12.59 22.43 -27.59
N ILE A 296 13.16 21.34 -27.13
CA ILE A 296 14.52 21.35 -26.71
C ILE A 296 15.39 20.33 -27.40
N ASP A 297 16.41 20.80 -28.10
CA ASP A 297 17.40 19.97 -28.74
C ASP A 297 17.90 18.95 -27.73
N VAL A 298 18.12 17.71 -28.17
CA VAL A 298 18.57 16.63 -27.28
C VAL A 298 20.05 16.78 -26.90
N ASP A 299 20.86 17.26 -27.86
CA ASP A 299 22.28 17.49 -27.60
C ASP A 299 22.43 18.59 -26.55
N LEU A 300 21.59 19.61 -26.66
CA LEU A 300 21.56 20.66 -25.65
C LEU A 300 21.33 20.05 -24.27
N ALA A 301 20.31 19.20 -24.18
CA ALA A 301 19.91 18.62 -22.91
C ALA A 301 20.99 17.71 -22.38
N LEU A 302 21.65 16.99 -23.26
CA LEU A 302 22.74 16.13 -22.83
C LEU A 302 23.91 16.98 -22.30
N GLU A 303 24.18 18.09 -22.97
CA GLU A 303 25.27 18.96 -22.56
C GLU A 303 24.97 19.56 -21.18
N ALA A 304 23.75 20.08 -21.00
CA ALA A 304 23.32 20.62 -19.73
C ALA A 304 23.48 19.60 -18.60
N LEU A 305 22.94 18.41 -18.82
CA LEU A 305 22.96 17.34 -17.84
C LEU A 305 24.39 16.96 -17.45
N THR A 306 25.26 16.80 -18.44
CA THR A 306 26.62 16.36 -18.14
C THR A 306 27.50 17.43 -17.47
N THR A 307 27.10 18.70 -17.52
CA THR A 307 27.93 19.80 -17.01
C THR A 307 27.38 20.46 -15.77
N ALA A 308 26.14 20.14 -15.42
CA ALA A 308 25.40 20.85 -14.39
C ALA A 308 26.03 20.75 -12.99
N HIS A 309 26.84 19.73 -12.77
CA HIS A 309 27.50 19.56 -11.49
C HIS A 309 28.58 20.60 -11.21
N THR A 310 28.98 21.36 -12.23
CA THR A 310 30.03 22.38 -12.11
C THR A 310 29.52 23.81 -11.94
N LEU A 311 28.23 24.04 -12.09
CA LEU A 311 27.64 25.37 -11.93
C LEU A 311 27.80 25.92 -10.52
N ARG A 312 27.47 25.10 -9.52
CA ARG A 312 27.58 25.50 -8.12
C ARG A 312 28.40 24.49 -7.31
N PRO A 313 29.74 24.53 -7.43
CA PRO A 313 30.62 23.50 -6.83
C PRO A 313 30.65 23.42 -5.30
N ASP A 314 30.10 24.41 -4.60
CA ASP A 314 29.96 24.33 -3.15
C ASP A 314 28.65 23.65 -2.71
N ARG A 315 27.82 23.27 -3.67
CA ARG A 315 26.58 22.57 -3.37
C ARG A 315 26.59 21.17 -3.97
N TYR A 316 26.46 20.17 -3.11
CA TYR A 316 26.46 18.79 -3.54
C TYR A 316 25.02 18.35 -3.85
N THR A 317 24.88 17.51 -4.87
CA THR A 317 23.58 16.93 -5.24
C THR A 317 23.76 15.48 -5.69
N ILE A 318 22.65 14.82 -6.01
CA ILE A 318 22.69 13.47 -6.57
C ILE A 318 23.63 13.39 -7.79
N LEU A 319 23.79 14.51 -8.51
CA LEU A 319 24.70 14.54 -9.67
C LEU A 319 26.13 14.27 -9.25
N GLY A 320 26.38 14.47 -7.95
CA GLY A 320 27.68 14.27 -7.34
C GLY A 320 28.82 14.77 -8.20
N ASP A 321 29.61 13.80 -8.61
CA ASP A 321 30.86 13.95 -9.26
C ASP A 321 30.64 14.19 -10.76
N GLY A 322 29.44 13.89 -11.25
CA GLY A 322 29.08 14.18 -12.62
C GLY A 322 28.27 13.09 -13.26
N LEU A 323 27.23 13.49 -13.98
CA LEU A 323 26.42 12.56 -14.78
C LEU A 323 27.15 12.28 -16.07
N SER A 324 27.42 11.00 -16.36
CA SER A 324 28.12 10.63 -17.61
C SER A 324 27.16 10.77 -18.78
N ARG A 325 27.70 10.90 -20.00
CA ARG A 325 26.88 11.17 -21.16
C ARG A 325 25.94 9.99 -21.47
N GLU A 326 26.49 8.78 -21.42
CA GLU A 326 25.71 7.54 -21.57
C GLU A 326 24.58 7.45 -20.52
N ALA A 327 24.90 7.76 -19.26
CA ALA A 327 23.92 7.73 -18.17
C ALA A 327 22.79 8.74 -18.36
N ALA A 328 23.15 9.91 -18.90
CA ALA A 328 22.19 10.98 -19.13
C ALA A 328 21.27 10.65 -20.30
N LYS A 329 21.79 9.97 -21.32
CA LYS A 329 20.95 9.46 -22.40
C LYS A 329 19.95 8.42 -21.89
N ARG A 330 20.45 7.50 -21.06
CA ARG A 330 19.61 6.43 -20.52
C ARG A 330 18.49 7.00 -19.68
N ALA A 331 18.81 7.95 -18.80
CA ALA A 331 17.79 8.62 -17.98
C ALA A 331 16.73 9.21 -18.90
N LEU A 332 17.15 9.93 -19.93
CA LEU A 332 16.21 10.53 -20.85
C LEU A 332 15.26 9.51 -21.52
N GLU A 333 15.81 8.36 -21.90
CA GLU A 333 15.00 7.28 -22.47
C GLU A 333 14.12 6.67 -21.38
N ASP A 334 14.73 6.21 -20.29
CA ASP A 334 14.00 5.49 -19.24
C ASP A 334 12.84 6.31 -18.66
N VAL A 335 12.93 7.64 -18.67
CA VAL A 335 11.82 8.49 -18.21
C VAL A 335 10.95 8.98 -19.37
N GLU A 336 11.17 8.41 -20.55
CA GLU A 336 10.44 8.78 -21.77
C GLU A 336 10.38 10.29 -22.05
N LEU A 337 11.47 11.01 -21.79
CA LEU A 337 11.61 12.41 -22.28
C LEU A 337 12.09 12.43 -23.73
N ILE A 338 12.77 11.37 -24.16
CA ILE A 338 13.09 11.16 -25.56
C ILE A 338 12.75 9.73 -26.01
N LYS B 3 -12.77 39.24 -0.02
CA LYS B 3 -12.11 40.38 -0.71
C LYS B 3 -10.63 40.48 -0.28
N VAL B 4 -10.03 41.66 -0.40
CA VAL B 4 -8.63 41.84 -0.05
C VAL B 4 -8.48 41.74 1.46
N GLU B 5 -7.48 40.98 1.91
CA GLU B 5 -7.11 40.98 3.32
C GLU B 5 -5.61 40.95 3.52
N ARG B 6 -5.18 41.45 4.67
CA ARG B 6 -3.78 41.46 5.05
C ARG B 6 -3.62 40.68 6.34
N PHE B 7 -2.51 39.96 6.45
CA PHE B 7 -2.15 39.34 7.73
C PHE B 7 -0.74 39.74 8.16
N GLU B 8 -0.42 39.39 9.40
CA GLU B 8 0.87 39.67 10.00
C GLU B 8 1.49 38.37 10.47
N VAL B 9 2.80 38.22 10.27
CA VAL B 9 3.54 37.19 10.98
C VAL B 9 4.80 37.79 11.60
N PRO B 10 5.33 37.16 12.67
CA PRO B 10 6.50 37.71 13.33
C PRO B 10 7.65 38.04 12.37
N ARG B 11 8.20 39.25 12.46
CA ARG B 11 9.27 39.69 11.58
C ARG B 11 10.54 38.90 11.82
N THR B 12 10.94 38.79 13.08
CA THR B 12 12.22 38.22 13.45
C THR B 12 12.03 37.08 14.43
N ILE B 13 12.76 35.99 14.23
CA ILE B 13 12.71 34.88 15.17
C ILE B 13 14.12 34.46 15.49
N ILE B 14 14.46 34.52 16.78
CA ILE B 14 15.75 34.13 17.28
C ILE B 14 15.53 32.87 18.13
N PHE B 15 16.29 31.83 17.82
CA PHE B 15 15.97 30.47 18.22
C PHE B 15 17.20 29.62 18.54
N GLY B 16 17.33 29.18 19.81
CA GLY B 16 18.43 28.28 20.21
C GLY B 16 18.98 28.54 21.61
N PRO B 17 20.02 27.79 22.00
CA PRO B 17 20.70 27.93 23.30
C PRO B 17 21.19 29.36 23.59
N GLY B 18 20.62 30.00 24.60
CA GLY B 18 21.05 31.34 24.98
C GLY B 18 20.47 32.46 24.14
N ALA B 19 19.45 32.13 23.35
CA ALA B 19 18.83 33.09 22.43
C ALA B 19 18.34 34.34 23.16
N LEU B 20 18.17 34.23 24.47
CA LEU B 20 17.72 35.33 25.33
C LEU B 20 18.68 36.54 25.41
N GLU B 21 19.96 36.33 25.11
CA GLU B 21 20.93 37.43 25.07
C GLU B 21 20.82 38.33 23.84
N LYS B 22 20.24 37.82 22.75
CA LYS B 22 20.06 38.60 21.54
C LYS B 22 18.81 39.51 21.58
N THR B 23 18.12 39.58 22.72
CA THR B 23 16.90 40.39 22.86
C THR B 23 17.05 41.87 22.48
N PRO B 24 18.21 42.48 22.79
CA PRO B 24 18.40 43.88 22.37
C PRO B 24 18.43 44.06 20.84
N GLU B 25 18.79 43.01 20.12
CA GLU B 25 18.79 43.04 18.65
C GLU B 25 17.45 43.44 18.05
N VAL B 26 16.34 43.02 18.66
CA VAL B 26 15.03 43.10 18.02
C VAL B 26 14.21 44.33 18.40
N ILE B 27 14.61 45.00 19.48
CA ILE B 27 13.86 46.15 19.99
C ILE B 27 14.55 47.47 19.63
N PRO B 28 13.78 48.55 19.42
CA PRO B 28 14.38 49.86 19.16
C PRO B 28 15.25 50.39 20.30
N VAL B 33 9.76 51.14 28.65
CA VAL B 33 9.32 49.82 28.25
C VAL B 33 8.56 49.09 29.36
N LEU B 34 7.44 48.47 28.99
CA LEU B 34 6.72 47.58 29.89
C LEU B 34 7.14 46.14 29.59
N ILE B 35 7.42 45.37 30.65
CA ILE B 35 7.78 43.97 30.54
C ILE B 35 6.91 43.14 31.48
N ILE B 36 5.89 42.50 30.90
CA ILE B 36 4.93 41.70 31.65
C ILE B 36 5.33 40.26 31.93
N THR B 37 5.52 39.95 33.20
CA THR B 37 5.92 38.63 33.66
C THR B 37 4.84 38.02 34.51
N GLY B 38 5.26 37.09 35.35
CA GLY B 38 4.39 36.41 36.27
C GLY B 38 4.75 36.67 37.71
N LYS B 39 4.31 35.77 38.58
CA LYS B 39 4.55 35.84 40.02
C LYS B 39 5.11 34.48 40.46
N SER B 40 6.06 33.97 39.68
CA SER B 40 6.56 32.60 39.80
C SER B 40 8.09 32.56 39.61
N SER B 41 8.62 31.38 39.28
CA SER B 41 10.02 31.25 38.88
C SER B 41 10.36 32.05 37.61
N THR B 42 9.32 32.41 36.83
CA THR B 42 9.46 33.23 35.61
C THR B 42 10.00 34.65 35.81
N ARG B 43 9.85 35.20 37.02
CA ARG B 43 10.35 36.55 37.33
C ARG B 43 11.88 36.61 37.16
N LYS B 44 12.54 35.47 37.35
CA LYS B 44 13.97 35.33 37.17
C LYS B 44 14.46 35.95 35.85
N TYR B 45 13.76 35.62 34.77
CA TYR B 45 14.18 35.99 33.41
C TYR B 45 13.70 37.39 33.02
N ALA B 46 12.52 37.74 33.51
CA ALA B 46 12.05 39.13 33.46
C ALA B 46 13.13 40.10 33.94
N GLU B 47 13.92 39.68 34.93
CA GLU B 47 15.08 40.44 35.40
C GLU B 47 16.34 40.22 34.56
N ARG B 48 16.64 38.96 34.20
CA ARG B 48 17.85 38.64 33.40
C ARG B 48 17.99 39.44 32.10
N VAL B 49 16.94 40.16 31.69
CA VAL B 49 16.93 40.94 30.45
C VAL B 49 17.12 42.46 30.64
N ALA B 50 16.44 43.05 31.63
CA ALA B 50 16.41 44.52 31.79
C ALA B 50 17.80 45.13 32.00
N GLU B 51 18.76 44.31 32.43
CA GLU B 51 20.18 44.65 32.40
C GLU B 51 20.61 45.10 31.00
N LEU B 52 20.32 44.27 30.00
CA LEU B 52 20.87 44.43 28.66
C LEU B 52 20.08 45.42 27.79
N LEU B 53 19.12 46.12 28.39
CA LEU B 53 18.35 47.12 27.66
C LEU B 53 18.67 48.52 28.14
N LYS B 54 19.16 49.36 27.23
CA LYS B 54 19.43 50.78 27.48
C LYS B 54 18.22 51.50 28.08
N GLN B 55 17.03 51.20 27.57
CA GLN B 55 15.81 51.90 27.98
C GLN B 55 15.28 51.38 29.32
N ASN B 56 14.52 52.23 30.00
CA ASN B 56 13.91 51.93 31.29
C ASN B 56 12.88 50.82 31.12
N CYS B 57 12.79 49.97 32.14
CA CYS B 57 11.88 48.83 32.12
C CYS B 57 11.13 48.75 33.43
N GLU B 58 9.80 48.75 33.35
CA GLU B 58 8.98 48.49 34.51
C GLU B 58 8.56 47.02 34.38
N ILE B 59 9.20 46.15 35.17
CA ILE B 59 8.77 44.75 35.29
C ILE B 59 7.54 44.70 36.18
N ILE B 60 6.47 44.09 35.68
CA ILE B 60 5.17 44.11 36.36
C ILE B 60 4.32 42.91 35.93
N SER B 61 4.03 42.04 36.90
CA SER B 61 3.44 40.73 36.63
C SER B 61 1.93 40.83 36.35
N TYR B 62 1.40 39.83 35.62
CA TYR B 62 0.01 39.87 35.07
C TYR B 62 -1.10 40.22 36.06
N ASP B 63 -0.96 39.79 37.31
CA ASP B 63 -1.89 40.20 38.37
C ASP B 63 -1.87 41.73 38.57
N GLN B 64 -0.70 42.29 38.85
CA GLN B 64 -0.57 43.73 39.12
C GLN B 64 -0.59 44.61 37.86
N VAL B 65 -0.57 43.99 36.66
CA VAL B 65 -0.65 44.74 35.40
C VAL B 65 -1.97 45.51 35.30
N GLU B 66 -1.88 46.83 35.10
CA GLU B 66 -3.05 47.66 34.82
C GLU B 66 -2.98 48.03 33.34
N LEU B 67 -4.12 48.02 32.67
CA LEU B 67 -4.13 48.07 31.20
C LEU B 67 -4.89 49.27 30.59
N GLU B 68 -5.60 50.02 31.42
CA GLU B 68 -6.18 51.27 30.97
C GLU B 68 -5.01 52.22 30.73
N LYS B 69 -4.12 52.29 31.72
CA LYS B 69 -2.95 53.18 31.72
C LYS B 69 -1.98 53.01 30.54
N PRO B 70 -1.82 54.08 29.73
CA PRO B 70 -0.83 54.09 28.67
C PRO B 70 0.52 54.57 29.21
N GLY B 71 1.43 54.96 28.31
CA GLY B 71 2.73 55.51 28.71
C GLY B 71 3.88 54.52 28.63
N PHE B 72 3.87 53.66 27.62
CA PHE B 72 4.96 52.72 27.35
C PHE B 72 5.14 52.62 25.85
N ASP B 73 6.36 52.32 25.42
CA ASP B 73 6.71 52.33 24.00
C ASP B 73 6.66 50.92 23.37
N LEU B 74 6.71 49.89 24.23
CA LEU B 74 6.83 48.51 23.78
C LEU B 74 6.39 47.55 24.87
N VAL B 75 5.60 46.54 24.49
CA VAL B 75 5.14 45.51 25.42
C VAL B 75 5.93 44.25 25.14
N ILE B 76 6.53 43.69 26.18
CA ILE B 76 7.27 42.43 26.07
C ILE B 76 6.60 41.45 27.00
N GLY B 77 6.28 40.27 26.48
CA GLY B 77 5.69 39.20 27.28
C GLY B 77 6.74 38.15 27.53
N ILE B 78 7.18 38.01 28.78
CA ILE B 78 8.13 36.97 29.14
C ILE B 78 7.56 36.11 30.26
N GLY B 79 7.48 34.81 29.99
CA GLY B 79 6.91 33.87 30.95
C GLY B 79 6.02 32.88 30.24
N GLY B 80 5.00 32.40 30.96
CA GLY B 80 4.09 31.41 30.44
C GLY B 80 3.07 31.97 29.47
N GLY B 81 2.04 31.17 29.19
CA GLY B 81 1.02 31.55 28.20
C GLY B 81 0.22 32.79 28.58
N ARG B 82 0.12 33.04 29.89
CA ARG B 82 -0.74 34.11 30.42
C ARG B 82 -0.07 35.50 30.42
N PRO B 83 1.20 35.61 30.87
CA PRO B 83 1.89 36.89 30.66
C PRO B 83 1.96 37.29 29.20
N LEU B 84 2.14 36.28 28.34
CA LEU B 84 2.17 36.49 26.90
C LEU B 84 0.85 37.06 26.40
N ASP B 85 -0.25 36.47 26.86
CA ASP B 85 -1.57 36.88 26.39
C ASP B 85 -1.95 38.27 26.91
N MET B 86 -1.58 38.58 28.15
CA MET B 86 -1.79 39.92 28.72
C MET B 86 -1.08 40.99 27.91
N ALA B 87 0.15 40.70 27.51
CA ALA B 87 0.93 41.61 26.68
C ALA B 87 0.24 41.84 25.35
N LYS B 88 -0.30 40.76 24.77
CA LYS B 88 -1.07 40.85 23.53
C LYS B 88 -2.30 41.73 23.72
N VAL B 89 -3.01 41.51 24.82
CA VAL B 89 -4.14 42.36 25.19
C VAL B 89 -3.64 43.79 25.28
N TYR B 90 -2.71 44.04 26.21
CA TYR B 90 -2.16 45.37 26.41
C TYR B 90 -1.62 45.95 25.12
N SER B 91 -0.99 45.09 24.31
CA SER B 91 -0.48 45.50 23.01
C SER B 91 -1.61 45.91 22.06
N TYR B 92 -2.77 45.27 22.15
CA TYR B 92 -3.88 45.62 21.24
C TYR B 92 -4.57 46.95 21.58
N ILE B 93 -4.80 47.20 22.86
CA ILE B 93 -5.50 48.41 23.30
C ILE B 93 -4.79 49.69 22.82
N HIS B 94 -3.46 49.70 22.95
CA HIS B 94 -2.63 50.81 22.48
C HIS B 94 -1.90 50.35 21.23
N LYS B 95 -1.59 51.28 20.32
CA LYS B 95 -0.77 50.94 19.15
C LYS B 95 0.72 50.82 19.54
N LYS B 96 1.06 49.71 20.21
CA LYS B 96 2.41 49.47 20.72
C LYS B 96 2.88 48.06 20.36
N PRO B 97 4.15 47.92 19.90
CA PRO B 97 4.57 46.62 19.39
C PRO B 97 4.77 45.58 20.48
N PHE B 98 4.55 44.32 20.12
CA PHE B 98 4.64 43.20 21.04
C PHE B 98 5.81 42.29 20.65
N VAL B 99 6.63 41.96 21.64
CA VAL B 99 7.67 40.97 21.47
C VAL B 99 7.32 39.89 22.45
N ALA B 100 7.51 38.65 22.03
CA ALA B 100 7.12 37.50 22.82
C ALA B 100 8.37 36.74 23.20
N ILE B 101 8.60 36.61 24.50
CA ILE B 101 9.75 35.87 25.00
C ILE B 101 9.19 34.70 25.80
N PRO B 102 8.87 33.58 25.10
CA PRO B 102 8.34 32.41 25.80
C PRO B 102 9.39 31.72 26.64
N THR B 103 9.10 31.56 27.93
CA THR B 103 9.98 30.82 28.84
C THR B 103 9.42 29.42 29.08
N SER B 104 8.40 29.04 28.30
CA SER B 104 7.81 27.70 28.35
C SER B 104 7.06 27.39 27.05
N ALA B 105 6.85 26.11 26.77
CA ALA B 105 6.27 25.62 25.50
C ALA B 105 5.06 24.71 25.73
N SER B 106 4.04 25.24 26.38
CA SER B 106 2.81 24.49 26.65
C SER B 106 1.70 24.81 25.64
N HIS B 107 1.69 26.04 25.13
CA HIS B 107 0.57 26.57 24.38
C HIS B 107 0.87 26.78 22.89
N ASP B 108 -0.17 26.53 22.11
CA ASP B 108 -0.27 26.87 20.69
C ASP B 108 0.18 28.30 20.40
N GLY B 109 -0.20 29.23 21.27
CA GLY B 109 -0.05 30.66 21.00
C GLY B 109 1.15 31.39 21.59
N ILE B 110 2.29 30.71 21.70
CA ILE B 110 3.55 31.42 21.93
C ILE B 110 3.86 32.34 20.77
N ALA B 111 3.44 31.97 19.57
CA ALA B 111 3.71 32.74 18.37
C ALA B 111 2.43 33.26 17.71
N SER B 112 1.31 33.16 18.42
CA SER B 112 0.00 33.47 17.85
C SER B 112 -0.46 34.87 18.21
N PRO B 113 -1.14 35.56 17.27
CA PRO B 113 -1.63 36.91 17.53
C PRO B 113 -2.93 36.95 18.35
N TYR B 114 -3.47 35.77 18.66
CA TYR B 114 -4.75 35.68 19.39
C TYR B 114 -4.56 35.19 20.82
N VAL B 115 -5.38 35.75 21.71
CA VAL B 115 -5.40 35.39 23.12
C VAL B 115 -6.29 34.16 23.33
N SER B 116 -5.99 33.38 24.36
CA SER B 116 -6.81 32.23 24.73
C SER B 116 -8.31 32.58 24.75
N PHE B 117 -9.12 31.62 24.29
CA PHE B 117 -10.58 31.73 24.26
C PHE B 117 -11.16 32.24 25.57
N SER B 118 -10.62 31.75 26.69
CA SER B 118 -11.04 32.16 28.04
C SER B 118 -10.87 33.66 28.24
N LEU B 119 -9.75 34.20 27.79
CA LEU B 119 -9.39 35.59 28.04
C LEU B 119 -9.88 36.52 26.92
N THR B 120 -10.23 35.97 25.75
CA THR B 120 -10.89 36.76 24.70
C THR B 120 -12.29 37.19 25.13
N GLN B 121 -12.90 36.38 25.98
CA GLN B 121 -14.26 36.63 26.48
C GLN B 121 -14.29 37.54 27.71
N ARG B 122 -13.13 38.05 28.10
CA ARG B 122 -13.02 38.94 29.26
C ARG B 122 -12.93 40.39 28.82
N PHE B 123 -12.09 40.64 27.83
CA PHE B 123 -11.92 41.99 27.29
C PHE B 123 -12.48 42.02 25.88
N SER B 124 -13.74 41.63 25.78
CA SER B 124 -14.52 41.72 24.56
C SER B 124 -15.07 43.14 24.36
N LYS B 125 -14.73 44.06 25.27
CA LYS B 125 -15.08 45.47 25.14
C LYS B 125 -14.38 46.12 23.94
N TYR B 126 -13.15 45.68 23.67
CA TYR B 126 -12.33 46.24 22.61
C TYR B 126 -12.42 45.44 21.31
N GLY B 127 -13.06 44.27 21.37
CA GLY B 127 -13.24 43.41 20.20
C GLY B 127 -12.23 42.30 20.17
N LYS B 128 -12.14 41.62 19.01
CA LYS B 128 -11.15 40.56 18.80
C LYS B 128 -9.77 41.18 18.86
N ILE B 129 -8.95 40.72 19.80
CA ILE B 129 -7.59 41.22 19.91
C ILE B 129 -6.75 40.43 18.92
N SER B 130 -5.89 41.12 18.16
CA SER B 130 -4.93 40.48 17.25
C SER B 130 -3.61 41.23 17.28
N SER B 131 -2.63 40.67 17.98
CA SER B 131 -1.30 41.29 18.11
C SER B 131 -0.19 40.28 17.83
N SER B 132 0.20 40.19 16.56
CA SER B 132 1.30 39.33 16.14
C SER B 132 2.63 39.91 16.63
N PRO B 133 3.37 39.16 17.44
CA PRO B 133 4.61 39.73 17.96
C PRO B 133 5.63 40.02 16.85
N VAL B 134 6.08 41.26 16.74
CA VAL B 134 7.15 41.61 15.77
C VAL B 134 8.38 40.73 15.87
N ALA B 135 8.65 40.18 17.05
CA ALA B 135 9.79 39.28 17.22
C ALA B 135 9.49 38.18 18.22
N ILE B 136 10.18 37.06 18.08
CA ILE B 136 10.04 35.99 19.03
C ILE B 136 11.43 35.54 19.43
N ILE B 137 11.69 35.55 20.73
CA ILE B 137 12.96 35.07 21.26
C ILE B 137 12.66 33.77 21.98
N ALA B 138 13.18 32.67 21.44
CA ALA B 138 12.88 31.35 21.95
C ALA B 138 14.15 30.66 22.42
N ASP B 139 14.53 30.92 23.68
CA ASP B 139 15.72 30.34 24.28
C ASP B 139 15.40 28.91 24.65
N THR B 140 15.97 27.96 23.93
CA THR B 140 15.67 26.56 24.16
C THR B 140 16.22 26.02 25.49
N SER B 141 17.29 26.63 25.97
CA SER B 141 17.92 26.17 27.20
C SER B 141 17.06 26.51 28.44
N ILE B 142 16.40 27.65 28.42
CA ILE B 142 15.50 28.01 29.53
C ILE B 142 14.20 27.20 29.47
N ILE B 143 13.69 27.02 28.25
CA ILE B 143 12.41 26.32 28.05
C ILE B 143 12.53 24.85 28.48
N LEU B 144 13.76 24.35 28.70
CA LEU B 144 13.96 23.09 29.43
C LEU B 144 13.58 23.22 30.91
N SER B 145 14.16 24.21 31.59
CA SER B 145 13.91 24.42 33.02
C SER B 145 12.44 24.72 33.35
N ALA B 146 11.63 25.03 32.34
CA ALA B 146 10.18 25.07 32.50
C ALA B 146 9.63 23.71 32.95
N PRO B 147 8.55 23.70 33.76
CA PRO B 147 7.99 22.46 34.32
C PRO B 147 7.85 21.38 33.26
N SER B 148 8.35 20.18 33.54
CA SER B 148 8.57 19.19 32.49
C SER B 148 7.31 18.70 31.80
N ARG B 149 6.28 18.35 32.59
CA ARG B 149 5.05 17.84 32.02
C ARG B 149 4.41 18.89 31.11
N LEU B 150 4.38 20.15 31.55
CA LEU B 150 3.84 21.25 30.74
C LEU B 150 4.38 21.27 29.30
N LEU B 151 5.63 20.84 29.13
CA LEU B 151 6.22 20.70 27.80
C LEU B 151 5.68 19.46 27.08
N LYS B 152 5.51 18.40 27.85
CA LYS B 152 5.03 17.11 27.36
C LYS B 152 3.71 17.32 26.74
N ALA B 153 2.95 18.20 27.34
CA ALA B 153 1.66 18.49 26.85
C ALA B 153 1.72 19.08 25.47
N GLY B 154 2.76 19.87 25.26
CA GLY B 154 2.92 20.62 24.05
C GLY B 154 2.81 19.75 22.86
N ILE B 155 3.36 18.57 22.96
CA ILE B 155 3.22 17.64 21.88
C ILE B 155 1.74 17.34 21.81
N GLY B 156 1.10 17.28 22.97
CA GLY B 156 -0.30 16.98 22.99
C GLY B 156 -1.10 18.01 22.28
N ASP B 157 -0.84 19.26 22.59
CA ASP B 157 -1.53 20.37 21.92
C ASP B 157 -1.36 20.33 20.42
N LEU B 158 -0.24 19.78 20.01
CA LEU B 158 0.05 19.62 18.65
C LEU B 158 -0.85 18.62 17.99
N LEU B 159 -1.12 17.51 18.68
CA LEU B 159 -1.95 16.39 18.18
C LEU B 159 -3.35 16.79 17.74
N GLY B 160 -3.88 17.86 18.30
CA GLY B 160 -5.23 18.26 17.99
C GLY B 160 -5.43 18.90 16.64
N LYS B 161 -4.33 19.14 15.93
CA LYS B 161 -4.38 19.91 14.69
C LYS B 161 -5.03 19.09 13.59
N ILE B 162 -4.89 17.77 13.67
CA ILE B 162 -5.50 16.86 12.68
C ILE B 162 -7.02 16.96 12.73
N ILE B 163 -7.55 17.23 13.91
CA ILE B 163 -8.98 17.45 14.09
C ILE B 163 -9.33 18.84 13.62
N ALA B 164 -8.55 19.82 14.09
CA ALA B 164 -8.81 21.24 13.82
C ALA B 164 -8.88 21.55 12.34
N VAL B 165 -8.01 20.91 11.55
CA VAL B 165 -7.98 21.05 10.11
C VAL B 165 -9.22 20.45 9.46
N ARG B 166 -9.62 19.24 9.87
CA ARG B 166 -10.83 18.58 9.33
C ARG B 166 -12.12 19.29 9.73
N ASP B 167 -12.24 19.68 10.99
CA ASP B 167 -13.37 20.54 11.41
C ASP B 167 -13.43 21.80 10.55
N TRP B 168 -12.27 22.39 10.25
CA TRP B 168 -12.18 23.63 9.50
C TRP B 168 -12.65 23.42 8.05
N GLN B 169 -12.16 22.37 7.39
CA GLN B 169 -12.59 22.06 6.03
C GLN B 169 -14.08 21.80 5.95
N LEU B 170 -14.59 21.07 6.93
CA LEU B 170 -16.01 20.79 7.03
C LEU B 170 -16.77 22.10 7.14
N ALA B 171 -16.39 22.94 8.08
CA ALA B 171 -17.00 24.27 8.24
C ALA B 171 -16.96 25.09 6.95
N HIS B 172 -15.87 24.95 6.19
CA HIS B 172 -15.74 25.61 4.93
C HIS B 172 -16.79 25.06 3.95
N ARG B 173 -16.80 23.74 3.78
CA ARG B 173 -17.54 23.11 2.71
C ARG B 173 -19.02 23.09 2.99
N LEU B 174 -19.39 23.09 4.27
CA LEU B 174 -20.81 23.04 4.67
C LEU B 174 -21.45 24.42 4.93
N LYS B 175 -20.75 25.30 5.65
CA LYS B 175 -21.22 26.63 6.07
C LYS B 175 -20.59 27.79 5.33
N GLY B 176 -19.60 27.54 4.49
CA GLY B 176 -18.98 28.62 3.72
C GLY B 176 -17.98 29.49 4.45
N GLU B 177 -17.52 29.08 5.64
CA GLU B 177 -16.50 29.83 6.36
C GLU B 177 -15.23 29.93 5.53
N GLU B 178 -14.47 31.00 5.77
CA GLU B 178 -13.29 31.29 5.00
C GLU B 178 -12.20 30.29 5.41
N TYR B 179 -11.46 29.81 4.42
CA TYR B 179 -10.49 28.71 4.59
C TYR B 179 -9.20 29.03 3.82
N SER B 180 -8.06 28.65 4.41
CA SER B 180 -6.76 28.84 3.77
C SER B 180 -6.09 27.50 3.60
N GLU B 181 -6.00 27.04 2.37
CA GLU B 181 -5.19 25.88 2.08
C GLU B 181 -3.85 25.95 2.80
N TYR B 182 -3.16 27.09 2.72
CA TYR B 182 -1.78 27.15 3.14
C TYR B 182 -1.74 27.01 4.65
N ALA B 183 -2.53 27.82 5.34
CA ALA B 183 -2.55 27.77 6.80
C ALA B 183 -2.86 26.34 7.29
N ALA B 184 -3.79 25.67 6.61
CA ALA B 184 -4.15 24.28 6.95
C ALA B 184 -2.97 23.34 6.76
N HIS B 185 -2.30 23.43 5.62
CA HIS B 185 -1.14 22.58 5.37
C HIS B 185 0.02 22.92 6.30
N LEU B 186 0.12 24.17 6.71
CA LEU B 186 1.21 24.56 7.58
C LEU B 186 0.92 24.00 8.96
N SER B 187 -0.32 24.18 9.41
CA SER B 187 -0.78 23.58 10.66
C SER B 187 -0.55 22.08 10.65
N LEU B 188 -0.94 21.43 9.57
CA LEU B 188 -0.74 19.97 9.47
C LEU B 188 0.72 19.55 9.49
N THR B 189 1.62 20.36 8.96
CA THR B 189 3.04 19.99 8.97
C THR B 189 3.51 19.88 10.42
N SER B 190 3.14 20.87 11.23
CA SER B 190 3.41 20.85 12.68
C SER B 190 2.89 19.58 13.34
N TYR B 191 1.71 19.14 12.93
CA TYR B 191 1.14 17.88 13.44
C TYR B 191 2.01 16.68 13.07
N LYS B 192 2.48 16.63 11.84
CA LYS B 192 3.31 15.51 11.38
C LYS B 192 4.68 15.50 12.07
N ILE B 193 5.19 16.69 12.40
CA ILE B 193 6.42 16.80 13.18
C ILE B 193 6.26 16.21 14.59
N ALA B 194 5.13 16.50 15.23
CA ALA B 194 4.88 16.02 16.58
C ALA B 194 4.82 14.50 16.61
N VAL B 195 3.94 13.92 15.80
CA VAL B 195 3.81 12.46 15.77
C VAL B 195 5.11 11.85 15.31
N GLY B 196 5.66 12.36 14.21
CA GLY B 196 6.82 11.74 13.54
C GLY B 196 8.05 11.56 14.40
N ASN B 197 8.14 12.30 15.49
CA ASN B 197 9.32 12.29 16.37
C ASN B 197 9.01 11.97 17.82
N ALA B 198 7.76 11.68 18.12
CA ALA B 198 7.31 11.53 19.50
C ALA B 198 8.13 10.53 20.34
N GLN B 199 8.57 9.43 19.73
CA GLN B 199 9.40 8.43 20.43
C GLN B 199 10.82 8.96 20.64
N LYS B 200 11.43 9.45 19.57
CA LYS B 200 12.80 9.96 19.61
C LYS B 200 12.95 11.23 20.44
N ILE B 201 11.86 11.96 20.64
CA ILE B 201 11.88 13.14 21.50
C ILE B 201 11.05 12.97 22.77
N LYS B 202 10.41 11.81 22.94
CA LYS B 202 9.62 11.50 24.14
C LYS B 202 10.36 11.88 25.41
N ASN B 203 11.67 11.62 25.39
CA ASN B 203 12.53 11.73 26.56
C ASN B 203 12.65 13.16 27.10
N PHE B 204 12.91 14.13 26.23
CA PHE B 204 13.21 15.52 26.64
C PHE B 204 14.54 15.56 27.38
N ILE B 205 15.48 14.73 26.90
CA ILE B 205 16.82 14.62 27.49
C ILE B 205 17.85 15.35 26.63
N ARG B 206 17.77 15.15 25.31
CA ARG B 206 18.67 15.80 24.36
C ARG B 206 18.22 17.25 24.14
N GLU B 207 18.99 18.00 23.36
CA GLU B 207 18.75 19.44 23.19
C GLU B 207 17.63 19.68 22.20
N GLU B 208 17.74 19.07 21.02
CA GLU B 208 16.72 19.20 19.97
C GLU B 208 15.30 18.90 20.45
N ASP B 209 15.20 18.05 21.48
CA ASP B 209 13.92 17.65 22.05
C ASP B 209 13.06 18.83 22.52
N VAL B 210 13.68 19.99 22.69
CA VAL B 210 12.96 21.24 22.98
C VAL B 210 12.73 22.05 21.69
N ARG B 211 13.69 21.96 20.77
CA ARG B 211 13.64 22.67 19.50
C ARG B 211 12.48 22.21 18.61
N VAL B 212 12.36 20.89 18.47
CA VAL B 212 11.30 20.28 17.66
C VAL B 212 9.91 20.73 18.12
N LEU B 213 9.65 20.67 19.42
CA LEU B 213 8.36 21.10 19.94
C LEU B 213 8.14 22.58 19.66
N VAL B 214 9.14 23.40 19.99
CA VAL B 214 9.00 24.85 19.90
C VAL B 214 8.82 25.30 18.46
N LYS B 215 9.51 24.68 17.52
CA LYS B 215 9.37 25.14 16.13
C LYS B 215 8.02 24.73 15.58
N ALA B 216 7.55 23.55 15.96
CA ALA B 216 6.20 23.09 15.60
C ALA B 216 5.14 24.03 16.15
N LEU B 217 5.24 24.41 17.41
CA LEU B 217 4.30 25.39 18.01
C LEU B 217 4.32 26.75 17.33
N ILE B 218 5.50 27.17 16.92
CA ILE B 218 5.65 28.49 16.31
C ILE B 218 4.95 28.45 14.96
N GLY B 219 5.18 27.37 14.22
CA GLY B 219 4.47 27.13 12.96
C GLY B 219 2.97 27.39 13.06
N CYS B 220 2.38 26.91 14.14
CA CYS B 220 0.95 27.07 14.34
C CYS B 220 0.54 28.51 14.51
N GLY B 221 1.25 29.21 15.40
CA GLY B 221 1.01 30.63 15.58
C GLY B 221 1.01 31.36 14.26
N VAL B 222 1.99 31.06 13.43
CA VAL B 222 2.12 31.69 12.13
C VAL B 222 0.89 31.36 11.26
N ALA B 223 0.55 30.08 11.21
CA ALA B 223 -0.67 29.58 10.57
C ALA B 223 -1.93 30.32 11.05
N MET B 224 -2.07 30.50 12.36
CA MET B 224 -3.20 31.24 12.84
C MET B 224 -3.20 32.66 12.26
N GLY B 225 -2.02 33.26 12.20
CA GLY B 225 -1.86 34.61 11.65
C GLY B 225 -2.25 34.64 10.19
N ILE B 226 -1.66 33.74 9.43
CA ILE B 226 -1.99 33.61 8.02
C ILE B 226 -3.48 33.40 7.84
N ALA B 227 -4.07 32.53 8.65
CA ALA B 227 -5.46 32.16 8.51
C ALA B 227 -6.39 33.28 8.93
N GLY B 228 -5.94 34.09 9.89
CA GLY B 228 -6.78 35.17 10.44
C GLY B 228 -7.77 34.69 11.50
N SER B 229 -7.45 33.55 12.13
CA SER B 229 -8.30 32.93 13.15
C SER B 229 -7.57 31.79 13.84
N SER B 230 -8.10 31.33 14.97
CA SER B 230 -7.51 30.17 15.64
C SER B 230 -7.84 28.86 14.90
N ARG B 231 -8.72 28.99 13.90
CA ARG B 231 -9.28 27.85 13.14
C ARG B 231 -8.30 26.76 12.69
N PRO B 232 -7.12 27.12 12.16
CA PRO B 232 -6.24 25.99 11.80
C PRO B 232 -5.64 25.23 12.99
N CYS B 233 -5.75 25.76 14.21
CA CYS B 233 -5.11 25.14 15.37
C CYS B 233 -6.04 24.82 16.54
N SER B 234 -7.32 25.16 16.39
CA SER B 234 -8.30 24.96 17.43
C SER B 234 -9.64 24.61 16.78
N GLY B 235 -10.04 23.35 16.89
CA GLY B 235 -11.37 22.91 16.49
C GLY B 235 -12.12 22.28 17.66
N SER B 236 -12.84 21.21 17.37
CA SER B 236 -13.69 20.57 18.36
C SER B 236 -12.91 19.95 19.53
N GLU B 237 -11.70 19.47 19.29
CA GLU B 237 -10.82 18.94 20.36
C GLU B 237 -10.50 20.02 21.38
N HIS B 238 -10.34 21.25 20.89
CA HIS B 238 -10.12 22.41 21.73
C HIS B 238 -11.38 22.88 22.43
N LEU B 239 -12.53 22.69 21.81
CA LEU B 239 -13.80 23.07 22.42
C LEU B 239 -14.05 22.18 23.64
N PHE B 240 -13.54 20.96 23.59
CA PHE B 240 -13.56 20.06 24.72
C PHE B 240 -12.68 20.66 25.83
N ALA B 241 -11.41 20.92 25.53
CA ALA B 241 -10.48 21.49 26.52
C ALA B 241 -11.01 22.75 27.17
N HIS B 242 -11.50 23.68 26.36
CA HIS B 242 -12.00 24.95 26.88
C HIS B 242 -13.22 24.70 27.78
N ALA B 243 -14.02 23.70 27.43
CA ALA B 243 -15.18 23.28 28.23
C ALA B 243 -14.79 22.69 29.60
N ILE B 244 -13.68 21.95 29.66
CA ILE B 244 -13.15 21.45 30.94
C ILE B 244 -12.50 22.58 31.75
N GLU B 245 -11.73 23.43 31.09
CA GLU B 245 -10.98 24.51 31.74
C GLU B 245 -11.85 25.52 32.48
N VAL B 246 -13.04 25.81 31.96
CA VAL B 246 -13.94 26.75 32.63
C VAL B 246 -14.75 26.09 33.76
N ARG B 247 -14.45 24.82 34.06
CA ARG B 247 -15.14 24.13 35.14
C ARG B 247 -14.19 23.79 36.31
N VAL B 248 -13.15 24.61 36.52
CA VAL B 248 -12.14 24.36 37.56
C VAL B 248 -11.66 25.64 38.24
N ASP B 252 -8.04 24.87 38.38
CA ASP B 252 -6.79 24.91 37.60
C ASP B 252 -5.91 23.67 37.88
N GLU B 253 -6.54 22.48 37.82
CA GLU B 253 -5.87 21.21 38.15
C GLU B 253 -5.71 20.29 36.92
N VAL B 254 -5.59 20.91 35.74
CA VAL B 254 -5.38 20.20 34.48
C VAL B 254 -4.47 20.99 33.54
N VAL B 255 -3.64 20.28 32.78
CA VAL B 255 -2.79 20.89 31.77
C VAL B 255 -3.55 20.94 30.45
N HIS B 256 -3.74 22.15 29.93
CA HIS B 256 -4.39 22.39 28.64
C HIS B 256 -4.10 21.34 27.58
N GLY B 257 -2.83 21.10 27.28
CA GLY B 257 -2.44 20.18 26.21
C GLY B 257 -2.81 18.70 26.40
N GLU B 258 -2.96 18.28 27.65
CA GLU B 258 -3.37 16.90 27.96
C GLU B 258 -4.85 16.73 27.62
N LEU B 259 -5.63 17.77 27.90
CA LEU B 259 -7.03 17.83 27.54
C LEU B 259 -7.14 17.76 26.00
N VAL B 260 -6.49 18.69 25.32
CA VAL B 260 -6.52 18.70 23.86
C VAL B 260 -6.26 17.31 23.29
N ALA B 261 -5.31 16.60 23.88
CA ALA B 261 -5.00 15.24 23.42
C ALA B 261 -6.14 14.27 23.69
N LEU B 262 -6.76 14.39 24.86
CA LEU B 262 -7.95 13.60 25.17
C LEU B 262 -9.06 13.92 24.13
N GLY B 263 -9.33 15.21 23.93
CA GLY B 263 -10.32 15.66 22.94
C GLY B 263 -10.06 15.11 21.57
N THR B 264 -8.79 15.03 21.21
CA THR B 264 -8.36 14.53 19.91
C THR B 264 -8.75 13.07 19.69
N ILE B 265 -8.66 12.26 20.74
CA ILE B 265 -8.99 10.84 20.63
C ILE B 265 -10.49 10.72 20.39
N ILE B 266 -11.24 11.48 21.17
CA ILE B 266 -12.69 11.45 21.12
C ILE B 266 -13.19 11.94 19.76
N MET B 267 -12.66 13.08 19.33
CA MET B 267 -13.09 13.73 18.11
C MET B 267 -12.60 12.96 16.90
N ALA B 268 -11.46 12.29 17.04
CA ALA B 268 -11.00 11.42 15.97
C ALA B 268 -12.02 10.30 15.76
N TYR B 269 -12.40 9.65 16.86
CA TYR B 269 -13.50 8.69 16.83
C TYR B 269 -14.80 9.24 16.19
N LEU B 270 -15.25 10.42 16.63
CA LEU B 270 -16.46 11.02 16.04
C LEU B 270 -16.30 11.20 14.54
N HIS B 271 -15.14 11.67 14.12
CA HIS B 271 -14.83 11.94 12.72
C HIS B 271 -14.69 10.67 11.89
N GLY B 272 -14.48 9.54 12.54
CA GLY B 272 -14.42 8.27 11.84
C GLY B 272 -13.03 7.89 11.38
N ILE B 273 -12.02 8.52 11.96
CA ILE B 273 -10.62 8.26 11.58
C ILE B 273 -9.95 7.42 12.67
N ASN B 274 -8.62 7.25 12.58
CA ASN B 274 -7.90 6.30 13.41
C ASN B 274 -7.53 6.87 14.78
N TRP B 275 -8.49 6.88 15.68
CA TRP B 275 -8.26 7.32 17.06
C TRP B 275 -7.29 6.41 17.83
N ARG B 276 -7.21 5.14 17.45
CA ARG B 276 -6.27 4.21 18.08
C ARG B 276 -4.82 4.66 17.86
N ARG B 277 -4.51 5.03 16.63
CA ARG B 277 -3.17 5.56 16.30
C ARG B 277 -2.81 6.78 17.16
N ILE B 278 -3.79 7.67 17.37
CA ILE B 278 -3.57 8.83 18.25
C ILE B 278 -3.44 8.39 19.70
N LYS B 279 -4.21 7.37 20.07
CA LYS B 279 -4.12 6.78 21.40
C LYS B 279 -2.73 6.21 21.67
N ARG B 280 -2.19 5.46 20.71
CA ARG B 280 -0.83 4.92 20.83
C ARG B 280 0.15 6.04 21.14
N ILE B 281 0.15 7.05 20.28
CA ILE B 281 1.11 8.13 20.35
C ILE B 281 0.97 8.91 21.65
N ALA B 282 -0.27 9.13 22.09
CA ALA B 282 -0.51 9.88 23.32
C ALA B 282 0.07 9.18 24.56
N ASP B 283 0.08 7.84 24.52
CA ASP B 283 0.68 7.06 25.59
C ASP B 283 2.17 7.33 25.68
N ILE B 284 2.84 7.23 24.53
CA ILE B 284 4.29 7.36 24.48
C ILE B 284 4.74 8.64 25.19
N ILE B 285 4.10 9.76 24.87
CA ILE B 285 4.46 11.04 25.49
C ILE B 285 4.27 11.00 27.02
N GLY B 286 3.36 10.14 27.49
CA GLY B 286 3.01 10.08 28.89
C GLY B 286 1.89 11.05 29.18
N LEU B 287 1.00 11.22 28.20
CA LEU B 287 -0.22 12.01 28.39
C LEU B 287 -1.32 11.12 28.98
N PRO B 288 -2.29 11.71 29.67
CA PRO B 288 -3.42 10.92 30.11
C PRO B 288 -4.26 10.40 28.95
N THR B 289 -4.40 9.09 28.85
CA THR B 289 -5.25 8.45 27.86
C THR B 289 -6.49 7.82 28.53
N SER B 290 -7.00 8.51 29.54
CA SER B 290 -8.26 8.18 30.18
C SER B 290 -8.59 9.37 31.04
N LEU B 291 -9.86 9.51 31.42
CA LEU B 291 -10.27 10.60 32.29
C LEU B 291 -9.72 10.37 33.70
N ARG B 292 -9.60 9.10 34.08
CA ARG B 292 -8.99 8.74 35.35
C ARG B 292 -7.54 9.18 35.34
N GLN B 293 -6.77 8.64 34.39
CA GLN B 293 -5.39 9.02 34.22
C GLN B 293 -5.19 10.55 34.31
N ALA B 294 -6.13 11.31 33.75
CA ALA B 294 -6.07 12.77 33.78
C ALA B 294 -6.73 13.39 34.99
N ASN B 295 -7.19 12.57 35.93
CA ASN B 295 -7.89 13.06 37.10
C ASN B 295 -9.07 13.94 36.68
N ILE B 296 -10.02 13.34 35.96
CA ILE B 296 -11.19 14.05 35.47
C ILE B 296 -12.49 13.35 35.91
N ASP B 297 -13.31 14.06 36.68
CA ASP B 297 -14.64 13.61 37.08
C ASP B 297 -15.47 13.32 35.83
N VAL B 298 -15.97 12.08 35.73
CA VAL B 298 -16.68 11.63 34.54
C VAL B 298 -17.89 12.52 34.24
N ASP B 299 -18.58 12.97 35.29
CA ASP B 299 -19.76 13.81 35.08
C ASP B 299 -19.34 15.10 34.38
N LEU B 300 -18.24 15.69 34.83
CA LEU B 300 -17.71 16.89 34.21
C LEU B 300 -17.49 16.70 32.71
N ALA B 301 -16.76 15.64 32.36
CA ALA B 301 -16.42 15.38 30.98
C ALA B 301 -17.66 15.24 30.09
N LEU B 302 -18.72 14.65 30.61
CA LEU B 302 -19.97 14.46 29.86
C LEU B 302 -20.68 15.77 29.60
N GLU B 303 -20.66 16.65 30.60
CA GLU B 303 -21.24 17.98 30.42
C GLU B 303 -20.37 18.81 29.47
N ALA B 304 -19.05 18.61 29.52
CA ALA B 304 -18.17 19.28 28.59
C ALA B 304 -18.51 18.85 27.18
N LEU B 305 -18.69 17.54 26.99
CA LEU B 305 -18.88 17.00 25.65
C LEU B 305 -20.25 17.36 25.06
N THR B 306 -21.26 17.50 25.91
CA THR B 306 -22.63 17.77 25.41
C THR B 306 -22.90 19.25 25.25
N THR B 307 -21.97 20.07 25.70
CA THR B 307 -22.17 21.52 25.75
C THR B 307 -21.20 22.28 24.85
N ALA B 308 -20.19 21.59 24.31
CA ALA B 308 -19.02 22.24 23.71
C ALA B 308 -19.31 22.99 22.41
N HIS B 309 -20.22 22.45 21.60
CA HIS B 309 -20.74 23.14 20.41
C HIS B 309 -21.27 24.54 20.64
N THR B 310 -21.62 24.89 21.88
CA THR B 310 -22.15 26.24 22.18
C THR B 310 -21.09 27.28 22.53
N LEU B 311 -19.85 26.87 22.75
CA LEU B 311 -18.79 27.82 23.10
C LEU B 311 -18.61 28.89 22.03
N ARG B 312 -18.32 28.48 20.79
CA ARG B 312 -18.18 29.43 19.67
C ARG B 312 -19.22 29.12 18.59
N PRO B 313 -20.45 29.65 18.76
CA PRO B 313 -21.56 29.31 17.87
C PRO B 313 -21.36 29.66 16.40
N ASP B 314 -20.49 30.63 16.10
CA ASP B 314 -20.13 30.92 14.71
C ASP B 314 -19.05 29.98 14.14
N ARG B 315 -18.69 28.93 14.87
CA ARG B 315 -17.65 28.01 14.44
C ARG B 315 -18.15 26.58 14.37
N TYR B 316 -18.43 26.14 13.17
CA TYR B 316 -18.90 24.80 12.94
C TYR B 316 -17.79 23.76 13.11
N THR B 317 -18.13 22.66 13.76
CA THR B 317 -17.26 21.50 13.78
C THR B 317 -18.11 20.26 13.68
N ILE B 318 -17.44 19.11 13.70
CA ILE B 318 -18.08 17.79 13.67
C ILE B 318 -19.10 17.60 14.81
N LEU B 319 -19.02 18.43 15.85
CA LEU B 319 -20.02 18.42 16.91
C LEU B 319 -21.39 18.84 16.42
N GLY B 320 -21.42 19.62 15.34
CA GLY B 320 -22.69 20.10 14.79
C GLY B 320 -23.47 20.89 15.82
N ASP B 321 -24.73 20.54 16.00
CA ASP B 321 -25.57 21.18 17.01
C ASP B 321 -25.57 20.37 18.30
N GLY B 322 -24.54 19.55 18.51
CA GLY B 322 -24.36 18.86 19.79
C GLY B 322 -24.34 17.34 19.83
N LEU B 323 -23.47 16.83 20.68
CA LEU B 323 -23.33 15.42 20.96
C LEU B 323 -24.38 15.09 22.00
N SER B 324 -25.15 14.01 21.81
CA SER B 324 -26.16 13.58 22.81
C SER B 324 -25.45 12.94 24.00
N ARG B 325 -26.04 13.11 25.18
CA ARG B 325 -25.50 12.53 26.42
C ARG B 325 -25.20 11.06 26.24
N GLU B 326 -26.08 10.38 25.50
CA GLU B 326 -26.01 8.94 25.31
C GLU B 326 -24.85 8.59 24.36
N ALA B 327 -24.66 9.42 23.32
CA ALA B 327 -23.56 9.21 22.37
C ALA B 327 -22.21 9.55 23.01
N ALA B 328 -22.19 10.58 23.87
CA ALA B 328 -20.98 10.98 24.56
C ALA B 328 -20.42 9.85 25.42
N LYS B 329 -21.30 9.18 26.17
CA LYS B 329 -20.90 8.06 27.00
C LYS B 329 -20.39 6.89 26.19
N ARG B 330 -21.06 6.58 25.10
CA ARG B 330 -20.61 5.48 24.25
C ARG B 330 -19.24 5.84 23.69
N ALA B 331 -19.10 7.07 23.24
CA ALA B 331 -17.85 7.53 22.65
C ALA B 331 -16.72 7.30 23.64
N LEU B 332 -16.86 7.88 24.83
CA LEU B 332 -15.92 7.67 25.93
C LEU B 332 -15.59 6.20 26.14
N GLU B 333 -16.63 5.36 26.14
CA GLU B 333 -16.48 3.94 26.38
C GLU B 333 -15.78 3.20 25.23
N ASP B 334 -16.13 3.54 23.99
CA ASP B 334 -15.59 2.86 22.81
C ASP B 334 -14.13 3.20 22.53
N VAL B 335 -13.71 4.41 22.94
CA VAL B 335 -12.29 4.78 22.84
C VAL B 335 -11.56 4.55 24.18
N GLU B 336 -12.20 3.79 25.08
CA GLU B 336 -11.60 3.37 26.34
C GLU B 336 -11.06 4.54 27.15
N LEU B 337 -11.70 5.70 27.07
CA LEU B 337 -11.35 6.79 27.98
C LEU B 337 -12.00 6.49 29.32
N ILE B 338 -13.14 5.82 29.25
CA ILE B 338 -13.74 5.12 30.36
C ILE B 338 -13.57 3.62 30.12
N LYS C 3 -29.37 -20.83 -15.45
CA LYS C 3 -30.83 -21.09 -15.20
C LYS C 3 -31.25 -20.56 -13.83
N VAL C 4 -32.52 -20.71 -13.51
CA VAL C 4 -33.14 -20.04 -12.38
C VAL C 4 -32.66 -20.60 -11.04
N GLU C 5 -32.09 -19.72 -10.22
CA GLU C 5 -31.78 -20.05 -8.82
C GLU C 5 -32.99 -19.70 -7.94
N ARG C 6 -33.14 -20.40 -6.83
CA ARG C 6 -34.13 -20.05 -5.82
C ARG C 6 -33.58 -20.33 -4.40
N PHE C 7 -33.97 -19.51 -3.44
CA PHE C 7 -33.60 -19.77 -2.04
C PHE C 7 -34.57 -19.13 -1.07
N GLU C 8 -34.40 -19.45 0.21
CA GLU C 8 -35.26 -18.95 1.26
C GLU C 8 -34.41 -18.26 2.31
N VAL C 9 -35.06 -17.39 3.08
CA VAL C 9 -34.43 -16.60 4.11
C VAL C 9 -35.37 -16.64 5.30
N PRO C 10 -34.84 -16.63 6.53
CA PRO C 10 -35.73 -16.47 7.67
C PRO C 10 -36.61 -15.25 7.53
N ARG C 11 -37.92 -15.44 7.51
CA ARG C 11 -38.86 -14.34 7.29
C ARG C 11 -38.88 -13.37 8.44
N THR C 12 -38.88 -13.87 9.67
CA THR C 12 -38.98 -13.02 10.85
C THR C 12 -37.89 -13.38 11.84
N ILE C 13 -37.20 -12.37 12.36
CA ILE C 13 -36.11 -12.60 13.28
C ILE C 13 -36.25 -11.67 14.47
N ILE C 14 -36.42 -12.24 15.65
CA ILE C 14 -36.64 -11.43 16.82
C ILE C 14 -35.37 -11.45 17.63
N PHE C 15 -34.91 -10.25 18.00
CA PHE C 15 -33.64 -10.04 18.68
C PHE C 15 -33.83 -9.20 19.93
N GLY C 16 -33.21 -9.64 21.03
CA GLY C 16 -33.16 -8.84 22.26
C GLY C 16 -33.33 -9.63 23.54
N PRO C 17 -33.22 -8.94 24.69
CA PRO C 17 -33.35 -9.60 26.00
C PRO C 17 -34.76 -10.13 26.18
N GLY C 18 -34.87 -11.37 26.67
CA GLY C 18 -36.17 -12.01 26.85
C GLY C 18 -37.04 -11.94 25.61
N ALA C 19 -36.42 -12.18 24.45
CA ALA C 19 -37.16 -12.30 23.19
C ALA C 19 -37.80 -13.69 23.11
N LEU C 20 -37.37 -14.60 23.99
CA LEU C 20 -38.03 -15.89 24.14
C LEU C 20 -39.53 -15.70 24.39
N GLU C 21 -39.90 -14.62 25.09
CA GLU C 21 -41.31 -14.33 25.37
C GLU C 21 -42.13 -14.10 24.10
N LYS C 22 -41.48 -13.78 22.99
CA LYS C 22 -42.20 -13.34 21.81
C LYS C 22 -42.50 -14.44 20.82
N THR C 23 -42.04 -15.67 21.08
CA THR C 23 -42.17 -16.74 20.08
C THR C 23 -43.59 -16.97 19.54
N PRO C 24 -44.64 -16.67 20.33
CA PRO C 24 -46.02 -16.82 19.82
C PRO C 24 -46.34 -15.95 18.59
N GLU C 25 -45.67 -14.81 18.49
CA GLU C 25 -45.87 -13.89 17.35
C GLU C 25 -45.61 -14.58 16.03
N VAL C 26 -44.69 -15.54 16.04
CA VAL C 26 -44.21 -16.13 14.81
C VAL C 26 -44.76 -17.54 14.51
N ILE C 27 -45.65 -18.05 15.37
CA ILE C 27 -46.32 -19.35 15.16
C ILE C 27 -47.73 -19.14 14.62
N PRO C 28 -48.07 -19.76 13.48
CA PRO C 28 -49.46 -19.60 13.02
C PRO C 28 -50.43 -20.30 13.97
N PRO C 29 -51.69 -19.82 14.02
CA PRO C 29 -52.64 -20.30 15.02
C PRO C 29 -53.30 -21.59 14.53
N SER C 30 -52.46 -22.54 14.12
CA SER C 30 -52.88 -23.62 13.25
C SER C 30 -52.10 -24.90 13.56
N GLY C 31 -52.82 -25.95 13.93
CA GLY C 31 -52.26 -27.30 14.06
C GLY C 31 -51.44 -27.54 15.30
N ARG C 32 -50.72 -28.67 15.30
CA ARG C 32 -49.97 -29.12 16.47
C ARG C 32 -48.46 -28.86 16.32
N VAL C 33 -47.80 -28.61 17.44
CA VAL C 33 -46.43 -28.07 17.45
C VAL C 33 -45.41 -28.98 18.13
N LEU C 34 -44.56 -29.62 17.33
CA LEU C 34 -43.44 -30.40 17.86
C LEU C 34 -42.31 -29.47 18.28
N ILE C 35 -41.88 -29.58 19.53
CA ILE C 35 -40.79 -28.76 20.07
C ILE C 35 -39.62 -29.67 20.36
N ILE C 36 -38.63 -29.70 19.47
CA ILE C 36 -37.46 -30.54 19.69
C ILE C 36 -36.48 -29.77 20.54
N THR C 37 -35.88 -30.45 21.51
CA THR C 37 -35.00 -29.80 22.47
C THR C 37 -33.66 -30.53 22.63
N GLY C 38 -32.71 -29.84 23.27
CA GLY C 38 -31.35 -30.34 23.40
C GLY C 38 -31.15 -31.23 24.61
N LYS C 39 -29.91 -31.30 25.08
CA LYS C 39 -29.56 -31.96 26.33
C LYS C 39 -28.59 -31.04 27.09
N SER C 40 -28.75 -30.87 28.40
CA SER C 40 -29.96 -31.22 29.17
C SER C 40 -30.65 -29.97 29.72
N SER C 41 -29.89 -28.89 29.92
CA SER C 41 -30.40 -27.67 30.57
C SER C 41 -31.28 -26.78 29.66
N THR C 42 -31.51 -27.22 28.42
CA THR C 42 -32.41 -26.49 27.51
C THR C 42 -33.90 -26.75 27.76
N ARG C 43 -34.23 -27.66 28.70
CA ARG C 43 -35.63 -28.03 28.95
C ARG C 43 -36.46 -26.93 29.62
N LYS C 44 -35.84 -26.15 30.51
CA LYS C 44 -36.53 -24.99 31.07
C LYS C 44 -37.18 -24.20 29.93
N TYR C 45 -36.35 -23.77 28.98
CA TYR C 45 -36.80 -22.94 27.84
C TYR C 45 -37.90 -23.62 27.02
N ALA C 46 -37.65 -24.88 26.65
CA ALA C 46 -38.59 -25.66 25.87
C ALA C 46 -39.93 -25.83 26.59
N GLU C 47 -39.87 -25.97 27.91
CA GLU C 47 -41.05 -25.93 28.76
C GLU C 47 -41.59 -24.51 28.78
N ARG C 48 -40.71 -23.56 29.12
CA ARG C 48 -41.01 -22.12 29.12
C ARG C 48 -41.87 -21.71 27.91
N VAL C 49 -41.47 -22.21 26.74
CA VAL C 49 -42.17 -21.94 25.47
C VAL C 49 -43.61 -22.44 25.53
N ALA C 50 -43.77 -23.73 25.81
CA ALA C 50 -45.07 -24.44 25.73
C ALA C 50 -46.27 -23.79 26.46
N GLU C 51 -45.99 -23.03 27.52
CA GLU C 51 -47.02 -22.28 28.26
C GLU C 51 -47.61 -21.16 27.41
N LEU C 52 -46.72 -20.47 26.68
CA LEU C 52 -47.10 -19.29 25.92
C LEU C 52 -48.00 -19.57 24.71
N LEU C 53 -48.15 -20.84 24.34
CA LEU C 53 -48.92 -21.19 23.15
C LEU C 53 -50.23 -21.91 23.45
N LYS C 54 -51.30 -21.38 22.85
CA LYS C 54 -52.63 -21.99 22.96
C LYS C 54 -52.73 -23.23 22.05
N GLN C 55 -51.71 -23.41 21.20
CA GLN C 55 -51.56 -24.63 20.44
C GLN C 55 -51.22 -25.75 21.41
N ASN C 56 -51.69 -26.95 21.12
CA ASN C 56 -51.21 -28.14 21.84
C ASN C 56 -49.87 -28.51 21.25
N CYS C 57 -48.88 -28.75 22.11
CA CYS C 57 -47.52 -28.93 21.66
C CYS C 57 -46.77 -29.97 22.50
N GLU C 58 -46.30 -31.03 21.83
CA GLU C 58 -45.50 -32.07 22.49
C GLU C 58 -44.02 -31.73 22.39
N ILE C 59 -43.26 -32.04 23.46
CA ILE C 59 -41.83 -31.73 23.55
C ILE C 59 -40.98 -33.01 23.71
N ILE C 60 -40.50 -33.53 22.58
CA ILE C 60 -39.64 -34.70 22.52
C ILE C 60 -38.20 -34.21 22.42
N SER C 61 -37.27 -34.84 23.16
CA SER C 61 -35.86 -34.49 23.05
C SER C 61 -35.31 -35.09 21.75
N TYR C 62 -34.26 -34.48 21.19
CA TYR C 62 -33.84 -34.84 19.83
C TYR C 62 -33.49 -36.31 19.65
N ASP C 63 -32.89 -36.92 20.67
CA ASP C 63 -32.56 -38.34 20.61
C ASP C 63 -33.81 -39.25 20.57
N GLN C 64 -34.94 -38.79 21.11
CA GLN C 64 -36.15 -39.63 21.15
C GLN C 64 -37.18 -39.38 20.02
N VAL C 65 -36.82 -38.56 19.02
CA VAL C 65 -37.78 -38.16 17.98
C VAL C 65 -38.01 -39.26 16.94
N GLU C 66 -39.27 -39.58 16.69
CA GLU C 66 -39.62 -40.51 15.59
C GLU C 66 -39.77 -39.74 14.29
N LEU C 67 -38.64 -39.45 13.64
CA LEU C 67 -38.61 -38.61 12.43
C LEU C 67 -39.71 -38.88 11.41
N GLU C 68 -40.13 -40.14 11.25
CA GLU C 68 -41.17 -40.45 10.28
C GLU C 68 -42.59 -40.23 10.82
N LYS C 69 -42.72 -39.99 12.12
CA LYS C 69 -44.03 -39.80 12.73
C LYS C 69 -44.68 -38.49 12.28
N PRO C 70 -45.73 -38.56 11.42
CA PRO C 70 -46.41 -37.36 10.99
C PRO C 70 -47.38 -36.87 12.07
N GLY C 71 -48.32 -36.01 11.70
CA GLY C 71 -49.30 -35.46 12.63
C GLY C 71 -48.86 -34.23 13.42
N PHE C 72 -47.89 -33.49 12.88
CA PHE C 72 -47.47 -32.21 13.47
C PHE C 72 -47.45 -31.13 12.40
N ASP C 73 -48.01 -29.97 12.71
CA ASP C 73 -48.14 -28.91 11.70
C ASP C 73 -47.00 -27.90 11.69
N LEU C 74 -46.25 -27.82 12.79
CA LEU C 74 -45.06 -26.97 12.85
C LEU C 74 -44.00 -27.59 13.77
N VAL C 75 -42.74 -27.37 13.43
CA VAL C 75 -41.64 -27.88 14.26
C VAL C 75 -40.71 -26.75 14.68
N ILE C 76 -40.57 -26.59 15.99
CA ILE C 76 -39.62 -25.70 16.59
C ILE C 76 -38.41 -26.55 16.92
N GLY C 77 -37.25 -25.92 16.97
CA GLY C 77 -36.05 -26.56 17.44
C GLY C 77 -35.39 -25.57 18.36
N ILE C 78 -34.94 -26.04 19.52
CA ILE C 78 -34.37 -25.16 20.54
C ILE C 78 -33.17 -25.80 21.21
N GLY C 79 -32.07 -25.06 21.25
CA GLY C 79 -30.83 -25.57 21.82
C GLY C 79 -29.64 -25.28 20.91
N GLY C 80 -28.72 -26.24 20.82
CA GLY C 80 -27.55 -26.11 19.96
C GLY C 80 -27.74 -26.85 18.64
N GLY C 81 -26.62 -27.21 18.02
CA GLY C 81 -26.64 -27.82 16.70
C GLY C 81 -27.48 -29.07 16.57
N ARG C 82 -27.48 -29.91 17.59
CA ARG C 82 -28.09 -31.22 17.45
C ARG C 82 -29.62 -31.11 17.30
N PRO C 83 -30.31 -30.50 18.29
CA PRO C 83 -31.76 -30.37 18.11
C PRO C 83 -32.17 -29.55 16.86
N LEU C 84 -31.41 -28.51 16.56
CA LEU C 84 -31.67 -27.69 15.38
C LEU C 84 -31.61 -28.50 14.08
N ASP C 85 -30.59 -29.34 13.92
CA ASP C 85 -30.53 -30.25 12.78
C ASP C 85 -31.75 -31.15 12.74
N MET C 86 -32.03 -31.75 13.90
CA MET C 86 -33.09 -32.73 13.98
C MET C 86 -34.40 -32.12 13.53
N ALA C 87 -34.70 -30.91 14.02
CA ALA C 87 -35.88 -30.16 13.56
C ALA C 87 -35.87 -29.90 12.03
N LYS C 88 -34.69 -29.58 11.49
CA LYS C 88 -34.55 -29.38 10.05
C LYS C 88 -34.96 -30.63 9.30
N VAL C 89 -34.50 -31.78 9.78
CA VAL C 89 -34.81 -33.06 9.14
C VAL C 89 -36.30 -33.33 9.27
N TYR C 90 -36.85 -33.16 10.46
CA TYR C 90 -38.29 -33.35 10.59
C TYR C 90 -39.00 -32.48 9.56
N SER C 91 -38.71 -31.18 9.63
CA SER C 91 -39.27 -30.18 8.71
C SER C 91 -39.19 -30.63 7.24
N TYR C 92 -38.02 -31.09 6.80
CA TYR C 92 -37.86 -31.52 5.42
C TYR C 92 -38.75 -32.73 5.04
N ILE C 93 -38.83 -33.74 5.92
CA ILE C 93 -39.52 -34.99 5.56
C ILE C 93 -41.00 -34.75 5.40
N HIS C 94 -41.56 -33.98 6.34
CA HIS C 94 -42.99 -33.69 6.35
C HIS C 94 -43.42 -32.39 5.65
N LYS C 95 -42.47 -31.56 5.24
CA LYS C 95 -42.77 -30.30 4.52
C LYS C 95 -43.55 -29.35 5.42
N LYS C 96 -43.03 -29.11 6.62
CA LYS C 96 -43.67 -28.25 7.60
C LYS C 96 -42.73 -27.13 8.05
N PRO C 97 -43.29 -25.97 8.43
CA PRO C 97 -42.49 -24.84 8.87
C PRO C 97 -41.66 -25.13 10.11
N PHE C 98 -40.44 -24.61 10.11
CA PHE C 98 -39.45 -24.83 11.16
C PHE C 98 -39.08 -23.51 11.78
N VAL C 99 -39.09 -23.45 13.10
CA VAL C 99 -38.67 -22.26 13.81
C VAL C 99 -37.44 -22.57 14.64
N ALA C 100 -36.39 -21.80 14.43
CA ALA C 100 -35.14 -22.03 15.14
C ALA C 100 -35.08 -21.09 16.32
N ILE C 101 -34.69 -21.65 17.47
CA ILE C 101 -34.49 -20.91 18.70
C ILE C 101 -33.13 -21.33 19.24
N PRO C 102 -32.07 -20.68 18.75
CA PRO C 102 -30.76 -21.07 19.24
C PRO C 102 -30.50 -20.63 20.67
N THR C 103 -29.80 -21.46 21.44
CA THR C 103 -29.40 -21.14 22.81
C THR C 103 -27.89 -20.88 22.95
N SER C 104 -27.14 -21.01 21.90
CA SER C 104 -25.77 -20.70 22.01
C SER C 104 -25.36 -20.34 20.62
N ALA C 105 -24.29 -19.58 20.50
CA ALA C 105 -23.80 -19.11 19.23
C ALA C 105 -22.38 -19.53 19.07
N SER C 106 -22.18 -20.77 18.67
CA SER C 106 -20.86 -21.26 18.49
C SER C 106 -20.71 -21.80 17.14
N HIS C 107 -21.80 -21.82 16.42
CA HIS C 107 -21.78 -22.48 15.11
C HIS C 107 -22.58 -21.61 14.15
N ASP C 108 -22.51 -21.94 12.87
CA ASP C 108 -23.16 -21.14 11.82
C ASP C 108 -24.36 -21.86 11.18
N GLY C 109 -24.80 -22.95 11.79
CA GLY C 109 -25.95 -23.70 11.31
C GLY C 109 -27.28 -23.07 11.67
N ILE C 110 -27.24 -22.14 12.62
CA ILE C 110 -28.42 -21.48 13.17
C ILE C 110 -29.48 -21.19 12.13
N ALA C 111 -29.06 -20.66 10.99
CA ALA C 111 -29.99 -20.28 9.92
C ALA C 111 -29.69 -20.98 8.60
N SER C 112 -28.74 -21.90 8.62
CA SER C 112 -28.48 -22.73 7.46
C SER C 112 -29.62 -23.69 7.24
N PRO C 113 -30.03 -23.90 5.97
CA PRO C 113 -31.02 -24.93 5.70
C PRO C 113 -30.46 -26.35 5.78
N TYR C 114 -29.15 -26.47 5.86
CA TYR C 114 -28.49 -27.75 5.75
C TYR C 114 -28.08 -28.28 7.12
N VAL C 115 -27.98 -29.59 7.18
CA VAL C 115 -27.60 -30.30 8.39
C VAL C 115 -26.08 -30.19 8.53
N SER C 116 -25.59 -30.24 9.75
CA SER C 116 -24.15 -30.25 10.01
C SER C 116 -23.43 -31.42 9.34
N PHE C 117 -22.14 -31.23 9.05
CA PHE C 117 -21.31 -32.33 8.54
C PHE C 117 -21.24 -33.48 9.54
N SER C 118 -21.39 -34.70 9.02
CA SER C 118 -21.50 -35.93 9.81
C SER C 118 -20.66 -37.04 9.15
N LEU C 119 -19.61 -37.51 9.82
CA LEU C 119 -18.76 -38.59 9.27
C LEU C 119 -19.54 -39.85 8.87
N THR C 120 -20.37 -40.35 9.77
CA THR C 120 -21.25 -41.49 9.50
C THR C 120 -22.42 -41.16 8.56
N GLN C 121 -22.63 -39.88 8.28
CA GLN C 121 -23.78 -39.40 7.49
C GLN C 121 -25.11 -39.82 8.13
N ARG C 122 -25.30 -39.40 9.38
CA ARG C 122 -26.49 -39.69 10.18
C ARG C 122 -27.80 -39.69 9.34
N PHE C 123 -28.01 -38.66 8.52
CA PHE C 123 -29.31 -38.43 7.88
C PHE C 123 -29.34 -38.59 6.36
N SER C 124 -28.28 -39.17 5.79
CA SER C 124 -28.20 -39.39 4.35
C SER C 124 -29.42 -40.10 3.81
N LYS C 125 -30.02 -40.96 4.64
CA LYS C 125 -31.23 -41.69 4.28
C LYS C 125 -32.39 -40.77 3.88
N TYR C 126 -32.46 -39.58 4.48
CA TYR C 126 -33.62 -38.71 4.31
C TYR C 126 -33.59 -37.81 3.09
N GLY C 127 -32.50 -37.88 2.33
CA GLY C 127 -32.38 -37.15 1.08
C GLY C 127 -31.59 -35.86 1.21
N LYS C 128 -31.81 -34.97 0.24
CA LYS C 128 -31.15 -33.65 0.21
C LYS C 128 -31.96 -32.67 1.07
N ILE C 129 -31.56 -32.59 2.33
CA ILE C 129 -32.31 -31.87 3.33
C ILE C 129 -32.06 -30.38 3.15
N SER C 130 -33.13 -29.59 3.13
CA SER C 130 -33.06 -28.15 2.97
C SER C 130 -34.21 -27.55 3.76
N SER C 131 -33.89 -26.98 4.91
CA SER C 131 -34.90 -26.44 5.83
C SER C 131 -34.47 -25.10 6.39
N SER C 132 -34.65 -24.08 5.58
CA SER C 132 -34.42 -22.73 6.02
C SER C 132 -35.53 -22.37 7.03
N PRO C 133 -35.15 -22.01 8.27
CA PRO C 133 -36.17 -21.66 9.26
C PRO C 133 -37.05 -20.51 8.81
N VAL C 134 -38.34 -20.63 9.05
CA VAL C 134 -39.27 -19.58 8.72
C VAL C 134 -39.12 -18.39 9.65
N ALA C 135 -38.47 -18.62 10.80
CA ALA C 135 -38.28 -17.57 11.79
C ALA C 135 -37.23 -17.94 12.81
N ILE C 136 -36.60 -16.94 13.39
CA ILE C 136 -35.55 -17.18 14.38
C ILE C 136 -35.82 -16.31 15.60
N ILE C 137 -35.93 -16.96 16.75
CA ILE C 137 -35.99 -16.26 18.01
C ILE C 137 -34.60 -16.28 18.57
N ALA C 138 -33.99 -15.11 18.68
CA ALA C 138 -32.65 -14.97 19.23
C ALA C 138 -32.70 -14.15 20.52
N ASP C 139 -32.96 -14.86 21.62
CA ASP C 139 -32.96 -14.28 22.94
C ASP C 139 -31.54 -14.09 23.43
N THR C 140 -31.03 -12.86 23.33
CA THR C 140 -29.64 -12.54 23.68
C THR C 140 -29.26 -12.77 25.15
N SER C 141 -30.24 -12.81 26.06
CA SER C 141 -29.95 -13.02 27.47
C SER C 141 -29.56 -14.46 27.70
N ILE C 142 -30.41 -15.38 27.26
CA ILE C 142 -30.11 -16.83 27.26
C ILE C 142 -28.78 -17.12 26.58
N ILE C 143 -28.62 -16.58 25.38
CA ILE C 143 -27.41 -16.75 24.58
C ILE C 143 -26.20 -16.18 25.33
N LEU C 144 -26.39 -15.01 25.88
CA LEU C 144 -25.33 -14.34 26.55
C LEU C 144 -24.82 -15.06 27.75
N SER C 145 -25.72 -15.52 28.60
CA SER C 145 -25.26 -16.13 29.81
C SER C 145 -24.87 -17.53 29.51
N ALA C 146 -23.76 -17.64 28.79
CA ALA C 146 -23.19 -18.91 28.42
C ALA C 146 -21.73 -18.72 28.56
N PRO C 147 -21.00 -19.78 28.80
CA PRO C 147 -19.57 -19.57 29.02
C PRO C 147 -18.95 -18.68 27.94
N SER C 148 -18.03 -17.79 28.32
CA SER C 148 -17.39 -16.93 27.35
C SER C 148 -16.59 -17.73 26.31
N ARG C 149 -16.12 -18.92 26.72
CA ARG C 149 -15.47 -19.86 25.80
C ARG C 149 -16.27 -20.05 24.54
N LEU C 150 -17.50 -20.53 24.69
CA LEU C 150 -18.30 -20.96 23.56
C LEU C 150 -18.82 -19.81 22.70
N LEU C 151 -18.76 -18.59 23.23
CA LEU C 151 -19.23 -17.41 22.51
C LEU C 151 -18.09 -16.76 21.71
N LYS C 152 -16.91 -16.72 22.30
CA LYS C 152 -15.70 -16.28 21.61
C LYS C 152 -15.28 -17.27 20.51
N ALA C 153 -15.65 -18.54 20.70
CA ALA C 153 -15.40 -19.56 19.68
C ALA C 153 -16.24 -19.31 18.43
N GLY C 154 -17.48 -18.86 18.62
CA GLY C 154 -18.36 -18.49 17.52
C GLY C 154 -17.80 -17.38 16.64
N ILE C 155 -16.92 -16.56 17.20
CA ILE C 155 -16.18 -15.59 16.42
C ILE C 155 -15.14 -16.34 15.59
N GLY C 156 -14.45 -17.27 16.24
CA GLY C 156 -13.47 -18.14 15.60
C GLY C 156 -14.04 -18.82 14.38
N ASP C 157 -15.28 -19.26 14.47
CA ASP C 157 -15.92 -19.91 13.36
C ASP C 157 -16.06 -18.92 12.20
N LEU C 158 -16.48 -17.69 12.51
CA LEU C 158 -16.58 -16.65 11.49
C LEU C 158 -15.25 -16.42 10.75
N LEU C 159 -14.15 -16.47 11.48
CA LEU C 159 -12.84 -16.16 10.90
C LEU C 159 -12.50 -17.09 9.71
N GLY C 160 -12.92 -18.34 9.80
CA GLY C 160 -12.62 -19.31 8.76
C GLY C 160 -13.21 -19.04 7.39
N LYS C 161 -14.05 -18.03 7.26
CA LYS C 161 -14.78 -17.82 6.02
C LYS C 161 -13.90 -17.27 4.90
N ILE C 162 -12.79 -16.63 5.28
CA ILE C 162 -11.76 -16.21 4.32
C ILE C 162 -11.13 -17.40 3.62
N ILE C 163 -10.94 -18.50 4.35
CA ILE C 163 -10.40 -19.73 3.75
C ILE C 163 -11.44 -20.46 2.91
N ALA C 164 -12.66 -20.51 3.43
CA ALA C 164 -13.70 -21.31 2.83
C ALA C 164 -14.05 -20.74 1.47
N VAL C 165 -14.06 -19.43 1.37
CA VAL C 165 -14.34 -18.80 0.09
C VAL C 165 -13.20 -19.09 -0.89
N ARG C 166 -11.96 -19.00 -0.44
CA ARG C 166 -10.85 -19.30 -1.33
C ARG C 166 -10.91 -20.72 -1.86
N ASP C 167 -11.12 -21.68 -0.95
CA ASP C 167 -11.21 -23.08 -1.33
C ASP C 167 -12.30 -23.29 -2.32
N TRP C 168 -13.43 -22.63 -2.11
CA TRP C 168 -14.60 -22.80 -2.96
C TRP C 168 -14.40 -22.23 -4.36
N GLN C 169 -13.72 -21.09 -4.42
CA GLN C 169 -13.31 -20.49 -5.70
C GLN C 169 -12.34 -21.42 -6.46
N LEU C 170 -11.31 -21.88 -5.77
CA LEU C 170 -10.41 -22.89 -6.32
C LEU C 170 -11.13 -24.10 -6.89
N ALA C 171 -12.14 -24.60 -6.19
CA ALA C 171 -12.81 -25.83 -6.56
C ALA C 171 -13.69 -25.57 -7.76
N HIS C 172 -14.27 -24.38 -7.78
CA HIS C 172 -15.06 -23.96 -8.92
C HIS C 172 -14.20 -23.89 -10.19
N ARG C 173 -13.00 -23.33 -10.06
CA ARG C 173 -12.12 -23.14 -11.24
C ARG C 173 -11.44 -24.42 -11.71
N LEU C 174 -11.07 -25.28 -10.76
CA LEU C 174 -10.39 -26.52 -11.08
C LEU C 174 -11.34 -27.66 -11.37
N LYS C 175 -12.38 -27.84 -10.54
CA LYS C 175 -13.33 -28.97 -10.68
C LYS C 175 -14.72 -28.61 -11.19
N GLY C 176 -15.02 -27.33 -11.39
CA GLY C 176 -16.34 -26.95 -11.89
C GLY C 176 -17.48 -27.00 -10.88
N GLU C 177 -17.18 -27.02 -9.58
CA GLU C 177 -18.23 -27.05 -8.55
C GLU C 177 -19.09 -25.78 -8.68
N GLU C 178 -20.41 -25.91 -8.62
CA GLU C 178 -21.33 -24.76 -8.72
C GLU C 178 -20.86 -23.61 -7.83
N TYR C 179 -20.98 -22.40 -8.33
CA TYR C 179 -20.49 -21.25 -7.61
C TYR C 179 -21.49 -20.11 -7.66
N SER C 180 -21.51 -19.33 -6.59
CA SER C 180 -22.32 -18.13 -6.48
C SER C 180 -21.47 -16.99 -5.95
N GLU C 181 -21.10 -16.08 -6.84
CA GLU C 181 -20.33 -14.88 -6.45
C GLU C 181 -21.01 -14.21 -5.25
N TYR C 182 -22.35 -14.13 -5.27
CA TYR C 182 -23.05 -13.42 -4.22
C TYR C 182 -22.94 -14.08 -2.86
N ALA C 183 -23.20 -15.38 -2.81
CA ALA C 183 -23.09 -16.18 -1.57
C ALA C 183 -21.71 -16.04 -0.95
N ALA C 184 -20.66 -15.97 -1.79
CA ALA C 184 -19.30 -15.77 -1.29
C ALA C 184 -19.15 -14.39 -0.70
N HIS C 185 -19.71 -13.39 -1.37
CA HIS C 185 -19.67 -12.02 -0.81
C HIS C 185 -20.40 -11.96 0.49
N LEU C 186 -21.56 -12.62 0.55
CA LEU C 186 -22.34 -12.65 1.77
C LEU C 186 -21.57 -13.31 2.90
N SER C 187 -20.85 -14.38 2.60
CA SER C 187 -20.05 -15.04 3.60
C SER C 187 -18.92 -14.14 4.11
N LEU C 188 -18.30 -13.41 3.20
CA LEU C 188 -17.22 -12.50 3.59
C LEU C 188 -17.74 -11.23 4.27
N THR C 189 -18.92 -10.76 3.87
CA THR C 189 -19.59 -9.71 4.64
C THR C 189 -19.51 -10.10 6.13
N SER C 190 -19.92 -11.33 6.43
CA SER C 190 -19.93 -11.83 7.81
C SER C 190 -18.54 -12.07 8.37
N TYR C 191 -17.57 -12.32 7.50
CA TYR C 191 -16.17 -12.44 7.92
C TYR C 191 -15.60 -11.08 8.26
N LYS C 192 -15.90 -10.10 7.40
CA LYS C 192 -15.45 -8.71 7.57
C LYS C 192 -16.01 -8.06 8.81
N ILE C 193 -17.23 -8.44 9.21
CA ILE C 193 -17.83 -7.99 10.46
C ILE C 193 -17.03 -8.49 11.65
N ALA C 194 -16.58 -9.75 11.60
CA ALA C 194 -15.83 -10.37 12.68
C ALA C 194 -14.46 -9.76 12.94
N VAL C 195 -13.86 -9.13 11.93
CA VAL C 195 -12.56 -8.48 12.11
C VAL C 195 -12.75 -7.00 12.50
N GLY C 196 -13.72 -6.34 11.85
CA GLY C 196 -14.01 -4.94 12.14
C GLY C 196 -14.54 -4.70 13.54
N ASN C 197 -15.28 -5.68 14.06
CA ASN C 197 -15.80 -5.62 15.41
C ASN C 197 -15.06 -6.61 16.32
N ALA C 198 -13.80 -6.89 15.98
CA ALA C 198 -13.00 -7.86 16.74
C ALA C 198 -12.75 -7.38 18.17
N GLN C 199 -11.93 -6.33 18.31
CA GLN C 199 -11.59 -5.75 19.61
C GLN C 199 -12.85 -5.33 20.36
N LYS C 200 -13.76 -4.70 19.62
CA LYS C 200 -14.98 -4.14 20.18
C LYS C 200 -15.72 -5.12 21.10
N ILE C 201 -16.09 -6.28 20.59
CA ILE C 201 -16.90 -7.23 21.34
C ILE C 201 -16.26 -8.44 21.98
N LYS C 202 -14.95 -8.52 22.00
CA LYS C 202 -14.31 -9.73 22.50
C LYS C 202 -14.80 -10.14 23.87
N ASN C 203 -15.04 -9.21 24.76
CA ASN C 203 -15.52 -9.54 26.08
C ASN C 203 -16.96 -10.09 26.27
N PHE C 204 -17.91 -9.52 25.57
CA PHE C 204 -19.33 -9.89 25.68
C PHE C 204 -19.94 -9.47 27.02
N ILE C 205 -19.80 -8.19 27.39
CA ILE C 205 -20.44 -7.67 28.61
C ILE C 205 -21.91 -7.34 28.35
N ARG C 206 -22.21 -6.95 27.13
CA ARG C 206 -23.54 -6.49 26.75
C ARG C 206 -24.08 -7.34 25.61
N GLU C 207 -25.40 -7.31 25.44
CA GLU C 207 -26.06 -8.02 24.36
C GLU C 207 -25.72 -7.37 23.01
N GLU C 208 -25.45 -6.07 23.02
CA GLU C 208 -25.05 -5.36 21.79
C GLU C 208 -23.88 -6.08 21.11
N ASP C 209 -23.05 -6.73 21.91
CA ASP C 209 -21.90 -7.51 21.42
C ASP C 209 -22.31 -8.78 20.68
N VAL C 210 -23.31 -9.50 21.20
CA VAL C 210 -23.74 -10.76 20.60
C VAL C 210 -24.80 -10.56 19.51
N ARG C 211 -25.46 -9.40 19.51
CA ARG C 211 -26.37 -9.06 18.41
CA ARG C 211 -26.35 -8.97 18.41
C ARG C 211 -25.59 -9.00 17.09
N VAL C 212 -24.31 -8.62 17.18
CA VAL C 212 -23.43 -8.53 16.02
C VAL C 212 -23.00 -9.94 15.62
N LEU C 213 -22.57 -10.71 16.62
CA LEU C 213 -22.17 -12.10 16.42
C LEU C 213 -23.27 -12.89 15.71
N VAL C 214 -24.43 -12.94 16.34
CA VAL C 214 -25.51 -13.83 15.90
C VAL C 214 -26.03 -13.43 14.52
N LYS C 215 -26.18 -12.13 14.27
CA LYS C 215 -26.54 -11.68 12.92
C LYS C 215 -25.51 -12.16 11.91
N ALA C 216 -24.23 -12.05 12.24
CA ALA C 216 -23.16 -12.47 11.36
C ALA C 216 -23.23 -13.99 11.07
N LEU C 217 -23.54 -14.78 12.09
CA LEU C 217 -23.70 -16.23 11.92
C LEU C 217 -24.93 -16.56 11.09
N ILE C 218 -25.99 -15.82 11.32
CA ILE C 218 -27.23 -16.00 10.61
C ILE C 218 -27.01 -15.75 9.12
N GLY C 219 -26.19 -14.73 8.83
CA GLY C 219 -25.88 -14.34 7.46
C GLY C 219 -25.12 -15.42 6.73
N CYS C 220 -24.18 -16.06 7.44
CA CYS C 220 -23.51 -17.22 6.89
C CYS C 220 -24.52 -18.31 6.50
N GLY C 221 -25.54 -18.54 7.34
CA GLY C 221 -26.55 -19.56 7.09
C GLY C 221 -27.25 -19.30 5.78
N VAL C 222 -27.61 -18.05 5.57
CA VAL C 222 -28.33 -17.64 4.37
C VAL C 222 -27.40 -17.76 3.15
N ALA C 223 -26.11 -17.49 3.33
CA ALA C 223 -25.13 -17.67 2.25
C ALA C 223 -25.15 -19.12 1.74
N MET C 224 -25.09 -20.06 2.69
CA MET C 224 -25.10 -21.47 2.33
C MET C 224 -26.35 -21.76 1.54
N GLY C 225 -27.45 -21.14 1.98
CA GLY C 225 -28.73 -21.30 1.34
C GLY C 225 -28.73 -20.85 -0.09
N ILE C 226 -28.06 -19.74 -0.37
CA ILE C 226 -27.92 -19.23 -1.74
C ILE C 226 -26.98 -20.11 -2.54
N ALA C 227 -25.85 -20.44 -1.92
CA ALA C 227 -24.84 -21.26 -2.56
C ALA C 227 -25.36 -22.65 -2.93
N GLY C 228 -26.27 -23.19 -2.12
CA GLY C 228 -26.77 -24.55 -2.34
C GLY C 228 -26.09 -25.55 -1.41
N SER C 229 -25.18 -25.10 -0.55
CA SER C 229 -24.47 -26.01 0.33
C SER C 229 -23.63 -25.21 1.31
N SER C 230 -22.93 -25.89 2.22
CA SER C 230 -22.07 -25.19 3.20
C SER C 230 -20.72 -24.69 2.68
N ARG C 231 -20.44 -24.83 1.37
CA ARG C 231 -19.12 -24.46 0.84
C ARG C 231 -18.69 -23.01 1.10
N PRO C 232 -19.62 -22.05 1.00
CA PRO C 232 -19.21 -20.67 1.30
C PRO C 232 -18.69 -20.48 2.72
N CYS C 233 -19.14 -21.30 3.65
CA CYS C 233 -18.79 -21.07 5.05
C CYS C 233 -17.94 -22.14 5.71
N SER C 234 -17.57 -23.17 4.94
CA SER C 234 -16.86 -24.32 5.50
C SER C 234 -15.95 -24.99 4.45
N GLY C 235 -14.65 -24.86 4.63
CA GLY C 235 -13.67 -25.47 3.74
C GLY C 235 -12.59 -26.17 4.55
N SER C 236 -11.33 -26.03 4.13
CA SER C 236 -10.22 -26.77 4.69
C SER C 236 -10.07 -26.54 6.19
N GLU C 237 -10.34 -25.32 6.62
CA GLU C 237 -10.25 -24.95 8.03
C GLU C 237 -11.23 -25.74 8.90
N HIS C 238 -12.42 -26.04 8.35
CA HIS C 238 -13.39 -26.88 9.06
C HIS C 238 -13.04 -28.35 8.92
N LEU C 239 -12.42 -28.73 7.80
CA LEU C 239 -11.96 -30.11 7.65
C LEU C 239 -10.97 -30.42 8.76
N PHE C 240 -10.06 -29.49 9.01
CA PHE C 240 -9.16 -29.61 10.13
C PHE C 240 -9.92 -29.90 11.43
N ALA C 241 -10.84 -29.00 11.78
CA ALA C 241 -11.69 -29.18 12.97
C ALA C 241 -12.37 -30.53 12.97
N HIS C 242 -13.08 -30.84 11.89
CA HIS C 242 -13.82 -32.09 11.82
C HIS C 242 -12.90 -33.30 11.97
N ALA C 243 -11.67 -33.20 11.47
CA ALA C 243 -10.72 -34.34 11.51
C ALA C 243 -10.11 -34.49 12.91
N ILE C 244 -10.09 -33.42 13.69
CA ILE C 244 -9.69 -33.51 15.07
C ILE C 244 -10.82 -34.10 15.88
N GLU C 245 -12.00 -33.48 15.80
CA GLU C 245 -13.08 -33.77 16.73
C GLU C 245 -13.66 -35.16 16.53
N VAL C 246 -13.32 -35.76 15.39
CA VAL C 246 -13.58 -37.17 15.11
C VAL C 246 -12.56 -38.07 15.83
N ARG C 247 -11.37 -37.55 16.09
CA ARG C 247 -10.30 -38.27 16.80
C ARG C 247 -10.14 -37.92 18.29
N VAL C 248 -11.07 -37.16 18.86
CA VAL C 248 -11.15 -37.03 20.32
C VAL C 248 -12.19 -38.03 20.85
N GLU C 249 -11.97 -38.52 22.07
CA GLU C 249 -12.91 -39.45 22.72
C GLU C 249 -14.25 -38.77 22.94
N LYS C 250 -14.22 -37.69 23.72
CA LYS C 250 -15.40 -36.86 23.91
C LYS C 250 -15.11 -35.51 23.26
N GLU C 251 -16.10 -34.99 22.54
CA GLU C 251 -16.03 -33.60 22.03
C GLU C 251 -15.89 -32.59 23.18
N ASP C 252 -16.40 -32.96 24.36
CA ASP C 252 -16.31 -32.15 25.60
C ASP C 252 -14.93 -31.54 25.86
N GLU C 253 -13.88 -32.31 25.54
CA GLU C 253 -12.49 -31.87 25.75
C GLU C 253 -11.92 -31.05 24.57
N VAL C 254 -12.79 -30.50 23.72
CA VAL C 254 -12.34 -29.61 22.64
C VAL C 254 -13.50 -28.80 22.03
N VAL C 255 -13.22 -27.60 21.55
CA VAL C 255 -14.29 -26.73 21.01
C VAL C 255 -14.08 -26.34 19.53
N HIS C 256 -15.19 -26.46 18.79
CA HIS C 256 -15.22 -26.30 17.34
C HIS C 256 -14.61 -25.00 16.82
N GLY C 257 -15.13 -23.88 17.30
CA GLY C 257 -14.69 -22.57 16.86
C GLY C 257 -13.22 -22.25 17.11
N GLU C 258 -12.62 -22.89 18.13
CA GLU C 258 -11.19 -22.73 18.39
C GLU C 258 -10.40 -23.48 17.35
N LEU C 259 -10.77 -24.75 17.16
CA LEU C 259 -10.19 -25.61 16.15
C LEU C 259 -10.31 -24.98 14.75
N VAL C 260 -11.48 -24.43 14.45
CA VAL C 260 -11.68 -23.72 13.20
C VAL C 260 -10.69 -22.57 13.10
N ALA C 261 -10.56 -21.80 14.18
CA ALA C 261 -9.65 -20.66 14.20
C ALA C 261 -8.20 -21.11 14.04
N LEU C 262 -7.83 -22.18 14.74
CA LEU C 262 -6.53 -22.81 14.54
C LEU C 262 -6.36 -23.29 13.10
N GLY C 263 -7.38 -23.95 12.56
CA GLY C 263 -7.39 -24.41 11.16
C GLY C 263 -7.22 -23.28 10.16
N THR C 264 -7.86 -22.16 10.44
CA THR C 264 -7.74 -20.95 9.65
C THR C 264 -6.30 -20.42 9.54
N ILE C 265 -5.55 -20.43 10.66
CA ILE C 265 -4.16 -19.98 10.65
C ILE C 265 -3.37 -20.90 9.72
N ILE C 266 -3.63 -22.19 9.86
CA ILE C 266 -2.90 -23.19 9.09
C ILE C 266 -3.21 -23.06 7.59
N MET C 267 -4.48 -22.97 7.25
CA MET C 267 -4.89 -22.96 5.86
C MET C 267 -4.51 -21.63 5.20
N ALA C 268 -4.45 -20.55 5.97
CA ALA C 268 -3.96 -19.28 5.46
C ALA C 268 -2.52 -19.43 4.98
N TYR C 269 -1.66 -19.99 5.83
CA TYR C 269 -0.31 -20.30 5.42
C TYR C 269 -0.29 -21.12 4.11
N LEU C 270 -1.11 -22.17 4.03
CA LEU C 270 -1.10 -23.04 2.85
C LEU C 270 -1.55 -22.31 1.59
N HIS C 271 -2.51 -21.41 1.78
CA HIS C 271 -2.99 -20.58 0.70
C HIS C 271 -1.98 -19.51 0.28
N GLY C 272 -1.03 -19.16 1.15
CA GLY C 272 -0.08 -18.09 0.85
C GLY C 272 -0.75 -16.72 0.87
N ILE C 273 -1.49 -16.47 1.95
CA ILE C 273 -2.10 -15.19 2.23
C ILE C 273 -1.64 -14.80 3.64
N ASN C 274 -2.10 -13.66 4.15
CA ASN C 274 -1.59 -13.17 5.40
C ASN C 274 -2.20 -13.93 6.56
N TRP C 275 -1.39 -14.80 7.14
CA TRP C 275 -1.80 -15.57 8.29
C TRP C 275 -1.40 -14.90 9.58
N ARG C 276 -0.31 -14.13 9.56
CA ARG C 276 0.17 -13.46 10.76
C ARG C 276 -0.96 -12.64 11.38
N ARG C 277 -1.69 -11.93 10.53
CA ARG C 277 -2.81 -11.10 10.94
C ARG C 277 -3.95 -11.89 11.60
N ILE C 278 -4.31 -13.03 11.01
CA ILE C 278 -5.42 -13.81 11.55
C ILE C 278 -5.10 -14.34 12.95
N LYS C 279 -3.84 -14.67 13.21
CA LYS C 279 -3.39 -14.91 14.58
C LYS C 279 -3.56 -13.66 15.46
N ARG C 280 -3.11 -12.51 14.94
CA ARG C 280 -3.20 -11.25 15.68
C ARG C 280 -4.63 -10.95 16.11
N ILE C 281 -5.62 -11.33 15.28
CA ILE C 281 -7.01 -11.17 15.65
C ILE C 281 -7.42 -12.26 16.65
N ALA C 282 -6.96 -13.48 16.43
CA ALA C 282 -7.33 -14.60 17.29
C ALA C 282 -6.89 -14.39 18.74
N ASP C 283 -5.68 -13.87 18.94
CA ASP C 283 -5.17 -13.58 20.28
C ASP C 283 -6.04 -12.54 20.94
N ILE C 284 -6.25 -11.44 20.22
CA ILE C 284 -7.04 -10.31 20.68
C ILE C 284 -8.45 -10.73 21.12
N ILE C 285 -9.03 -11.71 20.43
CA ILE C 285 -10.31 -12.28 20.85
C ILE C 285 -10.14 -13.15 22.10
N GLY C 286 -8.96 -13.75 22.24
CA GLY C 286 -8.69 -14.68 23.34
C GLY C 286 -8.89 -16.13 22.94
N LEU C 287 -8.75 -16.42 21.66
CA LEU C 287 -8.75 -17.80 21.19
C LEU C 287 -7.33 -18.32 21.27
N PRO C 288 -7.17 -19.62 21.56
CA PRO C 288 -5.83 -20.20 21.61
C PRO C 288 -5.16 -20.16 20.23
N THR C 289 -3.93 -19.69 20.20
CA THR C 289 -3.17 -19.58 18.95
C THR C 289 -1.93 -20.47 19.02
N SER C 290 -2.12 -21.65 19.58
CA SER C 290 -1.07 -22.65 19.75
C SER C 290 -1.76 -23.99 19.97
N LEU C 291 -1.12 -25.07 19.55
CA LEU C 291 -1.75 -26.34 19.77
C LEU C 291 -1.78 -26.61 21.26
N ARG C 292 -0.66 -26.35 21.91
CA ARG C 292 -0.57 -26.64 23.31
C ARG C 292 -1.58 -25.87 24.11
N GLN C 293 -1.86 -24.66 23.67
CA GLN C 293 -2.81 -23.77 24.30
C GLN C 293 -4.19 -24.34 24.27
N ALA C 294 -4.40 -25.23 23.32
CA ALA C 294 -5.69 -25.89 23.17
C ALA C 294 -5.57 -27.35 23.62
N ASN C 295 -4.46 -27.69 24.25
CA ASN C 295 -4.17 -29.07 24.67
C ASN C 295 -4.43 -30.07 23.55
N ILE C 296 -3.99 -29.72 22.35
CA ILE C 296 -4.08 -30.61 21.21
C ILE C 296 -2.73 -31.25 21.01
N ASP C 297 -2.69 -32.57 21.02
CA ASP C 297 -1.46 -33.33 20.86
C ASP C 297 -0.85 -33.13 19.47
N VAL C 298 0.43 -32.79 19.43
CA VAL C 298 1.16 -32.64 18.16
C VAL C 298 0.87 -33.74 17.13
N ASP C 299 0.91 -35.00 17.56
CA ASP C 299 0.70 -36.13 16.64
C ASP C 299 -0.75 -36.26 16.20
N LEU C 300 -1.67 -35.74 17.02
CA LEU C 300 -3.08 -35.73 16.66
C LEU C 300 -3.32 -34.73 15.53
N ALA C 301 -2.71 -33.55 15.60
CA ALA C 301 -2.81 -32.56 14.53
C ALA C 301 -2.26 -33.09 13.21
N LEU C 302 -1.09 -33.71 13.25
CA LEU C 302 -0.46 -34.20 12.02
C LEU C 302 -1.29 -35.30 11.37
N GLU C 303 -1.95 -36.13 12.17
CA GLU C 303 -2.76 -37.19 11.60
C GLU C 303 -4.04 -36.64 10.98
N ALA C 304 -4.59 -35.60 11.59
CA ALA C 304 -5.77 -34.92 11.06
C ALA C 304 -5.43 -34.15 9.76
N LEU C 305 -4.38 -33.33 9.84
CA LEU C 305 -3.90 -32.56 8.71
C LEU C 305 -3.64 -33.43 7.49
N THR C 306 -3.05 -34.61 7.68
CA THR C 306 -2.68 -35.47 6.56
C THR C 306 -3.84 -36.36 6.04
N THR C 307 -4.97 -36.36 6.72
CA THR C 307 -6.11 -37.18 6.29
C THR C 307 -7.35 -36.36 5.90
N ALA C 308 -7.36 -35.06 6.22
CA ALA C 308 -8.55 -34.23 6.08
C ALA C 308 -9.06 -34.11 4.66
N HIS C 309 -8.19 -34.31 3.69
CA HIS C 309 -8.61 -34.32 2.28
C HIS C 309 -9.47 -35.49 1.87
N THR C 310 -9.67 -36.44 2.79
CA THR C 310 -10.43 -37.63 2.47
C THR C 310 -11.80 -37.58 3.07
N LEU C 311 -12.01 -36.69 4.05
CA LEU C 311 -13.31 -36.55 4.71
C LEU C 311 -14.46 -36.25 3.76
N ARG C 312 -14.21 -35.41 2.76
CA ARG C 312 -15.29 -34.95 1.90
C ARG C 312 -14.81 -35.00 0.48
N PRO C 313 -14.78 -36.21 -0.11
CA PRO C 313 -14.17 -36.46 -1.42
C PRO C 313 -14.75 -35.64 -2.58
N ASP C 314 -15.98 -35.19 -2.46
CA ASP C 314 -16.62 -34.38 -3.49
C ASP C 314 -16.43 -32.88 -3.23
N ARG C 315 -15.53 -32.56 -2.31
CA ARG C 315 -15.22 -31.19 -2.01
C ARG C 315 -13.73 -30.95 -2.06
N TYR C 316 -13.34 -30.11 -3.00
CA TYR C 316 -11.96 -29.81 -3.23
C TYR C 316 -11.56 -28.56 -2.47
N THR C 317 -10.41 -28.64 -1.79
CA THR C 317 -9.83 -27.51 -1.11
C THR C 317 -8.35 -27.35 -1.45
N ILE C 318 -7.69 -26.37 -0.86
CA ILE C 318 -6.24 -26.20 -0.97
C ILE C 318 -5.48 -27.48 -0.58
N LEU C 319 -6.13 -28.39 0.14
CA LEU C 319 -5.46 -29.64 0.53
C LEU C 319 -5.19 -30.50 -0.68
N GLY C 320 -5.94 -30.25 -1.75
CA GLY C 320 -5.82 -30.99 -2.99
C GLY C 320 -5.84 -32.47 -2.72
N ASP C 321 -4.68 -33.07 -2.99
CA ASP C 321 -4.40 -34.50 -3.03
C ASP C 321 -3.96 -35.04 -1.67
N GLY C 322 -3.49 -34.14 -0.80
CA GLY C 322 -2.94 -34.53 0.49
C GLY C 322 -1.87 -33.57 0.93
N LEU C 323 -2.04 -33.00 2.11
CA LEU C 323 -0.95 -32.31 2.73
C LEU C 323 -0.07 -33.43 3.26
N SER C 324 1.19 -33.45 2.87
CA SER C 324 2.10 -34.51 3.36
C SER C 324 2.48 -34.24 4.82
N ARG C 325 2.94 -35.29 5.49
CA ARG C 325 3.28 -35.19 6.90
C ARG C 325 4.38 -34.15 7.14
N GLU C 326 5.50 -34.33 6.44
CA GLU C 326 6.60 -33.37 6.47
C GLU C 326 6.12 -31.92 6.19
N ALA C 327 5.19 -31.76 5.25
CA ALA C 327 4.61 -30.45 4.92
C ALA C 327 3.75 -29.91 6.07
N ALA C 328 3.04 -30.77 6.76
CA ALA C 328 2.20 -30.35 7.88
C ALA C 328 3.05 -29.98 9.11
N LYS C 329 4.10 -30.76 9.37
CA LYS C 329 5.06 -30.45 10.43
C LYS C 329 5.54 -29.00 10.26
N ARG C 330 6.09 -28.71 9.08
CA ARG C 330 6.64 -27.40 8.75
C ARG C 330 5.60 -26.28 8.86
N ALA C 331 4.39 -26.57 8.43
CA ALA C 331 3.33 -25.57 8.49
C ALA C 331 3.11 -25.18 9.94
N LEU C 332 2.91 -26.17 10.80
CA LEU C 332 2.71 -25.94 12.24
C LEU C 332 3.85 -25.09 12.83
N GLU C 333 5.09 -25.33 12.37
CA GLU C 333 6.26 -24.56 12.83
C GLU C 333 6.24 -23.10 12.39
N ASP C 334 6.12 -22.87 11.07
CA ASP C 334 6.19 -21.51 10.53
C ASP C 334 5.07 -20.62 11.03
N VAL C 335 3.96 -21.24 11.35
CA VAL C 335 2.82 -20.53 11.88
C VAL C 335 2.89 -20.54 13.38
N GLU C 336 3.83 -21.26 13.94
CA GLU C 336 4.01 -21.31 15.37
C GLU C 336 2.97 -21.95 16.27
N LEU C 337 2.18 -22.87 15.77
CA LEU C 337 1.23 -23.58 16.60
C LEU C 337 2.05 -24.45 17.53
N ILE C 338 3.14 -24.97 17.00
CA ILE C 338 4.09 -25.75 17.78
C ILE C 338 5.40 -24.96 17.84
N LYS D 3 -35.75 -3.37 25.73
CA LYS D 3 -36.00 -3.05 24.29
C LYS D 3 -35.69 -4.26 23.41
N VAL D 4 -36.74 -4.78 22.77
CA VAL D 4 -36.66 -5.99 21.97
C VAL D 4 -37.13 -5.67 20.56
N GLU D 5 -36.29 -5.96 19.56
CA GLU D 5 -36.64 -5.61 18.19
C GLU D 5 -36.86 -6.85 17.35
N ARG D 6 -37.75 -6.70 16.39
CA ARG D 6 -38.15 -7.77 15.50
C ARG D 6 -38.12 -7.21 14.09
N PHE D 7 -37.59 -7.98 13.15
CA PHE D 7 -37.55 -7.54 11.77
C PHE D 7 -37.83 -8.63 10.75
N GLU D 8 -38.24 -8.17 9.57
CA GLU D 8 -38.73 -9.00 8.51
C GLU D 8 -37.86 -8.78 7.29
N VAL D 9 -37.73 -9.83 6.48
CA VAL D 9 -37.05 -9.78 5.20
C VAL D 9 -37.79 -10.74 4.28
N PRO D 10 -37.56 -10.67 2.97
CA PRO D 10 -38.33 -11.57 2.12
C PRO D 10 -38.04 -13.04 2.43
N ARG D 11 -39.08 -13.88 2.38
CA ARG D 11 -38.97 -15.31 2.68
C ARG D 11 -38.35 -16.08 1.52
N THR D 12 -38.78 -15.79 0.31
CA THR D 12 -38.37 -16.53 -0.86
C THR D 12 -37.91 -15.57 -1.95
N ILE D 13 -36.80 -15.93 -2.59
CA ILE D 13 -36.28 -15.19 -3.71
C ILE D 13 -36.02 -16.14 -4.85
N ILE D 14 -36.68 -15.89 -5.97
CA ILE D 14 -36.52 -16.64 -7.19
C ILE D 14 -35.99 -15.66 -8.21
N PHE D 15 -34.85 -16.03 -8.79
CA PHE D 15 -33.98 -15.07 -9.46
C PHE D 15 -33.36 -15.69 -10.70
N GLY D 16 -33.56 -15.06 -11.85
CA GLY D 16 -32.90 -15.51 -13.05
C GLY D 16 -33.76 -15.58 -14.30
N PRO D 17 -33.18 -16.03 -15.43
CA PRO D 17 -33.87 -16.07 -16.73
C PRO D 17 -35.08 -16.98 -16.68
N GLY D 18 -36.28 -16.41 -16.81
CA GLY D 18 -37.52 -17.19 -16.73
C GLY D 18 -38.21 -17.28 -15.37
N ALA D 19 -37.63 -16.65 -14.34
CA ALA D 19 -38.20 -16.68 -12.98
C ALA D 19 -39.70 -16.41 -12.91
N LEU D 20 -40.25 -15.66 -13.86
CA LEU D 20 -41.68 -15.34 -13.84
C LEU D 20 -42.51 -16.60 -13.90
N GLU D 21 -42.01 -17.60 -14.62
CA GLU D 21 -42.71 -18.88 -14.77
C GLU D 21 -42.83 -19.65 -13.47
N LYS D 22 -42.01 -19.32 -12.47
CA LYS D 22 -42.09 -19.98 -11.18
C LYS D 22 -42.90 -19.19 -10.14
N THR D 23 -43.70 -18.23 -10.61
CA THR D 23 -44.44 -17.35 -9.70
C THR D 23 -45.38 -18.11 -8.75
N PRO D 24 -46.12 -19.11 -9.26
CA PRO D 24 -47.10 -19.77 -8.41
C PRO D 24 -46.49 -20.50 -7.21
N GLU D 25 -45.21 -20.81 -7.28
CA GLU D 25 -44.54 -21.50 -6.18
C GLU D 25 -44.58 -20.71 -4.89
N VAL D 26 -44.71 -19.38 -4.97
CA VAL D 26 -44.69 -18.52 -3.76
C VAL D 26 -46.06 -17.93 -3.41
N ILE D 27 -47.09 -18.36 -4.13
CA ILE D 27 -48.43 -17.83 -3.95
C ILE D 27 -49.33 -18.87 -3.29
N PRO D 28 -49.81 -18.58 -2.06
CA PRO D 28 -50.75 -19.49 -1.38
C PRO D 28 -51.89 -20.01 -2.28
N PRO D 29 -52.31 -21.28 -2.11
CA PRO D 29 -53.39 -21.85 -2.94
C PRO D 29 -54.76 -21.18 -2.75
N SER D 30 -54.99 -20.62 -1.57
CA SER D 30 -56.21 -19.85 -1.28
C SER D 30 -55.97 -18.33 -1.21
N GLY D 31 -56.96 -17.59 -1.68
CA GLY D 31 -56.95 -16.13 -1.66
C GLY D 31 -57.35 -15.59 -3.02
N ARG D 32 -57.99 -14.42 -3.02
CA ARG D 32 -58.22 -13.67 -4.26
C ARG D 32 -57.18 -12.54 -4.40
N VAL D 33 -56.57 -12.47 -5.57
CA VAL D 33 -55.33 -11.71 -5.79
C VAL D 33 -55.52 -10.38 -6.50
N LEU D 34 -54.89 -9.35 -5.97
CA LEU D 34 -54.80 -8.05 -6.65
C LEU D 34 -53.46 -7.98 -7.35
N ILE D 35 -53.48 -7.83 -8.67
CA ILE D 35 -52.26 -7.62 -9.44
C ILE D 35 -52.19 -6.16 -9.89
N ILE D 36 -51.25 -5.40 -9.32
CA ILE D 36 -51.00 -4.03 -9.78
C ILE D 36 -49.82 -3.94 -10.73
N THR D 37 -50.04 -3.31 -11.89
CA THR D 37 -49.02 -3.19 -12.91
C THR D 37 -49.01 -1.80 -13.51
N GLY D 38 -48.16 -1.57 -14.51
CA GLY D 38 -48.16 -0.30 -15.24
C GLY D 38 -49.15 -0.31 -16.40
N LYS D 39 -48.93 0.63 -17.29
CA LYS D 39 -49.83 0.90 -18.38
C LYS D 39 -49.42 0.61 -19.78
N SER D 40 -48.31 -0.07 -20.02
CA SER D 40 -47.96 -0.34 -21.41
C SER D 40 -47.22 -1.65 -21.58
N SER D 41 -45.90 -1.57 -21.52
CA SER D 41 -45.05 -2.74 -21.66
C SER D 41 -45.28 -3.74 -20.54
N THR D 42 -45.51 -3.23 -19.33
CA THR D 42 -45.68 -4.13 -18.17
C THR D 42 -47.01 -4.87 -18.14
N ARG D 43 -47.96 -4.48 -19.01
CA ARG D 43 -49.31 -5.06 -18.97
C ARG D 43 -49.24 -6.55 -19.38
N LYS D 44 -48.46 -6.87 -20.40
CA LYS D 44 -48.33 -8.28 -20.81
C LYS D 44 -47.80 -9.23 -19.73
N TYR D 45 -46.88 -8.75 -18.90
CA TYR D 45 -46.29 -9.60 -17.86
C TYR D 45 -47.29 -9.97 -16.80
N ALA D 46 -48.10 -8.99 -16.40
CA ALA D 46 -49.23 -9.20 -15.48
C ALA D 46 -50.26 -10.21 -16.00
N GLU D 47 -50.46 -10.22 -17.32
CA GLU D 47 -51.42 -11.12 -17.96
C GLU D 47 -50.87 -12.53 -17.95
N ARG D 48 -49.58 -12.64 -18.24
CA ARG D 48 -48.83 -13.88 -18.14
C ARG D 48 -48.94 -14.51 -16.75
N VAL D 49 -48.85 -13.70 -15.71
CA VAL D 49 -48.93 -14.18 -14.32
C VAL D 49 -50.37 -14.54 -13.97
N ALA D 50 -51.33 -13.81 -14.52
CA ALA D 50 -52.74 -14.12 -14.25
C ALA D 50 -53.09 -15.51 -14.78
N GLU D 51 -52.52 -15.87 -15.93
CA GLU D 51 -52.68 -17.20 -16.53
C GLU D 51 -52.07 -18.29 -15.67
N LEU D 52 -50.87 -18.06 -15.16
CA LEU D 52 -50.16 -19.05 -14.35
C LEU D 52 -50.92 -19.39 -13.06
N LEU D 53 -51.53 -18.38 -12.44
CA LEU D 53 -52.26 -18.60 -11.20
C LEU D 53 -53.55 -19.38 -11.47
N LYS D 54 -53.88 -20.27 -10.54
CA LYS D 54 -55.11 -21.07 -10.63
C LYS D 54 -56.22 -20.38 -9.82
N GLN D 55 -56.02 -19.10 -9.50
CA GLN D 55 -56.88 -18.42 -8.54
C GLN D 55 -57.60 -17.21 -9.11
N ASN D 56 -58.56 -16.75 -8.33
CA ASN D 56 -59.27 -15.52 -8.57
C ASN D 56 -58.25 -14.39 -8.53
N CYS D 57 -58.15 -13.63 -9.61
CA CYS D 57 -57.29 -12.45 -9.59
C CYS D 57 -57.79 -11.36 -10.52
N GLU D 58 -57.20 -10.17 -10.40
CA GLU D 58 -57.71 -8.98 -11.06
C GLU D 58 -56.54 -8.04 -11.40
N ILE D 59 -56.40 -7.68 -12.67
CA ILE D 59 -55.34 -6.78 -13.12
C ILE D 59 -55.85 -5.35 -13.20
N ILE D 60 -55.06 -4.42 -12.68
CA ILE D 60 -55.42 -3.02 -12.58
C ILE D 60 -54.17 -2.14 -12.58
N SER D 61 -54.18 -1.11 -13.43
CA SER D 61 -53.06 -0.18 -13.51
C SER D 61 -52.86 0.52 -12.18
N TYR D 62 -51.62 0.90 -11.90
CA TYR D 62 -51.32 1.56 -10.63
C TYR D 62 -52.13 2.82 -10.44
N ASP D 63 -52.50 3.49 -11.54
CA ASP D 63 -53.23 4.79 -11.47
C ASP D 63 -54.76 4.66 -11.46
N GLN D 64 -55.27 3.43 -11.49
CA GLN D 64 -56.70 3.19 -11.37
C GLN D 64 -57.08 2.56 -10.03
N VAL D 65 -56.13 2.22 -9.20
CA VAL D 65 -56.46 1.66 -7.92
C VAL D 65 -57.05 2.59 -6.89
N GLU D 66 -58.04 2.07 -6.17
CA GLU D 66 -58.65 2.80 -5.10
C GLU D 66 -57.98 2.11 -3.94
N LEU D 67 -57.10 2.83 -3.25
CA LEU D 67 -56.38 2.27 -2.16
C LEU D 67 -57.21 2.04 -0.96
N GLU D 68 -58.42 2.57 -0.93
CA GLU D 68 -59.29 2.37 0.22
C GLU D 68 -60.11 1.10 0.12
N LYS D 69 -60.64 0.81 -1.05
CA LYS D 69 -61.50 -0.34 -1.15
C LYS D 69 -60.78 -1.57 -0.71
N PRO D 70 -61.52 -2.43 -0.01
CA PRO D 70 -61.09 -3.72 0.55
C PRO D 70 -61.44 -4.88 -0.36
N GLY D 71 -61.04 -6.10 0.01
CA GLY D 71 -61.33 -7.26 -0.83
C GLY D 71 -60.33 -8.21 -1.44
N PHE D 72 -59.07 -8.03 -1.12
CA PHE D 72 -58.02 -8.91 -1.64
C PHE D 72 -57.15 -9.45 -0.50
N ASP D 73 -56.78 -10.72 -0.64
CA ASP D 73 -56.00 -11.43 0.38
C ASP D 73 -54.52 -11.31 0.13
N LEU D 74 -54.16 -11.02 -1.11
CA LEU D 74 -52.77 -11.00 -1.56
C LEU D 74 -52.59 -9.97 -2.68
N VAL D 75 -51.56 -9.15 -2.55
CA VAL D 75 -51.28 -8.09 -3.53
C VAL D 75 -49.97 -8.37 -4.25
N ILE D 76 -50.03 -8.45 -5.57
CA ILE D 76 -48.83 -8.56 -6.39
C ILE D 76 -48.53 -7.22 -7.09
N GLY D 77 -47.27 -6.80 -7.03
CA GLY D 77 -46.82 -5.67 -7.81
C GLY D 77 -45.92 -6.20 -8.89
N ILE D 78 -46.26 -5.91 -10.14
CA ILE D 78 -45.44 -6.35 -11.26
C ILE D 78 -45.27 -5.18 -12.22
N GLY D 79 -44.02 -4.83 -12.51
CA GLY D 79 -43.71 -3.67 -13.32
C GLY D 79 -42.50 -2.91 -12.81
N GLY D 80 -42.41 -1.62 -13.17
CA GLY D 80 -41.30 -0.79 -12.76
C GLY D 80 -41.51 -0.35 -11.32
N GLY D 81 -40.72 0.62 -10.85
CA GLY D 81 -40.82 1.06 -9.46
C GLY D 81 -42.19 1.57 -9.04
N ARG D 82 -42.98 2.06 -10.00
CA ARG D 82 -44.25 2.70 -9.70
C ARG D 82 -45.35 1.69 -9.29
N PRO D 83 -45.55 0.62 -10.09
CA PRO D 83 -46.58 -0.31 -9.64
C PRO D 83 -46.17 -1.05 -8.38
N LEU D 84 -44.89 -1.37 -8.24
CA LEU D 84 -44.42 -2.00 -7.01
C LEU D 84 -44.70 -1.10 -5.81
N ASP D 85 -44.41 0.20 -5.93
CA ASP D 85 -44.69 1.17 -4.86
C ASP D 85 -46.15 1.14 -4.45
N MET D 86 -47.04 1.22 -5.43
CA MET D 86 -48.48 1.32 -5.18
C MET D 86 -49.00 0.05 -4.53
N ALA D 87 -48.50 -1.09 -4.99
CA ALA D 87 -48.77 -2.36 -4.36
C ALA D 87 -48.38 -2.36 -2.89
N LYS D 88 -47.21 -1.80 -2.58
CA LYS D 88 -46.77 -1.72 -1.19
C LYS D 88 -47.72 -0.86 -0.35
N VAL D 89 -48.16 0.27 -0.88
CA VAL D 89 -49.10 1.12 -0.13
C VAL D 89 -50.37 0.33 0.16
N TYR D 90 -50.90 -0.36 -0.87
CA TYR D 90 -52.11 -1.13 -0.73
C TYR D 90 -51.92 -2.19 0.32
N SER D 91 -50.84 -2.95 0.18
CA SER D 91 -50.46 -3.97 1.17
C SER D 91 -50.39 -3.41 2.60
N TYR D 92 -49.79 -2.25 2.76
CA TYR D 92 -49.71 -1.63 4.07
C TYR D 92 -51.09 -1.30 4.58
N ILE D 93 -51.89 -0.64 3.74
CA ILE D 93 -53.20 -0.12 4.13
C ILE D 93 -54.12 -1.25 4.62
N HIS D 94 -54.24 -2.32 3.83
CA HIS D 94 -55.12 -3.43 4.16
C HIS D 94 -54.42 -4.60 4.82
N LYS D 95 -53.22 -4.36 5.36
CA LYS D 95 -52.49 -5.38 6.11
C LYS D 95 -52.49 -6.76 5.42
N LYS D 96 -52.14 -6.77 4.13
CA LYS D 96 -52.08 -8.02 3.36
C LYS D 96 -50.65 -8.31 2.90
N PRO D 97 -50.37 -9.58 2.57
CA PRO D 97 -49.04 -9.94 2.07
C PRO D 97 -48.74 -9.38 0.69
N PHE D 98 -47.47 -9.11 0.41
CA PHE D 98 -47.05 -8.46 -0.82
C PHE D 98 -45.99 -9.28 -1.55
N VAL D 99 -46.21 -9.50 -2.85
CA VAL D 99 -45.25 -10.21 -3.67
C VAL D 99 -44.76 -9.25 -4.74
N ALA D 100 -43.44 -9.02 -4.75
CA ALA D 100 -42.79 -8.09 -5.68
C ALA D 100 -42.25 -8.84 -6.88
N ILE D 101 -42.63 -8.37 -8.06
CA ILE D 101 -42.20 -8.96 -9.30
C ILE D 101 -41.68 -7.84 -10.18
N PRO D 102 -40.43 -7.40 -9.91
CA PRO D 102 -39.83 -6.33 -10.70
C PRO D 102 -39.52 -6.72 -12.13
N THR D 103 -40.09 -5.98 -13.08
CA THR D 103 -39.76 -6.16 -14.50
C THR D 103 -38.69 -5.16 -14.96
N SER D 104 -38.25 -4.27 -14.06
CA SER D 104 -37.09 -3.41 -14.30
C SER D 104 -36.31 -3.28 -13.00
N ALA D 105 -35.21 -2.53 -13.02
CA ALA D 105 -34.33 -2.39 -11.85
C ALA D 105 -33.80 -0.97 -11.74
N SER D 106 -34.69 -0.02 -11.58
CA SER D 106 -34.42 1.38 -11.45
C SER D 106 -33.74 1.83 -10.19
N HIS D 107 -34.09 1.23 -9.08
CA HIS D 107 -33.55 1.53 -7.76
C HIS D 107 -33.78 0.40 -6.76
N ASP D 108 -33.41 0.63 -5.52
CA ASP D 108 -33.50 -0.32 -4.43
C ASP D 108 -34.91 -0.63 -3.93
N GLY D 109 -35.88 0.08 -4.46
CA GLY D 109 -37.31 -0.16 -4.23
C GLY D 109 -37.79 -1.57 -4.58
N ILE D 110 -37.08 -2.25 -5.46
CA ILE D 110 -37.53 -3.56 -5.90
C ILE D 110 -37.57 -4.62 -4.79
N ALA D 111 -36.73 -4.52 -3.78
CA ALA D 111 -36.77 -5.48 -2.69
C ALA D 111 -37.05 -4.89 -1.31
N SER D 112 -37.11 -3.56 -1.20
CA SER D 112 -37.33 -2.93 0.09
C SER D 112 -38.80 -2.98 0.50
N PRO D 113 -39.07 -2.72 1.78
CA PRO D 113 -40.43 -2.49 2.23
C PRO D 113 -40.98 -1.06 2.06
N TYR D 114 -40.18 -0.13 1.56
CA TYR D 114 -40.57 1.28 1.54
C TYR D 114 -40.97 1.75 0.15
N VAL D 115 -41.73 2.85 0.12
CA VAL D 115 -42.12 3.47 -1.14
C VAL D 115 -41.38 4.79 -1.25
N SER D 116 -41.48 5.43 -2.42
CA SER D 116 -40.79 6.69 -2.67
C SER D 116 -41.13 7.73 -1.62
N PHE D 117 -40.31 8.76 -1.53
CA PHE D 117 -40.51 9.84 -0.57
C PHE D 117 -41.83 10.57 -0.81
N SER D 118 -42.08 10.95 -2.07
CA SER D 118 -43.34 11.64 -2.45
C SER D 118 -44.57 10.88 -1.99
N LEU D 119 -44.58 9.58 -2.29
CA LEU D 119 -45.71 8.71 -1.92
C LEU D 119 -45.80 8.50 -0.42
N THR D 120 -44.67 8.50 0.26
CA THR D 120 -44.66 8.40 1.71
C THR D 120 -45.35 9.61 2.31
N GLN D 121 -45.11 10.78 1.72
CA GLN D 121 -45.80 11.99 2.13
C GLN D 121 -47.27 11.98 1.70
N ARG D 122 -47.53 11.77 0.42
CA ARG D 122 -48.89 11.82 -0.12
C ARG D 122 -49.85 10.95 0.67
N PHE D 123 -49.42 9.75 1.02
CA PHE D 123 -50.28 8.80 1.72
C PHE D 123 -49.93 8.67 3.20
N SER D 124 -49.37 9.72 3.80
CA SER D 124 -49.00 9.65 5.23
C SER D 124 -50.21 9.70 6.16
N LYS D 125 -51.38 10.04 5.63
CA LYS D 125 -52.65 9.89 6.36
C LYS D 125 -52.80 8.48 6.92
N TYR D 126 -52.39 7.49 6.14
CA TYR D 126 -52.49 6.08 6.51
C TYR D 126 -51.42 5.60 7.50
N GLY D 127 -50.38 6.39 7.72
CA GLY D 127 -49.30 6.02 8.60
C GLY D 127 -48.02 5.85 7.84
N LYS D 128 -46.98 5.34 8.48
CA LYS D 128 -45.70 5.17 7.83
C LYS D 128 -45.74 3.92 6.98
N ILE D 129 -45.88 4.09 5.69
CA ILE D 129 -45.97 2.96 4.81
C ILE D 129 -44.74 2.08 4.82
N SER D 130 -44.97 0.79 4.99
CA SER D 130 -43.91 -0.19 5.06
C SER D 130 -44.52 -1.54 4.81
N SER D 131 -43.98 -2.28 3.85
CA SER D 131 -44.55 -3.57 3.48
C SER D 131 -43.47 -4.48 2.88
N SER D 132 -42.91 -5.34 3.73
CA SER D 132 -41.88 -6.28 3.31
C SER D 132 -42.46 -7.36 2.41
N PRO D 133 -41.97 -7.47 1.18
CA PRO D 133 -42.53 -8.52 0.33
C PRO D 133 -42.25 -9.93 0.88
N VAL D 134 -43.26 -10.80 0.89
CA VAL D 134 -43.04 -12.21 1.24
C VAL D 134 -42.12 -12.89 0.23
N ALA D 135 -42.18 -12.43 -1.01
CA ALA D 135 -41.38 -13.04 -2.07
C ALA D 135 -40.96 -12.00 -3.11
N ILE D 136 -39.86 -12.31 -3.81
CA ILE D 136 -39.35 -11.50 -4.88
C ILE D 136 -39.11 -12.39 -6.09
N ILE D 137 -39.79 -12.10 -7.19
CA ILE D 137 -39.52 -12.81 -8.42
C ILE D 137 -38.79 -11.85 -9.33
N ALA D 138 -37.52 -12.15 -9.60
CA ALA D 138 -36.67 -11.26 -10.36
C ALA D 138 -36.21 -11.98 -11.61
N ASP D 139 -37.01 -11.87 -12.67
CA ASP D 139 -36.75 -12.54 -13.92
C ASP D 139 -35.81 -11.64 -14.72
N THR D 140 -34.58 -12.09 -14.88
CA THR D 140 -33.53 -11.28 -15.48
C THR D 140 -33.68 -11.15 -16.99
N SER D 141 -34.42 -12.05 -17.61
CA SER D 141 -34.73 -11.93 -19.04
C SER D 141 -35.67 -10.75 -19.29
N ILE D 142 -36.71 -10.63 -18.47
CA ILE D 142 -37.65 -9.50 -18.55
C ILE D 142 -37.01 -8.16 -18.16
N ILE D 143 -36.16 -8.19 -17.13
CA ILE D 143 -35.48 -6.99 -16.67
C ILE D 143 -34.49 -6.49 -17.74
N LEU D 144 -33.93 -7.38 -18.53
CA LEU D 144 -33.02 -7.00 -19.62
C LEU D 144 -33.66 -6.05 -20.62
N SER D 145 -34.93 -6.24 -20.91
CA SER D 145 -35.60 -5.44 -21.93
C SER D 145 -36.03 -4.07 -21.40
N ALA D 146 -35.78 -3.80 -20.12
CA ALA D 146 -36.17 -2.52 -19.52
C ALA D 146 -35.33 -1.38 -20.08
N PRO D 147 -35.84 -0.15 -20.00
CA PRO D 147 -35.12 0.96 -20.60
C PRO D 147 -33.74 1.15 -19.98
N SER D 148 -32.73 1.34 -20.83
CA SER D 148 -31.35 1.37 -20.37
C SER D 148 -30.99 2.60 -19.53
N ARG D 149 -31.73 3.69 -19.71
CA ARG D 149 -31.55 4.85 -18.85
C ARG D 149 -31.90 4.49 -17.40
N LEU D 150 -32.98 3.74 -17.23
CA LEU D 150 -33.41 3.34 -15.89
C LEU D 150 -32.50 2.29 -15.27
N LEU D 151 -32.05 1.33 -16.07
CA LEU D 151 -31.06 0.35 -15.61
C LEU D 151 -29.78 1.02 -15.12
N LYS D 152 -29.29 1.98 -15.90
CA LYS D 152 -28.16 2.79 -15.49
C LYS D 152 -28.47 3.53 -14.21
N ALA D 153 -29.69 4.07 -14.11
CA ALA D 153 -30.08 4.81 -12.93
C ALA D 153 -30.04 3.93 -11.67
N GLY D 154 -30.29 2.63 -11.85
CA GLY D 154 -30.20 1.63 -10.79
C GLY D 154 -28.81 1.54 -10.21
N ILE D 155 -27.80 1.64 -11.07
CA ILE D 155 -26.42 1.65 -10.58
C ILE D 155 -26.21 2.95 -9.83
N GLY D 156 -26.82 4.01 -10.33
CA GLY D 156 -26.80 5.31 -9.65
C GLY D 156 -27.32 5.21 -8.22
N ASP D 157 -28.46 4.55 -8.05
CA ASP D 157 -29.02 4.36 -6.70
C ASP D 157 -27.99 3.68 -5.78
N LEU D 158 -27.24 2.70 -6.32
CA LEU D 158 -26.23 1.96 -5.58
C LEU D 158 -25.03 2.78 -5.18
N LEU D 159 -24.62 3.71 -6.04
CA LEU D 159 -23.49 4.58 -5.71
C LEU D 159 -23.71 5.38 -4.43
N GLY D 160 -24.95 5.67 -4.11
CA GLY D 160 -25.25 6.47 -2.94
C GLY D 160 -24.95 5.83 -1.59
N LYS D 161 -24.82 4.50 -1.59
CA LYS D 161 -24.80 3.73 -0.34
C LYS D 161 -23.55 4.05 0.51
N ILE D 162 -22.48 4.51 -0.14
CA ILE D 162 -21.25 4.90 0.57
C ILE D 162 -21.47 6.17 1.40
N ILE D 163 -22.30 7.07 0.90
CA ILE D 163 -22.68 8.24 1.69
C ILE D 163 -23.66 7.81 2.76
N ALA D 164 -24.66 7.02 2.39
CA ALA D 164 -25.66 6.57 3.35
C ALA D 164 -25.05 5.94 4.60
N VAL D 165 -24.06 5.06 4.41
CA VAL D 165 -23.43 4.40 5.53
C VAL D 165 -22.60 5.36 6.39
N ARG D 166 -21.89 6.29 5.75
CA ARG D 166 -21.06 7.22 6.48
C ARG D 166 -21.92 8.16 7.27
N ASP D 167 -23.00 8.63 6.64
CA ASP D 167 -23.91 9.54 7.34
C ASP D 167 -24.51 8.83 8.55
N TRP D 168 -24.81 7.54 8.39
CA TRP D 168 -25.50 6.77 9.41
C TRP D 168 -24.58 6.54 10.62
N GLN D 169 -23.33 6.20 10.32
CA GLN D 169 -22.30 6.02 11.31
C GLN D 169 -22.08 7.32 12.09
N LEU D 170 -22.08 8.42 11.35
CA LEU D 170 -21.98 9.75 11.92
C LEU D 170 -23.12 10.05 12.89
N ALA D 171 -24.34 9.78 12.46
CA ALA D 171 -25.53 9.95 13.34
C ALA D 171 -25.52 9.02 14.54
N HIS D 172 -24.89 7.86 14.39
CA HIS D 172 -24.80 6.91 15.48
C HIS D 172 -23.85 7.44 16.55
N ARG D 173 -22.66 7.87 16.12
CA ARG D 173 -21.62 8.31 17.02
C ARG D 173 -21.92 9.65 17.64
N LEU D 174 -22.65 10.50 16.93
CA LEU D 174 -22.91 11.85 17.37
C LEU D 174 -24.26 12.03 18.02
N LYS D 175 -25.27 11.28 17.59
CA LYS D 175 -26.64 11.43 18.14
C LYS D 175 -27.21 10.22 18.87
N GLY D 176 -26.53 9.08 18.81
CA GLY D 176 -27.02 7.86 19.44
C GLY D 176 -28.02 7.07 18.60
N GLU D 177 -28.22 7.45 17.34
CA GLU D 177 -29.13 6.72 16.47
C GLU D 177 -28.78 5.24 16.36
N GLU D 178 -29.81 4.42 16.38
CA GLU D 178 -29.62 2.98 16.35
C GLU D 178 -28.88 2.65 15.04
N TYR D 179 -27.89 1.79 15.14
CA TYR D 179 -27.02 1.43 14.03
C TYR D 179 -26.89 -0.07 13.97
N SER D 180 -26.88 -0.61 12.77
CA SER D 180 -26.73 -2.04 12.55
C SER D 180 -25.55 -2.34 11.64
N GLU D 181 -24.43 -2.65 12.28
CA GLU D 181 -23.26 -3.24 11.67
C GLU D 181 -23.51 -4.17 10.50
N TYR D 182 -24.45 -5.09 10.66
CA TYR D 182 -24.70 -6.09 9.63
C TYR D 182 -25.30 -5.41 8.41
N ALA D 183 -26.39 -4.68 8.64
CA ALA D 183 -27.07 -3.92 7.61
C ALA D 183 -26.11 -3.03 6.81
N ALA D 184 -25.28 -2.28 7.51
CA ALA D 184 -24.35 -1.37 6.87
C ALA D 184 -23.34 -2.10 6.00
N HIS D 185 -22.76 -3.16 6.53
CA HIS D 185 -21.82 -3.96 5.73
C HIS D 185 -22.50 -4.53 4.49
N LEU D 186 -23.76 -4.91 4.62
CA LEU D 186 -24.47 -5.55 3.53
C LEU D 186 -24.79 -4.53 2.43
N SER D 187 -25.06 -3.30 2.87
CA SER D 187 -25.22 -2.20 1.96
C SER D 187 -23.91 -1.87 1.26
N LEU D 188 -22.83 -1.80 2.00
CA LEU D 188 -21.51 -1.54 1.39
C LEU D 188 -21.07 -2.63 0.42
N THR D 189 -21.46 -3.88 0.69
CA THR D 189 -21.17 -4.95 -0.27
C THR D 189 -21.85 -4.65 -1.62
N SER D 190 -23.09 -4.22 -1.58
CA SER D 190 -23.81 -3.90 -2.80
C SER D 190 -23.14 -2.74 -3.52
N TYR D 191 -22.59 -1.78 -2.76
CA TYR D 191 -21.87 -0.66 -3.38
C TYR D 191 -20.62 -1.15 -4.09
N LYS D 192 -19.84 -2.00 -3.42
CA LYS D 192 -18.58 -2.49 -3.99
C LYS D 192 -18.85 -3.29 -5.25
N ILE D 193 -19.92 -4.07 -5.24
CA ILE D 193 -20.34 -4.78 -6.43
C ILE D 193 -20.59 -3.78 -7.58
N ALA D 194 -21.33 -2.71 -7.28
CA ALA D 194 -21.65 -1.67 -8.26
C ALA D 194 -20.42 -1.01 -8.84
N VAL D 195 -19.53 -0.52 -7.99
CA VAL D 195 -18.34 0.14 -8.51
C VAL D 195 -17.41 -0.87 -9.16
N GLY D 196 -17.42 -2.09 -8.68
CA GLY D 196 -16.55 -3.11 -9.23
C GLY D 196 -16.93 -3.56 -10.63
N ASN D 197 -18.21 -3.58 -10.96
CA ASN D 197 -18.69 -4.09 -12.25
C ASN D 197 -19.27 -3.04 -13.20
N ALA D 198 -19.15 -1.77 -12.87
CA ALA D 198 -19.81 -0.72 -13.61
C ALA D 198 -19.39 -0.69 -15.07
N GLN D 199 -18.08 -0.57 -15.32
CA GLN D 199 -17.52 -0.68 -16.68
C GLN D 199 -18.14 -1.83 -17.46
N LYS D 200 -18.04 -3.02 -16.88
CA LYS D 200 -18.47 -4.25 -17.50
C LYS D 200 -19.96 -4.26 -17.82
N ILE D 201 -20.81 -3.79 -16.91
CA ILE D 201 -22.24 -4.03 -17.07
C ILE D 201 -23.04 -2.92 -17.71
N LYS D 202 -22.45 -1.73 -17.77
CA LYS D 202 -23.19 -0.49 -18.05
C LYS D 202 -24.07 -0.47 -19.33
N ASN D 203 -23.65 -1.15 -20.39
CA ASN D 203 -24.50 -1.21 -21.59
C ASN D 203 -25.75 -2.06 -21.43
N PHE D 204 -25.72 -3.01 -20.49
CA PHE D 204 -26.85 -3.90 -20.31
C PHE D 204 -27.32 -4.54 -21.62
N ILE D 205 -26.38 -5.15 -22.33
CA ILE D 205 -26.70 -5.93 -23.53
C ILE D 205 -26.96 -7.41 -23.18
N ARG D 206 -26.39 -7.88 -22.09
CA ARG D 206 -26.46 -9.28 -21.70
C ARG D 206 -27.28 -9.47 -20.43
N GLU D 207 -27.96 -10.61 -20.33
CA GLU D 207 -28.60 -11.03 -19.10
C GLU D 207 -27.65 -10.97 -17.89
N GLU D 208 -26.37 -11.25 -18.13
CA GLU D 208 -25.41 -11.28 -17.04
C GLU D 208 -25.18 -9.88 -16.46
N ASP D 209 -25.46 -8.85 -17.23
CA ASP D 209 -25.32 -7.48 -16.73
C ASP D 209 -26.43 -7.15 -15.74
N VAL D 210 -27.64 -7.53 -16.11
CA VAL D 210 -28.80 -7.37 -15.27
C VAL D 210 -28.65 -8.15 -13.94
N ARG D 211 -28.12 -9.38 -14.00
CA ARG D 211 -27.99 -10.21 -12.81
C ARG D 211 -27.24 -9.46 -11.74
N VAL D 212 -26.15 -8.84 -12.15
CA VAL D 212 -25.29 -8.14 -11.22
C VAL D 212 -26.01 -6.96 -10.58
N LEU D 213 -26.79 -6.23 -11.36
CA LEU D 213 -27.48 -5.04 -10.85
C LEU D 213 -28.59 -5.45 -9.89
N VAL D 214 -29.42 -6.38 -10.34
CA VAL D 214 -30.53 -6.84 -9.57
C VAL D 214 -30.06 -7.47 -8.27
N LYS D 215 -28.95 -8.22 -8.32
CA LYS D 215 -28.41 -8.86 -7.11
C LYS D 215 -28.14 -7.82 -6.07
N ALA D 216 -27.38 -6.81 -6.47
CA ALA D 216 -26.97 -5.72 -5.58
C ALA D 216 -28.16 -4.93 -5.04
N LEU D 217 -29.16 -4.70 -5.88
CA LEU D 217 -30.34 -3.98 -5.47
C LEU D 217 -31.16 -4.73 -4.44
N ILE D 218 -31.31 -6.04 -4.62
CA ILE D 218 -32.06 -6.87 -3.68
C ILE D 218 -31.31 -6.88 -2.36
N GLY D 219 -30.00 -7.07 -2.43
CA GLY D 219 -29.16 -6.97 -1.25
C GLY D 219 -29.46 -5.76 -0.41
N CYS D 220 -29.75 -4.63 -1.08
CA CYS D 220 -30.02 -3.36 -0.40
C CYS D 220 -31.41 -3.33 0.24
N GLY D 221 -32.39 -3.89 -0.46
CA GLY D 221 -33.71 -4.05 0.11
C GLY D 221 -33.64 -4.81 1.42
N VAL D 222 -32.92 -5.91 1.40
CA VAL D 222 -32.79 -6.77 2.56
C VAL D 222 -32.07 -6.04 3.71
N ALA D 223 -31.01 -5.31 3.37
CA ALA D 223 -30.30 -4.48 4.32
C ALA D 223 -31.25 -3.54 5.04
N MET D 224 -32.18 -2.93 4.29
CA MET D 224 -33.15 -2.04 4.90
C MET D 224 -34.08 -2.81 5.85
N GLY D 225 -34.43 -4.03 5.47
CA GLY D 225 -35.23 -4.91 6.30
C GLY D 225 -34.54 -5.19 7.63
N ILE D 226 -33.27 -5.56 7.58
CA ILE D 226 -32.51 -5.89 8.79
C ILE D 226 -32.23 -4.68 9.65
N ALA D 227 -32.05 -3.52 9.01
CA ALA D 227 -31.79 -2.29 9.73
C ALA D 227 -33.04 -1.84 10.48
N GLY D 228 -34.20 -2.04 9.87
CA GLY D 228 -35.48 -1.58 10.41
C GLY D 228 -35.74 -0.16 9.97
N SER D 229 -34.99 0.29 8.96
CA SER D 229 -35.06 1.66 8.44
C SER D 229 -34.32 1.74 7.09
N SER D 230 -34.54 2.84 6.39
CA SER D 230 -33.87 3.09 5.12
C SER D 230 -32.42 3.60 5.28
N ARG D 231 -32.00 3.84 6.54
CA ARG D 231 -30.66 4.32 6.85
C ARG D 231 -29.55 3.71 6.02
N PRO D 232 -29.38 2.37 6.06
CA PRO D 232 -28.29 1.77 5.27
C PRO D 232 -28.29 2.11 3.78
N CYS D 233 -29.43 2.53 3.22
CA CYS D 233 -29.48 2.76 1.79
C CYS D 233 -29.91 4.17 1.37
N SER D 234 -30.07 5.04 2.36
CA SER D 234 -30.55 6.40 2.13
C SER D 234 -29.89 7.34 3.14
N GLY D 235 -29.05 8.25 2.65
CA GLY D 235 -28.48 9.31 3.49
C GLY D 235 -28.66 10.68 2.85
N SER D 236 -27.66 11.56 3.02
CA SER D 236 -27.77 12.94 2.58
C SER D 236 -27.93 13.01 1.06
N GLU D 237 -27.38 12.01 0.36
CA GLU D 237 -27.44 11.94 -1.08
C GLU D 237 -28.88 11.75 -1.51
N HIS D 238 -29.64 10.99 -0.73
CA HIS D 238 -31.06 10.78 -1.00
C HIS D 238 -31.88 12.00 -0.62
N LEU D 239 -31.49 12.68 0.44
CA LEU D 239 -32.16 13.92 0.84
C LEU D 239 -32.18 14.91 -0.33
N PHE D 240 -31.06 15.00 -1.04
CA PHE D 240 -30.95 15.86 -2.19
C PHE D 240 -31.95 15.42 -3.26
N ALA D 241 -31.91 14.13 -3.59
CA ALA D 241 -32.80 13.58 -4.59
C ALA D 241 -34.26 13.77 -4.21
N HIS D 242 -34.59 13.59 -2.94
CA HIS D 242 -35.98 13.76 -2.49
C HIS D 242 -36.34 15.22 -2.53
N ALA D 243 -35.38 16.09 -2.21
CA ALA D 243 -35.64 17.53 -2.19
C ALA D 243 -36.02 18.04 -3.58
N ILE D 244 -35.49 17.38 -4.60
CA ILE D 244 -35.82 17.69 -5.98
C ILE D 244 -37.16 17.06 -6.33
N GLU D 245 -37.39 15.84 -5.85
CA GLU D 245 -38.58 15.05 -6.21
C GLU D 245 -39.89 15.65 -5.70
N VAL D 246 -39.87 16.16 -4.47
CA VAL D 246 -41.03 16.87 -3.92
C VAL D 246 -41.30 18.22 -4.62
N ARG D 247 -40.27 18.85 -5.17
CA ARG D 247 -40.45 20.17 -5.78
C ARG D 247 -40.83 20.12 -7.26
N VAL D 248 -41.03 18.93 -7.83
CA VAL D 248 -41.61 18.83 -9.16
C VAL D 248 -43.08 18.47 -9.04
N GLU D 249 -43.83 18.70 -10.11
CA GLU D 249 -45.27 18.46 -10.12
C GLU D 249 -45.57 16.97 -10.10
N LYS D 250 -44.87 16.21 -10.95
CA LYS D 250 -44.98 14.75 -10.99
C LYS D 250 -43.59 14.13 -10.85
N GLU D 251 -43.53 13.01 -10.16
CA GLU D 251 -42.27 12.34 -9.84
C GLU D 251 -41.59 11.77 -11.10
N ASP D 252 -42.37 11.52 -12.16
CA ASP D 252 -41.80 11.03 -13.41
C ASP D 252 -41.09 12.11 -14.29
N GLU D 253 -41.05 13.37 -13.85
CA GLU D 253 -40.17 14.36 -14.48
C GLU D 253 -38.68 14.12 -14.17
N VAL D 254 -38.42 13.16 -13.29
CA VAL D 254 -37.11 13.01 -12.70
C VAL D 254 -36.80 11.49 -12.59
N VAL D 255 -35.52 11.14 -12.66
CA VAL D 255 -35.06 9.75 -12.53
C VAL D 255 -34.23 9.57 -11.23
N HIS D 256 -34.80 8.85 -10.29
CA HIS D 256 -34.28 8.79 -8.93
C HIS D 256 -32.79 8.52 -8.86
N GLY D 257 -32.34 7.44 -9.50
CA GLY D 257 -30.92 7.04 -9.45
C GLY D 257 -29.96 8.11 -9.95
N GLU D 258 -30.36 8.82 -10.99
CA GLU D 258 -29.58 9.93 -11.53
C GLU D 258 -29.42 11.02 -10.49
N LEU D 259 -30.49 11.35 -9.78
CA LEU D 259 -30.42 12.40 -8.76
C LEU D 259 -29.52 11.95 -7.61
N VAL D 260 -29.65 10.69 -7.24
CA VAL D 260 -28.83 10.08 -6.18
C VAL D 260 -27.36 10.08 -6.55
N ALA D 261 -27.08 9.86 -7.83
CA ALA D 261 -25.72 9.87 -8.32
C ALA D 261 -25.15 11.27 -8.22
N LEU D 262 -25.92 12.25 -8.65
CA LEU D 262 -25.51 13.66 -8.45
C LEU D 262 -25.34 14.01 -6.96
N GLY D 263 -26.29 13.61 -6.14
CA GLY D 263 -26.19 13.89 -4.72
C GLY D 263 -24.95 13.26 -4.10
N THR D 264 -24.62 12.06 -4.55
CA THR D 264 -23.46 11.31 -4.03
C THR D 264 -22.16 12.05 -4.30
N ILE D 265 -22.00 12.54 -5.52
CA ILE D 265 -20.83 13.37 -5.85
C ILE D 265 -20.72 14.56 -4.88
N ILE D 266 -21.86 15.20 -4.64
CA ILE D 266 -21.90 16.39 -3.81
C ILE D 266 -21.57 16.04 -2.37
N MET D 267 -22.20 15.00 -1.85
CA MET D 267 -22.03 14.69 -0.43
C MET D 267 -20.69 14.01 -0.14
N ALA D 268 -20.11 13.37 -1.15
CA ALA D 268 -18.74 12.88 -1.02
C ALA D 268 -17.83 14.08 -0.77
N TYR D 269 -17.97 15.10 -1.62
CA TYR D 269 -17.23 16.32 -1.39
C TYR D 269 -17.44 16.88 0.02
N LEU D 270 -18.68 16.93 0.50
CA LEU D 270 -18.90 17.49 1.85
C LEU D 270 -18.26 16.62 2.94
N HIS D 271 -18.29 15.32 2.72
CA HIS D 271 -17.67 14.35 3.60
C HIS D 271 -16.13 14.33 3.53
N GLY D 272 -15.56 14.83 2.45
CA GLY D 272 -14.12 14.95 2.32
C GLY D 272 -13.42 13.72 1.73
N ILE D 273 -14.20 12.82 1.15
CA ILE D 273 -13.68 11.63 0.50
C ILE D 273 -13.48 11.92 -0.98
N ASN D 274 -13.09 10.89 -1.71
CA ASN D 274 -12.75 10.98 -3.10
C ASN D 274 -14.01 11.04 -3.96
N TRP D 275 -14.48 12.24 -4.22
CA TRP D 275 -15.63 12.43 -5.10
C TRP D 275 -15.27 12.27 -6.56
N ARG D 276 -14.02 12.54 -6.91
CA ARG D 276 -13.60 12.42 -8.31
C ARG D 276 -13.73 11.00 -8.80
N ARG D 277 -13.38 10.04 -7.96
CA ARG D 277 -13.55 8.62 -8.27
C ARG D 277 -15.02 8.29 -8.60
N ILE D 278 -15.93 8.75 -7.75
CA ILE D 278 -17.35 8.49 -7.93
C ILE D 278 -17.87 9.09 -9.23
N LYS D 279 -17.45 10.31 -9.51
CA LYS D 279 -17.86 11.00 -10.72
C LYS D 279 -17.36 10.21 -11.94
N ARG D 280 -16.10 9.79 -11.87
CA ARG D 280 -15.47 9.00 -12.92
C ARG D 280 -16.28 7.74 -13.20
N ILE D 281 -16.69 7.02 -12.16
CA ILE D 281 -17.55 5.84 -12.37
C ILE D 281 -18.90 6.22 -12.97
N ALA D 282 -19.45 7.33 -12.49
CA ALA D 282 -20.73 7.79 -12.93
C ALA D 282 -20.73 8.11 -14.42
N ASP D 283 -19.68 8.79 -14.89
CA ASP D 283 -19.49 9.04 -16.33
C ASP D 283 -19.31 7.74 -17.13
N ILE D 284 -18.44 6.85 -16.68
CA ILE D 284 -18.30 5.55 -17.33
C ILE D 284 -19.68 4.90 -17.54
N ILE D 285 -20.56 5.02 -16.55
CA ILE D 285 -21.87 4.35 -16.63
C ILE D 285 -22.74 4.98 -17.69
N GLY D 286 -22.57 6.29 -17.91
CA GLY D 286 -23.45 7.09 -18.76
C GLY D 286 -24.44 7.93 -17.95
N LEU D 287 -24.19 8.09 -16.66
CA LEU D 287 -25.06 8.91 -15.82
C LEU D 287 -24.70 10.37 -16.00
N PRO D 288 -25.69 11.27 -15.88
CA PRO D 288 -25.41 12.71 -15.87
C PRO D 288 -24.54 13.11 -14.69
N THR D 289 -23.55 13.94 -14.97
CA THR D 289 -22.61 14.38 -13.93
C THR D 289 -22.52 15.90 -13.82
N SER D 290 -23.45 16.62 -14.43
CA SER D 290 -23.64 18.04 -14.13
C SER D 290 -25.13 18.26 -14.02
N LEU D 291 -25.54 19.37 -13.42
CA LEU D 291 -26.95 19.74 -13.38
C LEU D 291 -27.54 19.93 -14.78
N ARG D 292 -26.75 20.49 -15.68
CA ARG D 292 -27.22 20.68 -17.04
C ARG D 292 -27.47 19.35 -17.74
N GLN D 293 -26.59 18.36 -17.51
CA GLN D 293 -26.76 17.05 -18.17
C GLN D 293 -28.00 16.31 -17.72
N ALA D 294 -28.48 16.62 -16.52
CA ALA D 294 -29.69 16.05 -15.90
C ALA D 294 -30.90 16.97 -16.02
N ASN D 295 -30.72 18.08 -16.74
CA ASN D 295 -31.76 19.06 -16.97
C ASN D 295 -32.39 19.53 -15.71
N ILE D 296 -31.56 19.67 -14.68
CA ILE D 296 -32.07 20.20 -13.45
C ILE D 296 -31.52 21.60 -13.30
N ASP D 297 -32.42 22.49 -12.93
CA ASP D 297 -32.17 23.90 -12.87
C ASP D 297 -31.39 24.22 -11.60
N VAL D 298 -30.47 25.16 -11.73
CA VAL D 298 -29.47 25.43 -10.69
C VAL D 298 -30.12 26.07 -9.45
N ASP D 299 -31.13 26.92 -9.65
CA ASP D 299 -31.77 27.59 -8.51
C ASP D 299 -32.59 26.59 -7.73
N LEU D 300 -33.22 25.68 -8.46
CA LEU D 300 -33.90 24.55 -7.86
C LEU D 300 -32.92 23.61 -7.10
N ALA D 301 -31.72 23.41 -7.66
CA ALA D 301 -30.73 22.56 -7.04
C ALA D 301 -30.29 23.20 -5.72
N LEU D 302 -30.17 24.51 -5.73
CA LEU D 302 -29.73 25.29 -4.57
C LEU D 302 -30.76 25.33 -3.46
N GLU D 303 -32.02 25.44 -3.84
CA GLU D 303 -33.12 25.40 -2.89
C GLU D 303 -33.15 24.03 -2.24
N ALA D 304 -32.97 22.99 -3.07
CA ALA D 304 -33.01 21.61 -2.62
C ALA D 304 -31.91 21.32 -1.62
N LEU D 305 -30.70 21.76 -1.97
CA LEU D 305 -29.51 21.56 -1.15
C LEU D 305 -29.58 22.33 0.16
N THR D 306 -30.06 23.56 0.13
CA THR D 306 -30.14 24.36 1.36
C THR D 306 -31.25 23.93 2.31
N THR D 307 -32.24 23.20 1.82
CA THR D 307 -33.33 22.73 2.68
C THR D 307 -33.36 21.24 2.91
N ALA D 308 -32.42 20.51 2.33
CA ALA D 308 -32.46 19.04 2.35
C ALA D 308 -32.51 18.44 3.75
N HIS D 309 -31.76 19.03 4.66
CA HIS D 309 -31.78 18.66 6.08
C HIS D 309 -33.18 18.77 6.77
N THR D 310 -34.18 19.40 6.13
CA THR D 310 -35.54 19.50 6.75
C THR D 310 -36.55 18.47 6.25
N LEU D 311 -36.17 17.62 5.31
CA LEU D 311 -37.09 16.56 4.88
C LEU D 311 -37.21 15.50 5.96
N ARG D 312 -36.10 15.27 6.64
CA ARG D 312 -36.03 14.26 7.67
C ARG D 312 -35.20 14.78 8.85
N PRO D 313 -35.72 15.80 9.55
CA PRO D 313 -34.91 16.50 10.55
C PRO D 313 -34.58 15.68 11.81
N ASP D 314 -35.26 14.55 11.99
CA ASP D 314 -34.89 13.56 12.98
C ASP D 314 -33.67 12.71 12.60
N ARG D 315 -33.21 12.78 11.35
CA ARG D 315 -32.03 11.99 10.96
C ARG D 315 -30.82 12.85 10.62
N TYR D 316 -29.79 12.75 11.45
CA TYR D 316 -28.57 13.52 11.25
C TYR D 316 -27.79 12.96 10.05
N THR D 317 -27.20 13.88 9.27
CA THR D 317 -26.29 13.51 8.22
C THR D 317 -25.25 14.57 8.17
N ILE D 318 -24.27 14.40 7.30
CA ILE D 318 -23.21 15.42 7.11
C ILE D 318 -23.80 16.82 6.87
N LEU D 319 -25.00 16.88 6.33
CA LEU D 319 -25.70 18.16 6.19
C LEU D 319 -25.95 18.91 7.48
N GLY D 320 -25.88 18.22 8.62
CA GLY D 320 -26.16 18.83 9.91
C GLY D 320 -27.42 19.67 9.93
N ASP D 321 -27.31 20.90 10.41
CA ASP D 321 -28.48 21.76 10.51
C ASP D 321 -28.50 22.71 9.34
N GLY D 322 -27.71 22.38 8.33
CA GLY D 322 -27.95 22.86 6.99
C GLY D 322 -26.77 23.36 6.22
N LEU D 323 -26.84 23.20 4.92
CA LEU D 323 -25.84 23.68 3.99
C LEU D 323 -26.19 25.15 3.69
N SER D 324 -25.21 26.05 3.77
CA SER D 324 -25.43 27.46 3.46
C SER D 324 -25.48 27.67 1.95
N ARG D 325 -26.10 28.74 1.48
CA ARG D 325 -26.31 28.90 0.03
C ARG D 325 -25.03 29.12 -0.74
N GLU D 326 -24.12 29.95 -0.22
CA GLU D 326 -22.79 30.10 -0.85
C GLU D 326 -22.00 28.80 -0.78
N ALA D 327 -22.11 28.09 0.33
CA ALA D 327 -21.44 26.79 0.45
C ALA D 327 -22.04 25.83 -0.56
N ALA D 328 -23.37 25.80 -0.64
CA ALA D 328 -24.06 25.04 -1.70
C ALA D 328 -23.52 25.37 -3.08
N LYS D 329 -23.46 26.66 -3.37
CA LYS D 329 -23.02 27.17 -4.68
C LYS D 329 -21.59 26.71 -4.99
N ARG D 330 -20.73 26.87 -3.98
CA ARG D 330 -19.32 26.56 -4.07
C ARG D 330 -19.09 25.07 -4.29
N ALA D 331 -19.87 24.26 -3.59
CA ALA D 331 -19.81 22.82 -3.74
C ALA D 331 -20.15 22.42 -5.17
N LEU D 332 -21.24 22.95 -5.71
CA LEU D 332 -21.62 22.64 -7.11
C LEU D 332 -20.53 22.99 -8.09
N GLU D 333 -19.86 24.11 -7.81
CA GLU D 333 -18.73 24.59 -8.59
C GLU D 333 -17.47 23.70 -8.51
N ASP D 334 -17.05 23.36 -7.28
CA ASP D 334 -15.85 22.54 -7.09
C ASP D 334 -15.99 21.16 -7.68
N VAL D 335 -17.12 20.51 -7.46
CA VAL D 335 -17.32 19.20 -8.08
C VAL D 335 -17.77 19.29 -9.54
N GLU D 336 -17.81 20.50 -10.11
CA GLU D 336 -18.05 20.71 -11.51
C GLU D 336 -19.41 20.26 -11.97
N LEU D 337 -20.40 20.41 -11.09
CA LEU D 337 -21.79 20.15 -11.43
C LEU D 337 -22.41 21.37 -12.11
N ILE D 338 -21.82 22.53 -11.90
CA ILE D 338 -22.15 23.73 -12.69
C ILE D 338 -20.85 24.36 -13.18
N LYS E 2 28.03 -4.18 -27.17
CA LYS E 2 28.64 -4.52 -28.50
C LYS E 2 29.92 -5.35 -28.39
N LYS E 3 30.64 -5.26 -27.26
CA LYS E 3 31.71 -6.20 -27.00
C LYS E 3 31.14 -7.59 -26.73
N VAL E 4 31.96 -8.61 -26.95
CA VAL E 4 31.68 -9.92 -26.44
C VAL E 4 31.92 -9.85 -24.93
N GLU E 5 31.07 -10.50 -24.14
CA GLU E 5 31.28 -10.59 -22.71
C GLU E 5 31.43 -12.04 -22.32
N ARG E 6 32.27 -12.30 -21.32
CA ARG E 6 32.53 -13.64 -20.78
C ARG E 6 32.28 -13.62 -19.30
N PHE E 7 31.65 -14.68 -18.79
CA PHE E 7 31.41 -14.84 -17.39
C PHE E 7 31.77 -16.25 -16.98
N GLU E 8 32.41 -16.35 -15.81
CA GLU E 8 32.70 -17.61 -15.17
C GLU E 8 31.86 -17.76 -13.92
N VAL E 9 31.24 -18.92 -13.78
CA VAL E 9 30.42 -19.24 -12.64
C VAL E 9 30.93 -20.58 -12.16
N PRO E 10 30.93 -20.82 -10.84
CA PRO E 10 31.28 -22.14 -10.37
C PRO E 10 30.42 -23.21 -11.01
N ARG E 11 31.05 -24.24 -11.59
CA ARG E 11 30.36 -25.30 -12.32
C ARG E 11 29.62 -26.29 -11.38
N THR E 12 30.35 -26.88 -10.44
CA THR E 12 29.82 -27.91 -9.56
C THR E 12 29.79 -27.42 -8.12
N ILE E 13 28.63 -27.56 -7.48
CA ILE E 13 28.45 -27.15 -6.11
C ILE E 13 27.96 -28.36 -5.34
N ILE E 14 28.84 -28.90 -4.49
CA ILE E 14 28.53 -30.05 -3.68
C ILE E 14 28.39 -29.56 -2.26
N PHE E 15 27.20 -29.78 -1.72
CA PHE E 15 26.78 -29.12 -0.52
C PHE E 15 26.06 -30.09 0.42
N GLY E 16 26.52 -30.15 1.67
CA GLY E 16 25.82 -30.91 2.71
C GLY E 16 26.71 -31.58 3.74
N PRO E 17 26.12 -32.33 4.69
CA PRO E 17 26.88 -33.02 5.73
C PRO E 17 27.68 -34.16 5.16
N GLY E 18 28.98 -34.19 5.45
CA GLY E 18 29.87 -35.17 4.85
C GLY E 18 30.09 -34.97 3.37
N ALA E 19 29.83 -33.77 2.85
CA ALA E 19 30.07 -33.48 1.42
C ALA E 19 31.54 -33.66 0.99
N LEU E 20 32.46 -33.53 1.94
CA LEU E 20 33.88 -33.66 1.68
C LEU E 20 34.26 -34.99 1.02
N GLU E 21 33.47 -36.04 1.29
CA GLU E 21 33.76 -37.38 0.78
C GLU E 21 33.55 -37.50 -0.73
N LYS E 22 32.76 -36.60 -1.30
CA LYS E 22 32.47 -36.64 -2.75
C LYS E 22 33.52 -35.89 -3.57
N THR E 23 34.49 -35.26 -2.91
CA THR E 23 35.53 -34.48 -3.60
C THR E 23 36.05 -35.16 -4.88
N PRO E 24 36.39 -36.46 -4.81
CA PRO E 24 36.93 -37.10 -6.03
C PRO E 24 36.06 -36.93 -7.28
N GLU E 25 34.77 -36.64 -7.10
CA GLU E 25 33.86 -36.49 -8.23
C GLU E 25 34.11 -35.23 -9.05
N VAL E 26 34.69 -34.21 -8.43
CA VAL E 26 34.96 -32.96 -9.14
C VAL E 26 36.45 -32.75 -9.47
N ILE E 27 37.26 -33.75 -9.22
CA ILE E 27 38.68 -33.62 -9.53
C ILE E 27 39.00 -34.46 -10.76
N PRO E 28 39.75 -33.83 -11.76
CA PRO E 28 40.04 -34.65 -12.96
C PRO E 28 40.90 -35.93 -12.82
N PRO E 29 40.83 -36.81 -13.91
CA PRO E 29 41.53 -38.11 -13.76
C PRO E 29 43.00 -38.10 -13.48
N SER E 30 43.75 -37.30 -14.21
CA SER E 30 45.18 -37.14 -13.93
C SER E 30 45.49 -35.68 -13.54
N GLY E 31 46.77 -35.40 -13.32
CA GLY E 31 47.23 -34.04 -13.05
C GLY E 31 47.78 -33.91 -11.64
N ARG E 32 48.80 -33.07 -11.48
CA ARG E 32 49.34 -32.77 -10.14
C ARG E 32 48.38 -31.90 -9.35
N VAL E 33 48.11 -32.29 -8.11
CA VAL E 33 47.17 -31.56 -7.28
C VAL E 33 47.88 -30.89 -6.12
N LEU E 34 47.79 -29.56 -6.10
CA LEU E 34 48.27 -28.77 -4.98
C LEU E 34 47.11 -28.54 -4.03
N ILE E 35 47.22 -29.08 -2.81
CA ILE E 35 46.32 -28.72 -1.74
C ILE E 35 46.97 -27.66 -0.88
N ILE E 36 46.33 -26.51 -0.73
CA ILE E 36 46.77 -25.49 0.20
C ILE E 36 45.76 -25.48 1.35
N THR E 37 46.27 -25.41 2.58
CA THR E 37 45.42 -25.45 3.76
C THR E 37 46.00 -24.61 4.88
N GLY E 38 45.28 -24.52 6.00
CA GLY E 38 45.74 -23.74 7.15
C GLY E 38 46.90 -24.40 7.87
N LYS E 39 47.06 -24.06 9.13
CA LYS E 39 48.21 -24.57 9.91
C LYS E 39 47.83 -25.32 11.20
N SER E 40 46.71 -24.96 11.84
CA SER E 40 46.20 -25.74 12.97
C SER E 40 45.13 -26.79 12.59
N SER E 41 43.85 -26.50 12.86
CA SER E 41 42.78 -27.49 12.76
C SER E 41 42.54 -28.02 11.33
N THR E 42 42.77 -27.18 10.32
CA THR E 42 42.33 -27.53 8.96
C THR E 42 43.23 -28.54 8.26
N ARG E 43 44.32 -28.96 8.89
CA ARG E 43 45.24 -29.91 8.25
C ARG E 43 44.59 -31.29 8.10
N LYS E 44 43.86 -31.74 9.12
CA LYS E 44 43.21 -33.05 9.09
C LYS E 44 42.22 -33.16 7.94
N TYR E 45 41.57 -32.04 7.62
CA TYR E 45 40.64 -31.99 6.49
C TYR E 45 41.40 -32.07 5.16
N ALA E 46 42.51 -31.36 5.06
CA ALA E 46 43.39 -31.49 3.92
C ALA E 46 43.83 -32.94 3.79
N GLU E 47 44.25 -33.53 4.91
CA GLU E 47 44.80 -34.90 4.92
C GLU E 47 43.85 -35.91 4.27
N ARG E 48 42.58 -35.84 4.64
CA ARG E 48 41.55 -36.73 4.13
C ARG E 48 41.43 -36.66 2.60
N VAL E 49 41.63 -35.47 2.06
CA VAL E 49 41.53 -35.24 0.62
C VAL E 49 42.69 -35.93 -0.11
N ALA E 50 43.86 -35.92 0.49
CA ALA E 50 44.97 -36.73 0.01
C ALA E 50 44.58 -38.21 -0.11
N GLU E 51 43.94 -38.73 0.93
CA GLU E 51 43.47 -40.13 0.93
C GLU E 51 42.48 -40.30 -0.21
N LEU E 52 41.36 -39.59 -0.10
CA LEU E 52 40.21 -39.78 -0.98
C LEU E 52 40.62 -39.68 -2.42
N LEU E 53 41.53 -38.73 -2.71
CA LEU E 53 42.06 -38.58 -4.05
C LEU E 53 43.04 -39.69 -4.29
N LYS E 54 42.68 -40.59 -5.20
CA LYS E 54 43.56 -41.68 -5.59
C LYS E 54 45.00 -41.18 -5.62
N GLN E 55 45.21 -40.04 -6.28
CA GLN E 55 46.55 -39.57 -6.55
C GLN E 55 47.24 -39.01 -5.30
N ASN E 56 48.57 -39.10 -5.31
CA ASN E 56 49.37 -38.29 -4.43
C ASN E 56 49.10 -36.83 -4.80
N CYS E 57 49.10 -36.01 -3.77
CA CYS E 57 48.87 -34.60 -3.90
C CYS E 57 49.94 -34.02 -3.00
N GLU E 58 49.89 -32.73 -2.74
CA GLU E 58 50.91 -32.12 -1.91
C GLU E 58 50.28 -31.16 -0.92
N ILE E 59 50.06 -31.64 0.30
CA ILE E 59 49.50 -30.81 1.35
C ILE E 59 50.54 -29.81 1.80
N ILE E 60 50.14 -28.55 1.90
CA ILE E 60 51.06 -27.47 2.25
C ILE E 60 50.29 -26.26 2.78
N SER E 61 50.83 -25.62 3.80
CA SER E 61 50.19 -24.48 4.43
C SER E 61 50.38 -23.22 3.60
N TYR E 62 49.43 -22.30 3.71
CA TYR E 62 49.54 -20.99 3.05
C TYR E 62 50.75 -20.21 3.56
N ASP E 63 51.03 -20.39 4.85
CA ASP E 63 52.23 -19.86 5.51
C ASP E 63 53.47 -20.08 4.63
N GLN E 64 53.59 -21.28 4.06
CA GLN E 64 54.81 -21.73 3.41
C GLN E 64 54.74 -21.81 1.88
N VAL E 65 53.67 -21.30 1.27
CA VAL E 65 53.53 -21.47 -0.17
C VAL E 65 54.49 -20.57 -0.95
N GLU E 66 55.30 -21.18 -1.79
CA GLU E 66 56.08 -20.43 -2.74
C GLU E 66 55.11 -20.17 -3.89
N LEU E 67 54.82 -18.91 -4.17
CA LEU E 67 53.85 -18.58 -5.22
C LEU E 67 54.38 -18.82 -6.63
N GLU E 68 55.64 -18.51 -6.87
CA GLU E 68 56.22 -18.59 -8.21
C GLU E 68 56.59 -20.02 -8.60
N LYS E 69 56.56 -20.91 -7.61
CA LYS E 69 56.87 -22.31 -7.83
C LYS E 69 55.76 -22.93 -8.63
N PRO E 70 56.20 -23.47 -9.77
CA PRO E 70 55.42 -24.20 -10.77
C PRO E 70 55.33 -25.66 -10.38
N GLY E 71 54.57 -26.44 -11.13
CA GLY E 71 54.38 -27.84 -10.80
C GLY E 71 53.04 -28.46 -10.54
N PHE E 72 51.94 -27.74 -10.75
CA PHE E 72 50.65 -28.33 -10.52
C PHE E 72 49.58 -28.09 -11.58
N ASP E 73 48.71 -29.07 -11.75
CA ASP E 73 47.59 -28.97 -12.71
C ASP E 73 46.25 -28.54 -12.06
N LEU E 74 46.19 -28.56 -10.74
CA LEU E 74 44.96 -28.23 -10.06
C LEU E 74 45.29 -27.75 -8.67
N VAL E 75 44.65 -26.66 -8.26
CA VAL E 75 44.87 -26.10 -6.94
C VAL E 75 43.60 -26.20 -6.12
N ILE E 76 43.70 -26.83 -4.95
CA ILE E 76 42.63 -26.88 -4.00
C ILE E 76 42.99 -25.95 -2.87
N GLY E 77 42.00 -25.20 -2.41
CA GLY E 77 42.14 -24.38 -1.23
C GLY E 77 41.23 -25.01 -0.22
N ILE E 78 41.79 -25.49 0.89
CA ILE E 78 40.98 -26.15 1.89
C ILE E 78 41.26 -25.56 3.27
N GLY E 79 40.24 -24.90 3.84
CA GLY E 79 40.36 -24.24 5.11
C GLY E 79 39.42 -23.06 5.19
N GLY E 80 39.80 -22.05 5.96
CA GLY E 80 39.06 -20.81 6.05
C GLY E 80 39.52 -19.86 4.96
N GLY E 81 39.14 -18.59 5.11
CA GLY E 81 39.44 -17.57 4.11
C GLY E 81 40.89 -17.47 3.67
N ARG E 82 41.82 -17.63 4.59
CA ARG E 82 43.24 -17.38 4.29
C ARG E 82 43.86 -18.38 3.30
N PRO E 83 43.72 -19.70 3.54
CA PRO E 83 44.23 -20.62 2.51
C PRO E 83 43.46 -20.54 1.18
N LEU E 84 42.16 -20.26 1.22
CA LEU E 84 41.40 -20.13 -0.02
C LEU E 84 41.89 -18.95 -0.89
N ASP E 85 42.20 -17.83 -0.25
CA ASP E 85 42.79 -16.67 -0.94
C ASP E 85 44.13 -17.07 -1.54
N MET E 86 44.98 -17.65 -0.71
CA MET E 86 46.30 -18.02 -1.18
C MET E 86 46.15 -18.91 -2.40
N ALA E 87 45.20 -19.86 -2.32
CA ALA E 87 44.94 -20.78 -3.42
C ALA E 87 44.52 -20.06 -4.70
N LYS E 88 43.72 -19.01 -4.55
CA LYS E 88 43.25 -18.26 -5.73
C LYS E 88 44.35 -17.40 -6.34
N VAL E 89 45.24 -16.88 -5.50
CA VAL E 89 46.40 -16.12 -5.99
C VAL E 89 47.28 -17.08 -6.81
N TYR E 90 47.73 -18.14 -6.15
CA TYR E 90 48.52 -19.15 -6.83
C TYR E 90 47.88 -19.57 -8.14
N SER E 91 46.58 -19.85 -8.07
CA SER E 91 45.79 -20.27 -9.22
C SER E 91 45.76 -19.19 -10.29
N TYR E 92 45.65 -17.93 -9.88
CA TYR E 92 45.63 -16.85 -10.85
C TYR E 92 46.99 -16.75 -11.53
N ILE E 93 48.04 -16.80 -10.70
CA ILE E 93 49.41 -16.69 -11.17
C ILE E 93 49.68 -17.77 -12.22
N HIS E 94 49.43 -19.03 -11.87
CA HIS E 94 49.84 -20.15 -12.73
C HIS E 94 48.80 -20.62 -13.74
N LYS E 95 47.66 -19.91 -13.80
CA LYS E 95 46.59 -20.16 -14.78
C LYS E 95 46.04 -21.58 -14.70
N LYS E 96 45.69 -22.01 -13.50
CA LYS E 96 45.25 -23.38 -13.26
C LYS E 96 43.90 -23.38 -12.57
N PRO E 97 43.05 -24.37 -12.88
CA PRO E 97 41.72 -24.47 -12.26
C PRO E 97 41.76 -24.50 -10.72
N PHE E 98 40.84 -23.79 -10.09
CA PHE E 98 40.80 -23.66 -8.65
C PHE E 98 39.56 -24.36 -8.04
N VAL E 99 39.77 -25.18 -7.02
CA VAL E 99 38.66 -25.80 -6.30
C VAL E 99 38.59 -25.28 -4.88
N ALA E 100 37.43 -24.76 -4.51
CA ALA E 100 37.17 -24.17 -3.20
C ALA E 100 36.55 -25.19 -2.28
N ILE E 101 37.21 -25.46 -1.16
CA ILE E 101 36.74 -26.41 -0.17
C ILE E 101 36.72 -25.69 1.15
N PRO E 102 35.70 -24.83 1.33
CA PRO E 102 35.65 -24.09 2.56
C PRO E 102 35.40 -25.00 3.75
N THR E 103 36.18 -24.75 4.80
CA THR E 103 36.10 -25.39 6.09
C THR E 103 35.41 -24.45 7.07
N SER E 104 35.45 -23.14 6.81
CA SER E 104 34.61 -22.18 7.53
C SER E 104 33.78 -21.38 6.51
N ALA E 105 33.08 -20.37 7.01
CA ALA E 105 32.16 -19.58 6.23
C ALA E 105 32.20 -18.16 6.75
N SER E 106 33.36 -17.55 6.66
CA SER E 106 33.58 -16.27 7.34
C SER E 106 33.10 -15.11 6.48
N HIS E 107 33.15 -15.28 5.16
CA HIS E 107 32.74 -14.25 4.21
C HIS E 107 32.51 -14.87 2.84
N ASP E 108 32.12 -14.05 1.87
CA ASP E 108 31.65 -14.55 0.57
C ASP E 108 32.80 -14.96 -0.36
N GLY E 109 34.02 -14.77 0.11
CA GLY E 109 35.22 -15.31 -0.54
C GLY E 109 35.23 -16.82 -0.70
N ILE E 110 34.42 -17.55 0.06
CA ILE E 110 34.37 -19.01 -0.12
C ILE E 110 33.82 -19.44 -1.48
N ALA E 111 33.13 -18.53 -2.20
CA ALA E 111 32.59 -18.86 -3.53
C ALA E 111 32.85 -17.81 -4.59
N SER E 112 33.56 -16.74 -4.20
CA SER E 112 33.90 -15.68 -5.13
C SER E 112 35.23 -16.01 -5.82
N PRO E 113 35.57 -15.26 -6.88
CA PRO E 113 36.90 -15.39 -7.49
C PRO E 113 37.95 -14.41 -6.93
N TYR E 114 37.56 -13.56 -6.01
CA TYR E 114 38.42 -12.51 -5.49
C TYR E 114 39.03 -12.85 -4.13
N VAL E 115 40.10 -12.15 -3.82
CA VAL E 115 40.80 -12.33 -2.57
C VAL E 115 40.71 -11.00 -1.85
N SER E 116 41.17 -10.96 -0.61
CA SER E 116 41.08 -9.77 0.21
C SER E 116 41.64 -8.56 -0.55
N PHE E 117 41.13 -7.38 -0.22
CA PHE E 117 41.63 -6.16 -0.82
C PHE E 117 43.14 -6.07 -0.60
N SER E 118 43.54 -6.15 0.67
CA SER E 118 44.95 -6.11 1.07
C SER E 118 45.82 -7.02 0.19
N LEU E 119 45.35 -8.25 -0.03
CA LEU E 119 46.08 -9.25 -0.82
C LEU E 119 46.11 -8.90 -2.31
N THR E 120 45.03 -8.30 -2.81
CA THR E 120 44.96 -7.85 -4.20
C THR E 120 46.05 -6.80 -4.47
N GLN E 121 46.36 -5.99 -3.46
CA GLN E 121 47.43 -4.99 -3.57
C GLN E 121 48.80 -5.65 -3.69
N ARG E 122 49.13 -6.46 -2.69
CA ARG E 122 50.44 -7.13 -2.60
C ARG E 122 50.88 -7.84 -3.87
N PHE E 123 49.90 -8.33 -4.63
CA PHE E 123 50.19 -9.12 -5.81
C PHE E 123 49.58 -8.50 -7.07
N SER E 124 49.34 -7.18 -7.03
CA SER E 124 48.84 -6.43 -8.19
C SER E 124 49.86 -6.44 -9.33
N LYS E 125 51.13 -6.65 -8.99
CA LYS E 125 52.16 -6.96 -9.96
C LYS E 125 51.63 -7.87 -11.07
N TYR E 126 50.95 -8.95 -10.68
CA TYR E 126 50.51 -9.96 -11.62
C TYR E 126 49.29 -9.60 -12.46
N GLY E 127 48.55 -8.57 -12.05
CA GLY E 127 47.26 -8.22 -12.65
C GLY E 127 46.24 -8.27 -11.54
N LYS E 128 44.96 -8.22 -11.90
CA LYS E 128 43.91 -8.34 -10.88
C LYS E 128 43.75 -9.82 -10.53
N ILE E 129 43.97 -10.16 -9.28
CA ILE E 129 43.87 -11.53 -8.89
C ILE E 129 42.41 -11.93 -8.93
N SER E 130 42.12 -12.87 -9.80
CA SER E 130 40.79 -13.37 -9.98
C SER E 130 40.78 -14.83 -10.44
N SER E 131 40.36 -15.73 -9.57
CA SER E 131 40.25 -17.16 -9.89
C SER E 131 38.89 -17.66 -9.51
N SER E 132 38.06 -17.94 -10.48
CA SER E 132 36.74 -18.44 -10.19
C SER E 132 36.83 -19.90 -9.88
N PRO E 133 36.32 -20.30 -8.70
CA PRO E 133 36.37 -21.72 -8.41
C PRO E 133 35.53 -22.52 -9.41
N VAL E 134 36.18 -23.47 -10.08
CA VAL E 134 35.53 -24.44 -10.98
C VAL E 134 34.52 -25.26 -10.19
N ALA E 135 34.79 -25.46 -8.90
CA ALA E 135 33.91 -26.21 -8.05
C ALA E 135 34.01 -25.78 -6.59
N ILE E 136 32.93 -26.02 -5.86
CA ILE E 136 32.83 -25.73 -4.45
C ILE E 136 32.27 -26.94 -3.72
N ILE E 137 32.99 -27.33 -2.68
CA ILE E 137 32.65 -28.46 -1.85
C ILE E 137 32.53 -27.93 -0.43
N ALA E 138 31.31 -27.59 -0.03
CA ALA E 138 31.02 -27.09 1.29
C ALA E 138 30.38 -28.19 2.14
N ASP E 139 31.19 -28.78 3.01
CA ASP E 139 30.79 -29.81 3.92
C ASP E 139 30.34 -29.16 5.20
N THR E 140 29.02 -29.06 5.38
CA THR E 140 28.44 -28.36 6.51
C THR E 140 28.66 -29.02 7.88
N SER E 141 29.06 -30.30 7.90
CA SER E 141 29.45 -30.96 9.16
C SER E 141 30.72 -30.28 9.68
N ILE E 142 31.72 -30.20 8.81
CA ILE E 142 33.00 -29.54 9.10
C ILE E 142 32.78 -28.08 9.48
N ILE E 143 32.12 -27.35 8.60
CA ILE E 143 31.93 -25.91 8.79
C ILE E 143 31.31 -25.59 10.16
N LEU E 144 30.53 -26.53 10.69
CA LEU E 144 29.87 -26.36 11.99
C LEU E 144 30.87 -26.36 13.16
N SER E 145 32.06 -26.92 12.93
CA SER E 145 33.11 -26.94 13.93
C SER E 145 33.90 -25.62 13.97
N ALA E 146 33.57 -24.70 13.08
CA ALA E 146 34.26 -23.40 12.96
C ALA E 146 34.02 -22.41 14.05
N PRO E 147 35.03 -21.47 14.22
CA PRO E 147 34.79 -20.53 15.30
C PRO E 147 33.51 -19.81 15.12
N SER E 148 32.74 -19.73 16.20
CA SER E 148 31.44 -19.13 16.16
C SER E 148 31.56 -17.70 15.73
N ARG E 149 32.56 -17.05 16.27
CA ARG E 149 32.91 -15.66 15.95
C ARG E 149 33.06 -15.40 14.43
N LEU E 150 33.74 -16.31 13.76
CA LEU E 150 33.94 -16.24 12.31
C LEU E 150 32.66 -16.59 11.54
N LEU E 151 31.95 -17.63 11.98
CA LEU E 151 30.65 -17.97 11.40
C LEU E 151 29.70 -16.80 11.52
N LYS E 152 29.70 -16.15 12.67
CA LYS E 152 28.87 -14.95 12.89
C LYS E 152 29.25 -13.82 11.94
N ALA E 153 30.54 -13.72 11.63
CA ALA E 153 31.07 -12.71 10.72
C ALA E 153 30.62 -12.97 9.28
N GLY E 154 30.38 -14.24 8.95
CA GLY E 154 29.77 -14.60 7.68
C GLY E 154 28.48 -13.84 7.47
N ILE E 155 27.65 -13.81 8.51
CA ILE E 155 26.37 -13.11 8.42
C ILE E 155 26.67 -11.62 8.32
N GLY E 156 27.74 -11.20 8.98
CA GLY E 156 28.21 -9.83 8.86
C GLY E 156 28.46 -9.43 7.41
N ASP E 157 29.25 -10.24 6.72
CA ASP E 157 29.62 -9.95 5.34
C ASP E 157 28.35 -9.87 4.45
N LEU E 158 27.36 -10.71 4.76
CA LEU E 158 26.07 -10.70 4.08
C LEU E 158 25.25 -9.45 4.36
N LEU E 159 25.41 -8.86 5.53
CA LEU E 159 24.61 -7.68 5.84
C LEU E 159 24.91 -6.54 4.90
N GLY E 160 26.11 -6.50 4.32
CA GLY E 160 26.48 -5.41 3.43
C GLY E 160 25.77 -5.37 2.07
N LYS E 161 25.16 -6.48 1.65
CA LYS E 161 24.67 -6.61 0.26
C LYS E 161 23.59 -5.60 -0.11
N ILE E 162 22.75 -5.25 0.84
CA ILE E 162 21.76 -4.23 0.61
C ILE E 162 22.42 -2.92 0.16
N ILE E 163 23.57 -2.59 0.76
CA ILE E 163 24.29 -1.37 0.41
C ILE E 163 25.02 -1.55 -0.90
N ALA E 164 25.66 -2.69 -1.08
CA ALA E 164 26.47 -2.92 -2.28
C ALA E 164 25.62 -2.81 -3.53
N VAL E 165 24.41 -3.36 -3.44
CA VAL E 165 23.42 -3.27 -4.50
C VAL E 165 22.88 -1.87 -4.69
N ARG E 166 22.71 -1.12 -3.59
CA ARG E 166 22.22 0.27 -3.71
C ARG E 166 23.31 1.14 -4.36
N ASP E 167 24.57 0.97 -3.96
CA ASP E 167 25.69 1.68 -4.60
C ASP E 167 25.78 1.30 -6.06
N TRP E 168 25.49 0.03 -6.37
CA TRP E 168 25.61 -0.45 -7.74
C TRP E 168 24.57 0.18 -8.63
N GLN E 169 23.34 0.25 -8.11
CA GLN E 169 22.24 0.86 -8.83
C GLN E 169 22.48 2.35 -9.05
N LEU E 170 23.16 2.97 -8.09
CA LEU E 170 23.47 4.40 -8.15
C LEU E 170 24.52 4.65 -9.22
N ALA E 171 25.62 3.91 -9.13
CA ALA E 171 26.66 3.94 -10.16
C ALA E 171 26.08 3.71 -11.56
N HIS E 172 25.10 2.82 -11.67
CA HIS E 172 24.51 2.54 -12.98
C HIS E 172 23.74 3.76 -13.54
N ARG E 173 22.86 4.31 -12.71
CA ARG E 173 22.05 5.47 -13.09
C ARG E 173 22.85 6.75 -13.29
N LEU E 174 23.96 6.91 -12.56
CA LEU E 174 24.78 8.12 -12.63
C LEU E 174 25.97 8.02 -13.59
N LYS E 175 26.67 6.88 -13.58
CA LYS E 175 27.91 6.71 -14.38
C LYS E 175 27.74 5.80 -15.60
N GLY E 176 26.60 5.14 -15.73
CA GLY E 176 26.38 4.19 -16.80
C GLY E 176 27.16 2.90 -16.64
N GLU E 177 27.56 2.59 -15.40
CA GLU E 177 28.30 1.36 -15.15
C GLU E 177 27.38 0.17 -15.38
N GLU E 178 27.97 -0.89 -15.94
CA GLU E 178 27.28 -2.15 -16.28
C GLU E 178 26.52 -2.71 -15.08
N TYR E 179 25.25 -3.04 -15.29
CA TYR E 179 24.39 -3.51 -14.21
C TYR E 179 23.72 -4.81 -14.62
N SER E 180 23.62 -5.76 -13.70
CA SER E 180 22.86 -7.00 -13.95
C SER E 180 21.80 -7.22 -12.89
N GLU E 181 20.53 -7.01 -13.25
CA GLU E 181 19.41 -7.31 -12.33
C GLU E 181 19.45 -8.74 -11.79
N TYR E 182 19.97 -9.67 -12.58
CA TYR E 182 20.08 -11.07 -12.21
C TYR E 182 21.02 -11.21 -11.00
N ALA E 183 22.21 -10.65 -11.10
CA ALA E 183 23.15 -10.64 -10.00
C ALA E 183 22.60 -9.85 -8.82
N ALA E 184 22.06 -8.67 -9.09
CA ALA E 184 21.49 -7.83 -8.03
C ALA E 184 20.44 -8.54 -7.19
N HIS E 185 19.45 -9.13 -7.82
CA HIS E 185 18.38 -9.81 -7.08
C HIS E 185 18.82 -11.10 -6.35
N LEU E 186 19.88 -11.72 -6.83
CA LEU E 186 20.41 -12.92 -6.25
C LEU E 186 21.15 -12.57 -4.92
N SER E 187 22.00 -11.57 -4.98
CA SER E 187 22.65 -10.97 -3.82
C SER E 187 21.67 -10.42 -2.76
N LEU E 188 20.61 -9.76 -3.19
CA LEU E 188 19.60 -9.29 -2.23
C LEU E 188 18.82 -10.45 -1.61
N THR E 189 18.71 -11.57 -2.33
CA THR E 189 18.02 -12.71 -1.77
C THR E 189 18.86 -13.25 -0.61
N SER E 190 20.17 -13.33 -0.81
CA SER E 190 21.08 -13.70 0.27
C SER E 190 20.94 -12.77 1.46
N TYR E 191 20.71 -11.48 1.20
CA TYR E 191 20.51 -10.52 2.26
C TYR E 191 19.17 -10.76 2.96
N LYS E 192 18.09 -10.71 2.18
CA LYS E 192 16.74 -10.93 2.71
C LYS E 192 16.73 -12.14 3.65
N ILE E 193 17.48 -13.18 3.29
CA ILE E 193 17.56 -14.41 4.05
C ILE E 193 18.45 -14.28 5.29
N ALA E 194 19.59 -13.62 5.15
CA ALA E 194 20.49 -13.39 6.28
C ALA E 194 19.74 -12.75 7.44
N VAL E 195 19.01 -11.68 7.16
CA VAL E 195 18.24 -10.98 8.20
C VAL E 195 17.07 -11.84 8.71
N GLY E 196 16.31 -12.40 7.79
CA GLY E 196 15.16 -13.23 8.15
C GLY E 196 15.48 -14.37 9.10
N ASN E 197 16.66 -14.98 8.96
CA ASN E 197 17.06 -16.14 9.78
C ASN E 197 18.15 -15.87 10.82
N ALA E 198 18.55 -14.62 11.00
CA ALA E 198 19.70 -14.32 11.85
C ALA E 198 19.54 -14.86 13.28
N GLN E 199 18.46 -14.44 13.95
CA GLN E 199 18.15 -14.88 15.31
C GLN E 199 18.10 -16.41 15.41
N LYS E 200 17.51 -17.04 14.40
CA LYS E 200 17.40 -18.50 14.35
C LYS E 200 18.72 -19.22 14.19
N ILE E 201 19.67 -18.63 13.44
CA ILE E 201 20.91 -19.34 13.06
C ILE E 201 22.19 -18.84 13.75
N LYS E 202 22.12 -17.67 14.39
CA LYS E 202 23.23 -17.06 15.12
C LYS E 202 24.14 -18.02 15.90
N ASN E 203 23.57 -18.98 16.62
CA ASN E 203 24.37 -19.81 17.54
C ASN E 203 25.18 -20.87 16.82
N PHE E 204 24.68 -21.31 15.68
CA PHE E 204 25.35 -22.32 14.88
C PHE E 204 25.64 -23.57 15.70
N ILE E 205 24.56 -24.17 16.21
CA ILE E 205 24.60 -25.41 17.01
C ILE E 205 24.25 -26.62 16.14
N ARG E 206 23.51 -26.40 15.06
CA ARG E 206 22.97 -27.49 14.23
C ARG E 206 23.27 -27.24 12.75
N GLU E 207 23.33 -28.29 11.94
CA GLU E 207 23.69 -28.16 10.52
C GLU E 207 22.76 -27.19 9.77
N GLU E 208 21.46 -27.29 10.04
CA GLU E 208 20.44 -26.33 9.61
C GLU E 208 20.93 -24.88 9.60
N ASP E 209 21.58 -24.46 10.69
CA ASP E 209 22.08 -23.09 10.82
C ASP E 209 23.14 -22.77 9.78
N VAL E 210 24.18 -23.59 9.75
CA VAL E 210 25.34 -23.42 8.88
C VAL E 210 24.95 -23.46 7.39
N ARG E 211 23.99 -24.31 7.07
CA ARG E 211 23.55 -24.53 5.70
C ARG E 211 22.90 -23.27 5.11
N VAL E 212 22.09 -22.57 5.90
CA VAL E 212 21.50 -21.32 5.39
C VAL E 212 22.55 -20.23 5.18
N LEU E 213 23.57 -20.17 6.03
CA LEU E 213 24.66 -19.20 5.87
C LEU E 213 25.49 -19.50 4.62
N VAL E 214 25.94 -20.74 4.52
CA VAL E 214 26.76 -21.21 3.40
C VAL E 214 26.01 -21.08 2.04
N LYS E 215 24.74 -21.42 2.01
CA LYS E 215 23.93 -21.22 0.81
C LYS E 215 23.98 -19.76 0.36
N ALA E 216 23.77 -18.86 1.33
CA ALA E 216 23.72 -17.43 1.07
C ALA E 216 25.04 -16.84 0.63
N LEU E 217 26.14 -17.45 1.05
CA LEU E 217 27.44 -17.01 0.61
C LEU E 217 27.70 -17.51 -0.81
N ILE E 218 27.33 -18.75 -1.09
CA ILE E 218 27.49 -19.34 -2.42
C ILE E 218 26.68 -18.57 -3.44
N GLY E 219 25.46 -18.21 -3.04
CA GLY E 219 24.61 -17.42 -3.87
C GLY E 219 25.33 -16.16 -4.26
N CYS E 220 25.93 -15.51 -3.27
CA CYS E 220 26.71 -14.30 -3.49
C CYS E 220 27.80 -14.53 -4.52
N GLY E 221 28.51 -15.66 -4.40
CA GLY E 221 29.53 -16.06 -5.36
C GLY E 221 28.94 -16.21 -6.76
N VAL E 222 27.77 -16.81 -6.85
CA VAL E 222 27.13 -16.94 -8.13
C VAL E 222 26.77 -15.55 -8.68
N ALA E 223 26.33 -14.66 -7.81
CA ALA E 223 26.00 -13.30 -8.21
C ALA E 223 27.21 -12.55 -8.76
N MET E 224 28.35 -12.69 -8.12
CA MET E 224 29.56 -12.05 -8.62
C MET E 224 29.97 -12.60 -9.98
N GLY E 225 29.71 -13.88 -10.21
CA GLY E 225 30.07 -14.51 -11.49
C GLY E 225 29.24 -14.00 -12.65
N ILE E 226 27.94 -13.96 -12.43
CA ILE E 226 27.00 -13.43 -13.41
C ILE E 226 27.31 -11.97 -13.74
N ALA E 227 27.61 -11.17 -12.73
CA ALA E 227 27.91 -9.75 -12.92
C ALA E 227 29.31 -9.55 -13.54
N GLY E 228 30.20 -10.51 -13.32
CA GLY E 228 31.57 -10.34 -13.73
C GLY E 228 32.29 -9.28 -12.90
N SER E 229 31.80 -9.02 -11.68
CA SER E 229 32.47 -8.10 -10.76
C SER E 229 32.00 -8.34 -9.32
N SER E 230 32.62 -7.64 -8.37
CA SER E 230 32.21 -7.79 -6.98
C SER E 230 31.09 -6.82 -6.61
N ARG E 231 30.59 -6.06 -7.59
CA ARG E 231 29.58 -5.05 -7.35
C ARG E 231 28.35 -5.53 -6.58
N PRO E 232 27.79 -6.71 -6.95
CA PRO E 232 26.66 -7.25 -6.19
C PRO E 232 26.91 -7.42 -4.69
N CYS E 233 28.14 -7.68 -4.31
CA CYS E 233 28.43 -8.04 -2.92
C CYS E 233 29.42 -7.12 -2.20
N SER E 234 29.81 -6.03 -2.86
CA SER E 234 30.76 -5.11 -2.28
C SER E 234 30.53 -3.70 -2.81
N GLY E 235 30.25 -2.78 -1.89
CA GLY E 235 30.10 -1.37 -2.20
C GLY E 235 30.81 -0.57 -1.11
N SER E 236 30.25 0.58 -0.75
CA SER E 236 30.88 1.52 0.17
C SER E 236 31.17 0.92 1.56
N GLU E 237 30.34 -0.03 2.00
CA GLU E 237 30.56 -0.72 3.26
C GLU E 237 31.87 -1.53 3.24
N HIS E 238 32.17 -2.15 2.10
CA HIS E 238 33.41 -2.90 1.96
C HIS E 238 34.57 -1.95 1.81
N LEU E 239 34.32 -0.79 1.23
CA LEU E 239 35.35 0.24 1.08
C LEU E 239 35.82 0.67 2.45
N PHE E 240 34.87 0.93 3.33
CA PHE E 240 35.17 1.23 4.72
C PHE E 240 36.02 0.11 5.37
N ALA E 241 35.59 -1.14 5.19
CA ALA E 241 36.30 -2.31 5.71
C ALA E 241 37.74 -2.43 5.21
N HIS E 242 37.92 -2.27 3.90
CA HIS E 242 39.24 -2.38 3.28
C HIS E 242 40.19 -1.29 3.79
N ALA E 243 39.63 -0.11 4.04
CA ALA E 243 40.37 1.04 4.51
C ALA E 243 40.91 0.81 5.94
N ILE E 244 40.19 0.01 6.72
CA ILE E 244 40.60 -0.39 8.06
C ILE E 244 41.63 -1.49 7.90
N GLU E 245 41.32 -2.46 7.05
CA GLU E 245 42.18 -3.62 6.85
C GLU E 245 43.60 -3.25 6.38
N VAL E 246 43.78 -2.10 5.73
CA VAL E 246 45.14 -1.64 5.37
C VAL E 246 45.83 -0.83 6.45
N ARG E 247 45.17 -0.59 7.58
CA ARG E 247 45.75 0.18 8.71
C ARG E 247 45.98 -0.65 10.01
N VAL E 248 45.81 -1.97 9.97
CA VAL E 248 45.98 -2.79 11.18
C VAL E 248 46.71 -4.11 10.89
N ASP E 252 45.83 -9.23 11.80
CA ASP E 252 44.57 -9.95 11.95
C ASP E 252 43.91 -9.69 13.33
N GLU E 253 43.84 -8.42 13.73
CA GLU E 253 43.23 -8.03 15.01
C GLU E 253 41.71 -7.95 14.81
N VAL E 254 41.32 -7.32 13.69
CA VAL E 254 39.91 -7.13 13.27
C VAL E 254 39.40 -8.24 12.34
N VAL E 255 38.08 -8.38 12.24
CA VAL E 255 37.49 -9.42 11.38
C VAL E 255 36.64 -8.86 10.23
N HIS E 256 36.95 -9.32 9.01
CA HIS E 256 36.30 -8.76 7.82
C HIS E 256 34.78 -8.50 7.95
N GLY E 257 34.02 -9.52 8.30
CA GLY E 257 32.56 -9.41 8.38
C GLY E 257 32.06 -8.39 9.37
N GLU E 258 32.75 -8.30 10.51
CA GLU E 258 32.44 -7.33 11.54
C GLU E 258 32.58 -5.95 10.96
N LEU E 259 33.68 -5.72 10.25
CA LEU E 259 33.97 -4.40 9.69
C LEU E 259 32.91 -4.03 8.67
N VAL E 260 32.55 -5.01 7.83
CA VAL E 260 31.51 -4.83 6.82
C VAL E 260 30.17 -4.46 7.48
N ALA E 261 29.83 -5.15 8.56
CA ALA E 261 28.61 -4.88 9.31
C ALA E 261 28.57 -3.46 9.88
N LEU E 262 29.68 -3.03 10.47
CA LEU E 262 29.82 -1.64 10.96
C LEU E 262 29.68 -0.64 9.82
N GLY E 263 30.44 -0.85 8.75
CA GLY E 263 30.35 -0.03 7.57
C GLY E 263 28.93 0.03 7.03
N THR E 264 28.25 -1.11 7.07
CA THR E 264 26.90 -1.21 6.51
C THR E 264 25.99 -0.27 7.26
N ILE E 265 26.11 -0.33 8.59
CA ILE E 265 25.36 0.54 9.48
C ILE E 265 25.60 1.99 9.11
N ILE E 266 26.85 2.34 8.87
CA ILE E 266 27.20 3.74 8.58
C ILE E 266 26.70 4.15 7.19
N MET E 267 26.90 3.27 6.21
CA MET E 267 26.53 3.59 4.83
C MET E 267 25.03 3.56 4.65
N ALA E 268 24.33 2.80 5.50
CA ALA E 268 22.87 2.86 5.55
C ALA E 268 22.42 4.24 5.99
N TYR E 269 23.08 4.78 7.02
CA TYR E 269 22.80 6.15 7.43
C TYR E 269 23.00 7.10 6.25
N LEU E 270 24.14 6.98 5.56
CA LEU E 270 24.47 7.87 4.45
C LEU E 270 23.49 7.77 3.29
N HIS E 271 23.02 6.55 3.04
CA HIS E 271 22.08 6.30 1.95
C HIS E 271 20.67 6.78 2.28
N GLY E 272 20.42 7.12 3.52
CA GLY E 272 19.10 7.58 3.89
C GLY E 272 18.11 6.51 4.22
N ILE E 273 18.57 5.28 4.30
CA ILE E 273 17.76 4.14 4.63
C ILE E 273 17.76 3.77 6.11
N ASN E 274 17.20 2.61 6.42
CA ASN E 274 17.07 2.16 7.79
C ASN E 274 18.23 1.50 8.44
N TRP E 275 19.11 2.35 8.94
CA TRP E 275 20.29 1.87 9.65
C TRP E 275 19.94 1.21 10.99
N ARG E 276 18.84 1.62 11.62
CA ARG E 276 18.45 1.05 12.92
C ARG E 276 18.07 -0.42 12.79
N ARG E 277 17.30 -0.74 11.74
CA ARG E 277 16.84 -2.12 11.49
C ARG E 277 18.03 -3.04 11.34
N ILE E 278 19.08 -2.51 10.73
CA ILE E 278 20.30 -3.25 10.48
C ILE E 278 21.11 -3.41 11.75
N LYS E 279 21.26 -2.33 12.50
CA LYS E 279 21.97 -2.36 13.78
C LYS E 279 21.29 -3.31 14.76
N ARG E 280 19.96 -3.28 14.81
CA ARG E 280 19.16 -4.23 15.62
C ARG E 280 19.57 -5.64 15.29
N ILE E 281 19.59 -5.93 13.99
CA ILE E 281 19.95 -7.26 13.49
C ILE E 281 21.38 -7.63 13.84
N ALA E 282 22.29 -6.67 13.75
CA ALA E 282 23.69 -6.93 14.06
C ALA E 282 23.90 -7.31 15.54
N ASP E 283 23.17 -6.64 16.43
CA ASP E 283 23.24 -6.92 17.87
C ASP E 283 22.58 -8.25 18.19
N ILE E 284 21.48 -8.53 17.50
CA ILE E 284 20.82 -9.83 17.65
C ILE E 284 21.80 -10.97 17.39
N ILE E 285 22.73 -10.80 16.43
CA ILE E 285 23.73 -11.83 16.09
C ILE E 285 24.89 -11.84 17.07
N GLY E 286 25.17 -10.69 17.69
CA GLY E 286 26.31 -10.56 18.60
C GLY E 286 27.54 -10.13 17.86
N LEU E 287 27.35 -9.24 16.88
CA LEU E 287 28.47 -8.66 16.16
C LEU E 287 28.77 -7.30 16.79
N PRO E 288 30.05 -6.91 16.78
CA PRO E 288 30.35 -5.59 17.32
C PRO E 288 29.60 -4.51 16.57
N THR E 289 28.88 -3.68 17.33
CA THR E 289 28.14 -2.54 16.80
C THR E 289 28.62 -1.21 17.41
N SER E 290 29.91 -1.16 17.73
CA SER E 290 30.54 0.09 18.15
C SER E 290 32.03 0.02 17.87
N LEU E 291 32.65 1.18 17.73
CA LEU E 291 34.09 1.24 17.57
C LEU E 291 34.75 0.66 18.82
N ARG E 292 34.18 0.99 19.99
CA ARG E 292 34.60 0.42 21.28
C ARG E 292 34.52 -1.11 21.27
N GLN E 293 33.32 -1.66 21.10
CA GLN E 293 33.15 -3.12 21.01
C GLN E 293 34.11 -3.71 19.96
N ALA E 294 34.28 -3.00 18.85
CA ALA E 294 35.12 -3.48 17.74
C ALA E 294 36.61 -3.27 17.98
N ASN E 295 36.95 -2.42 18.95
CA ASN E 295 38.34 -2.02 19.19
C ASN E 295 38.92 -1.37 17.94
N ILE E 296 38.29 -0.28 17.53
CA ILE E 296 38.77 0.53 16.43
C ILE E 296 38.94 1.91 17.00
N ASP E 297 40.14 2.48 16.89
CA ASP E 297 40.35 3.85 17.33
C ASP E 297 39.56 4.77 16.41
N VAL E 298 38.89 5.76 17.03
CA VAL E 298 38.06 6.72 16.32
C VAL E 298 38.80 7.44 15.20
N ASP E 299 40.01 7.90 15.47
CA ASP E 299 40.79 8.63 14.48
C ASP E 299 41.13 7.78 13.27
N LEU E 300 41.26 6.47 13.50
CA LEU E 300 41.55 5.51 12.44
C LEU E 300 40.30 5.21 11.61
N ALA E 301 39.16 5.15 12.29
CA ALA E 301 37.88 5.02 11.61
C ALA E 301 37.56 6.28 10.78
N LEU E 302 37.93 7.45 11.28
CA LEU E 302 37.71 8.71 10.56
C LEU E 302 38.64 8.84 9.35
N GLU E 303 39.92 8.53 9.54
CA GLU E 303 40.85 8.41 8.41
C GLU E 303 40.31 7.47 7.35
N ALA E 304 39.77 6.34 7.81
CA ALA E 304 39.26 5.31 6.90
C ALA E 304 38.09 5.84 6.06
N LEU E 305 37.09 6.40 6.72
CA LEU E 305 35.89 6.93 6.08
C LEU E 305 36.16 8.08 5.12
N THR E 306 37.12 8.96 5.45
CA THR E 306 37.42 10.11 4.58
C THR E 306 38.26 9.76 3.34
N THR E 307 38.93 8.62 3.36
CA THR E 307 39.79 8.24 2.24
C THR E 307 39.26 7.08 1.40
N ALA E 308 38.25 6.38 1.93
CA ALA E 308 37.72 5.12 1.38
C ALA E 308 37.32 5.21 -0.08
N HIS E 309 36.78 6.36 -0.47
CA HIS E 309 36.45 6.62 -1.86
C HIS E 309 37.65 6.61 -2.81
N THR E 310 38.88 6.65 -2.30
CA THR E 310 40.07 6.71 -3.14
C THR E 310 40.66 5.34 -3.42
N LEU E 311 40.16 4.31 -2.76
CA LEU E 311 40.67 2.95 -2.99
C LEU E 311 40.32 2.44 -4.38
N ARG E 312 39.05 2.54 -4.75
CA ARG E 312 38.59 2.18 -6.08
C ARG E 312 37.85 3.36 -6.71
N PRO E 313 38.60 4.38 -7.20
CA PRO E 313 38.05 5.57 -7.86
C PRO E 313 37.17 5.24 -9.07
N ASP E 314 37.50 4.16 -9.77
CA ASP E 314 36.70 3.68 -10.90
C ASP E 314 35.26 3.29 -10.53
N ARG E 315 35.01 2.92 -9.27
CA ARG E 315 33.64 2.54 -8.87
C ARG E 315 32.90 3.53 -7.95
N TYR E 316 31.87 4.15 -8.50
CA TYR E 316 31.09 5.13 -7.77
C TYR E 316 30.26 4.49 -6.67
N THR E 317 30.18 5.15 -5.52
CA THR E 317 29.23 4.77 -4.48
C THR E 317 28.57 6.03 -3.93
N ILE E 318 27.76 5.87 -2.89
CA ILE E 318 27.22 7.02 -2.15
C ILE E 318 28.32 7.94 -1.55
N LEU E 319 29.55 7.48 -1.46
CA LEU E 319 30.63 8.33 -0.95
C LEU E 319 31.03 9.41 -1.93
N GLY E 320 30.68 9.20 -3.20
CA GLY E 320 30.96 10.15 -4.27
C GLY E 320 32.39 10.64 -4.23
N ASP E 321 32.55 11.96 -4.18
CA ASP E 321 33.84 12.68 -4.10
C ASP E 321 34.63 12.35 -2.87
N GLY E 322 33.94 12.18 -1.76
CA GLY E 322 34.58 11.95 -0.47
C GLY E 322 33.68 12.40 0.66
N LEU E 323 33.56 11.56 1.66
CA LEU E 323 32.85 11.95 2.86
C LEU E 323 33.77 12.93 3.63
N SER E 324 33.23 14.07 4.07
CA SER E 324 34.01 15.04 4.82
C SER E 324 34.18 14.61 6.28
N ARG E 325 35.23 15.11 6.93
CA ARG E 325 35.56 14.77 8.32
C ARG E 325 34.41 15.06 9.29
N GLU E 326 33.83 16.26 9.17
CA GLU E 326 32.70 16.63 10.03
C GLU E 326 31.60 15.58 9.85
N ALA E 327 31.23 15.35 8.59
CA ALA E 327 30.18 14.39 8.24
C ALA E 327 30.46 12.99 8.77
N ALA E 328 31.69 12.52 8.62
CA ALA E 328 32.05 11.20 9.19
C ALA E 328 31.96 11.20 10.72
N LYS E 329 32.42 12.29 11.34
CA LYS E 329 32.28 12.47 12.79
C LYS E 329 30.80 12.45 13.17
N ARG E 330 29.99 13.24 12.46
CA ARG E 330 28.55 13.24 12.68
C ARG E 330 27.94 11.84 12.48
N ALA E 331 28.30 11.20 11.37
CA ALA E 331 27.78 9.87 11.05
C ALA E 331 27.91 8.90 12.23
N LEU E 332 29.14 8.79 12.74
CA LEU E 332 29.45 7.88 13.84
C LEU E 332 28.66 8.18 15.10
N GLU E 333 28.46 9.47 15.40
CA GLU E 333 27.55 9.88 16.48
C GLU E 333 26.13 9.37 16.25
N ASP E 334 25.52 9.77 15.14
CA ASP E 334 24.09 9.49 14.86
C ASP E 334 23.75 8.01 14.94
N VAL E 335 24.65 7.16 14.43
CA VAL E 335 24.45 5.72 14.50
C VAL E 335 24.98 5.14 15.82
N GLU E 336 25.24 6.01 16.79
CA GLU E 336 25.62 5.58 18.13
C GLU E 336 26.75 4.58 18.08
N LEU E 337 27.67 4.76 17.14
CA LEU E 337 28.85 3.89 17.03
C LEU E 337 29.98 4.44 17.92
N ILE E 338 29.87 5.72 18.27
CA ILE E 338 30.74 6.36 19.25
C ILE E 338 29.90 7.19 20.23
N LYS F 2 20.16 -33.00 5.70
CA LYS F 2 20.72 -34.37 5.93
C LYS F 2 21.39 -34.96 4.68
N LYS F 3 20.72 -34.83 3.53
CA LYS F 3 21.25 -35.39 2.28
C LYS F 3 22.31 -34.46 1.66
N VAL F 4 23.34 -35.04 1.07
CA VAL F 4 24.31 -34.29 0.28
C VAL F 4 23.69 -33.94 -1.08
N GLU F 5 23.86 -32.70 -1.50
CA GLU F 5 23.30 -32.21 -2.74
C GLU F 5 24.40 -31.78 -3.71
N ARG F 6 24.31 -32.22 -4.97
CA ARG F 6 25.19 -31.76 -6.04
C ARG F 6 24.40 -30.84 -6.97
N PHE F 7 24.97 -29.70 -7.35
CA PHE F 7 24.35 -28.84 -8.37
C PHE F 7 25.33 -28.59 -9.50
N GLU F 8 24.84 -28.60 -10.73
CA GLU F 8 25.61 -28.17 -11.90
C GLU F 8 25.06 -26.85 -12.42
N VAL F 9 25.96 -25.92 -12.76
CA VAL F 9 25.61 -24.64 -13.35
C VAL F 9 26.54 -24.38 -14.51
N PRO F 10 26.09 -23.67 -15.57
CA PRO F 10 27.03 -23.46 -16.67
C PRO F 10 28.26 -22.65 -16.28
N ARG F 11 29.46 -23.14 -16.63
CA ARG F 11 30.74 -22.59 -16.16
C ARG F 11 31.11 -21.33 -16.91
N THR F 12 31.06 -21.39 -18.23
CA THR F 12 31.53 -20.28 -19.03
C THR F 12 30.44 -19.82 -19.94
N ILE F 13 30.13 -18.54 -19.81
CA ILE F 13 29.05 -17.95 -20.56
C ILE F 13 29.66 -16.82 -21.33
N ILE F 14 29.50 -16.91 -22.65
CA ILE F 14 30.11 -16.00 -23.56
C ILE F 14 28.99 -15.55 -24.47
N PHE F 15 28.75 -14.24 -24.52
CA PHE F 15 27.75 -13.72 -25.45
C PHE F 15 28.06 -12.33 -25.97
N GLY F 16 27.47 -12.03 -27.12
CA GLY F 16 27.69 -10.78 -27.83
C GLY F 16 27.96 -11.01 -29.31
N PRO F 17 28.05 -9.92 -30.08
CA PRO F 17 28.32 -10.00 -31.52
C PRO F 17 29.70 -10.57 -31.76
N GLY F 18 29.79 -11.58 -32.61
CA GLY F 18 31.05 -12.27 -32.88
C GLY F 18 31.38 -13.40 -31.92
N ALA F 19 30.53 -13.66 -30.91
CA ALA F 19 30.87 -14.63 -29.86
C ALA F 19 31.24 -16.05 -30.38
N LEU F 20 30.78 -16.41 -31.58
CA LEU F 20 31.17 -17.68 -32.17
C LEU F 20 32.67 -17.83 -32.30
N GLU F 21 33.35 -16.72 -32.60
CA GLU F 21 34.78 -16.74 -32.86
C GLU F 21 35.63 -17.11 -31.65
N LYS F 22 35.05 -17.07 -30.46
CA LYS F 22 35.79 -17.35 -29.23
C LYS F 22 35.55 -18.76 -28.72
N THR F 23 34.79 -19.54 -29.51
CA THR F 23 34.51 -20.93 -29.15
C THR F 23 35.78 -21.70 -28.72
N PRO F 24 36.88 -21.59 -29.50
CA PRO F 24 38.10 -22.32 -29.11
C PRO F 24 38.61 -22.06 -27.69
N GLU F 25 38.21 -20.94 -27.10
CA GLU F 25 38.60 -20.63 -25.72
C GLU F 25 37.98 -21.57 -24.66
N VAL F 26 36.95 -22.33 -25.03
CA VAL F 26 36.36 -23.33 -24.13
C VAL F 26 36.46 -24.76 -24.68
N ILE F 27 37.28 -24.98 -25.69
CA ILE F 27 37.43 -26.29 -26.28
C ILE F 27 38.82 -26.77 -25.89
N PRO F 28 38.91 -27.84 -25.08
CA PRO F 28 40.24 -28.30 -24.66
C PRO F 28 41.14 -28.69 -25.83
N PRO F 29 42.46 -28.60 -25.64
CA PRO F 29 43.43 -28.77 -26.73
C PRO F 29 43.35 -30.14 -27.39
N SER F 30 43.40 -31.19 -26.59
CA SER F 30 43.30 -32.56 -27.08
C SER F 30 41.83 -32.96 -27.20
N GLY F 31 41.60 -34.21 -27.59
CA GLY F 31 40.27 -34.80 -27.49
C GLY F 31 39.53 -34.86 -28.81
N ARG F 32 38.49 -35.69 -28.82
CA ARG F 32 37.68 -35.92 -30.00
C ARG F 32 36.32 -35.25 -29.82
N VAL F 33 36.02 -34.36 -30.76
CA VAL F 33 34.83 -33.52 -30.68
C VAL F 33 33.77 -33.98 -31.66
N LEU F 34 32.54 -34.08 -31.17
CA LEU F 34 31.38 -34.29 -32.02
C LEU F 34 30.59 -33.00 -32.06
N ILE F 35 30.14 -32.63 -33.25
CA ILE F 35 29.36 -31.45 -33.46
C ILE F 35 28.07 -31.87 -34.11
N ILE F 36 26.98 -31.68 -33.37
CA ILE F 36 25.66 -31.98 -33.83
C ILE F 36 25.06 -30.63 -34.11
N THR F 37 24.42 -30.50 -35.27
CA THR F 37 23.80 -29.27 -35.74
C THR F 37 22.54 -29.59 -36.56
N GLY F 38 21.96 -28.60 -37.21
CA GLY F 38 20.69 -28.76 -37.91
C GLY F 38 20.81 -29.20 -39.36
N LYS F 39 19.67 -29.34 -39.97
CA LYS F 39 19.45 -29.74 -41.35
C LYS F 39 19.75 -28.75 -42.45
N SER F 40 19.46 -27.47 -42.28
CA SER F 40 19.72 -26.57 -43.40
C SER F 40 20.67 -25.42 -43.17
N SER F 41 20.10 -24.29 -42.75
CA SER F 41 20.85 -23.08 -42.49
C SER F 41 21.88 -23.13 -41.37
N THR F 42 21.57 -23.83 -40.29
CA THR F 42 22.49 -23.84 -39.14
C THR F 42 23.87 -24.46 -39.47
N ARG F 43 23.96 -25.24 -40.55
CA ARG F 43 25.21 -25.94 -40.92
C ARG F 43 26.38 -24.99 -41.12
N LYS F 44 26.16 -23.88 -41.85
CA LYS F 44 27.25 -22.92 -42.05
C LYS F 44 27.92 -22.47 -40.74
N TYR F 45 27.12 -22.24 -39.70
CA TYR F 45 27.65 -21.89 -38.38
C TYR F 45 28.46 -23.03 -37.76
N ALA F 46 28.04 -24.27 -37.98
CA ALA F 46 28.85 -25.44 -37.58
C ALA F 46 30.15 -25.51 -38.37
N GLU F 47 30.09 -25.23 -39.68
CA GLU F 47 31.28 -25.23 -40.53
C GLU F 47 32.27 -24.21 -40.01
N ARG F 48 31.76 -23.03 -39.72
CA ARG F 48 32.55 -21.95 -39.17
C ARG F 48 33.28 -22.43 -37.91
N VAL F 49 32.56 -23.11 -37.02
CA VAL F 49 33.14 -23.62 -35.78
C VAL F 49 34.20 -24.69 -36.04
N ALA F 50 34.03 -25.44 -37.13
CA ALA F 50 35.01 -26.46 -37.52
C ALA F 50 36.34 -25.83 -37.95
N GLU F 51 36.28 -24.77 -38.75
CA GLU F 51 37.46 -23.99 -39.14
C GLU F 51 38.25 -23.46 -37.95
N LEU F 52 37.56 -22.99 -36.92
CA LEU F 52 38.23 -22.44 -35.74
C LEU F 52 38.90 -23.54 -34.90
N LEU F 53 38.58 -24.80 -35.18
CA LEU F 53 39.22 -25.94 -34.52
C LEU F 53 40.11 -26.78 -35.48
N LYS F 54 40.52 -26.19 -36.60
CA LYS F 54 41.31 -26.85 -37.65
C LYS F 54 40.71 -28.22 -38.05
N GLN F 55 39.40 -28.19 -38.22
CA GLN F 55 38.67 -29.28 -38.78
C GLN F 55 39.04 -30.66 -38.28
N ASN F 56 39.05 -30.87 -36.98
CA ASN F 56 39.36 -32.19 -36.48
C ASN F 56 38.21 -32.58 -35.58
N CYS F 57 37.08 -32.72 -36.23
CA CYS F 57 35.91 -33.11 -35.54
C CYS F 57 34.92 -33.62 -36.52
N GLU F 58 33.96 -34.35 -36.01
CA GLU F 58 32.88 -34.83 -36.82
C GLU F 58 31.69 -33.85 -36.71
N ILE F 59 31.08 -33.55 -37.84
CA ILE F 59 29.84 -32.79 -37.88
C ILE F 59 28.73 -33.69 -38.38
N ILE F 60 27.60 -33.68 -37.67
CA ILE F 60 26.40 -34.37 -38.14
C ILE F 60 25.17 -33.57 -37.76
N SER F 61 24.14 -33.77 -38.57
CA SER F 61 22.88 -33.19 -38.34
C SER F 61 22.17 -34.08 -37.32
N TYR F 62 21.29 -33.48 -36.50
CA TYR F 62 20.68 -34.19 -35.37
C TYR F 62 19.94 -35.47 -35.74
N ASP F 63 19.38 -35.52 -36.95
CA ASP F 63 18.56 -36.65 -37.38
C ASP F 63 19.40 -37.84 -37.81
N GLN F 64 20.71 -37.63 -37.95
CA GLN F 64 21.63 -38.66 -38.39
C GLN F 64 22.65 -39.07 -37.32
N VAL F 65 22.50 -38.60 -36.10
CA VAL F 65 23.40 -39.04 -35.02
C VAL F 65 23.16 -40.50 -34.64
N GLU F 66 24.25 -41.19 -34.35
CA GLU F 66 24.20 -42.56 -33.87
C GLU F 66 24.45 -42.52 -32.36
N LEU F 67 23.39 -42.61 -31.58
CA LEU F 67 23.44 -42.32 -30.14
C LEU F 67 24.31 -43.28 -29.31
N GLU F 68 24.52 -44.49 -29.83
CA GLU F 68 25.34 -45.49 -29.14
C GLU F 68 26.84 -45.42 -29.51
N LYS F 69 27.22 -44.54 -30.43
CA LYS F 69 28.60 -44.42 -30.89
C LYS F 69 29.52 -43.86 -29.79
N PRO F 70 30.52 -44.64 -29.35
CA PRO F 70 31.38 -44.24 -28.22
C PRO F 70 32.70 -43.59 -28.63
N GLY F 71 33.44 -43.09 -27.66
CA GLY F 71 34.81 -42.63 -27.90
C GLY F 71 35.03 -41.13 -28.00
N PHE F 72 33.94 -40.35 -27.95
CA PHE F 72 34.08 -38.91 -28.04
C PHE F 72 34.36 -38.35 -26.66
N ASP F 73 35.06 -37.21 -26.61
CA ASP F 73 35.43 -36.60 -25.34
C ASP F 73 34.62 -35.32 -25.08
N LEU F 74 33.90 -34.86 -26.09
CA LEU F 74 33.29 -33.56 -26.06
C LEU F 74 32.27 -33.48 -27.16
N VAL F 75 31.07 -33.02 -26.80
CA VAL F 75 29.97 -32.86 -27.75
C VAL F 75 29.50 -31.40 -27.71
N ILE F 76 29.26 -30.86 -28.90
CA ILE F 76 28.90 -29.49 -29.08
C ILE F 76 27.60 -29.51 -29.86
N GLY F 77 26.60 -28.81 -29.33
CA GLY F 77 25.35 -28.61 -30.06
C GLY F 77 25.41 -27.24 -30.66
N ILE F 78 25.06 -27.11 -31.94
CA ILE F 78 25.09 -25.83 -32.65
C ILE F 78 23.84 -25.74 -33.49
N GLY F 79 23.02 -24.72 -33.24
CA GLY F 79 21.76 -24.60 -33.96
C GLY F 79 20.61 -24.20 -33.07
N GLY F 80 19.41 -24.54 -33.50
CA GLY F 80 18.20 -24.32 -32.72
C GLY F 80 18.03 -25.38 -31.67
N GLY F 81 16.88 -25.36 -31.02
CA GLY F 81 16.58 -26.30 -29.95
C GLY F 81 16.73 -27.76 -30.30
N ARG F 82 16.41 -28.13 -31.53
CA ARG F 82 16.49 -29.53 -31.93
C ARG F 82 17.92 -30.12 -31.74
N PRO F 83 18.94 -29.51 -32.36
CA PRO F 83 20.26 -30.13 -32.25
C PRO F 83 20.90 -29.98 -30.87
N LEU F 84 20.56 -28.90 -30.16
CA LEU F 84 20.97 -28.76 -28.76
C LEU F 84 20.33 -29.86 -27.87
N ASP F 85 19.09 -30.21 -28.16
CA ASP F 85 18.44 -31.32 -27.47
C ASP F 85 19.22 -32.59 -27.75
N MET F 86 19.43 -32.88 -29.02
CA MET F 86 20.09 -34.14 -29.39
C MET F 86 21.53 -34.23 -28.88
N ALA F 87 22.23 -33.11 -28.84
CA ALA F 87 23.54 -33.03 -28.21
C ALA F 87 23.52 -33.36 -26.71
N LYS F 88 22.46 -32.90 -26.01
CA LYS F 88 22.28 -33.18 -24.60
C LYS F 88 22.00 -34.67 -24.32
N VAL F 89 21.24 -35.28 -25.22
CA VAL F 89 20.91 -36.69 -25.11
C VAL F 89 22.17 -37.51 -25.31
N TYR F 90 22.93 -37.20 -26.36
CA TYR F 90 24.15 -37.94 -26.63
C TYR F 90 25.11 -37.75 -25.47
N SER F 91 25.24 -36.51 -25.06
CA SER F 91 26.07 -36.12 -23.93
C SER F 91 25.75 -36.89 -22.64
N TYR F 92 24.47 -37.12 -22.40
CA TYR F 92 24.02 -37.82 -21.21
C TYR F 92 24.35 -39.29 -21.32
N ILE F 93 24.01 -39.89 -22.46
CA ILE F 93 24.26 -41.31 -22.67
C ILE F 93 25.72 -41.68 -22.36
N HIS F 94 26.66 -40.87 -22.85
CA HIS F 94 28.10 -41.15 -22.72
C HIS F 94 28.84 -40.42 -21.59
N LYS F 95 28.14 -39.60 -20.81
CA LYS F 95 28.71 -38.86 -19.68
C LYS F 95 29.91 -38.00 -20.09
N LYS F 96 29.70 -37.22 -21.15
CA LYS F 96 30.72 -36.34 -21.67
C LYS F 96 30.25 -34.90 -21.58
N PRO F 97 31.22 -33.96 -21.54
CA PRO F 97 30.85 -32.55 -21.46
C PRO F 97 30.13 -32.07 -22.72
N PHE F 98 29.08 -31.28 -22.49
CA PHE F 98 28.26 -30.66 -23.51
C PHE F 98 28.54 -29.15 -23.58
N VAL F 99 28.67 -28.64 -24.80
CA VAL F 99 28.81 -27.22 -25.04
C VAL F 99 27.67 -26.68 -25.92
N ALA F 100 26.96 -25.69 -25.39
CA ALA F 100 25.77 -25.19 -26.05
C ALA F 100 26.18 -24.01 -26.85
N ILE F 101 25.89 -24.05 -28.15
CA ILE F 101 26.20 -22.95 -29.04
C ILE F 101 24.92 -22.58 -29.76
N PRO F 102 24.00 -21.92 -29.03
CA PRO F 102 22.70 -21.62 -29.58
C PRO F 102 22.79 -20.62 -30.67
N THR F 103 22.00 -20.85 -31.70
CA THR F 103 22.05 -20.11 -32.93
C THR F 103 20.73 -19.34 -33.06
N SER F 104 19.89 -19.54 -32.06
CA SER F 104 18.50 -19.16 -32.05
C SER F 104 18.21 -18.98 -30.55
N ALA F 105 17.06 -18.44 -30.20
CA ALA F 105 16.72 -18.26 -28.78
C ALA F 105 15.26 -18.61 -28.59
N SER F 106 14.93 -19.84 -28.94
CA SER F 106 13.57 -20.35 -28.85
C SER F 106 12.97 -20.57 -27.48
N HIS F 107 13.74 -21.01 -26.53
CA HIS F 107 13.23 -21.26 -25.23
C HIS F 107 14.41 -21.42 -24.35
N ASP F 108 14.19 -21.72 -23.11
CA ASP F 108 15.26 -21.85 -22.15
C ASP F 108 16.14 -23.06 -22.27
N GLY F 109 15.87 -23.88 -23.25
CA GLY F 109 16.65 -25.05 -23.48
C GLY F 109 18.07 -24.70 -23.88
N ILE F 110 18.25 -23.50 -24.39
CA ILE F 110 19.55 -23.08 -24.85
C ILE F 110 20.58 -23.09 -23.70
N ALA F 111 20.11 -23.16 -22.46
CA ALA F 111 20.99 -23.07 -21.30
C ALA F 111 20.66 -24.03 -20.16
N SER F 112 19.66 -24.88 -20.33
CA SER F 112 19.26 -25.80 -19.28
C SER F 112 19.86 -27.16 -19.53
N PRO F 113 19.86 -28.01 -18.51
CA PRO F 113 20.35 -29.35 -18.74
C PRO F 113 19.33 -30.26 -19.40
N TYR F 114 18.09 -29.81 -19.52
CA TYR F 114 16.97 -30.71 -19.87
C TYR F 114 16.64 -30.61 -21.35
N VAL F 115 15.98 -31.67 -21.86
CA VAL F 115 15.56 -31.75 -23.26
C VAL F 115 14.04 -31.81 -23.33
N SER F 116 13.47 -31.77 -24.54
CA SER F 116 12.04 -31.66 -24.66
C SER F 116 11.38 -32.82 -23.95
N PHE F 117 10.13 -32.63 -23.53
CA PHE F 117 9.41 -33.66 -22.83
C PHE F 117 9.34 -34.92 -23.69
N SER F 118 9.01 -34.77 -24.98
CA SER F 118 8.95 -35.88 -25.93
C SER F 118 10.24 -36.68 -25.99
N LEU F 119 11.37 -35.99 -26.04
CA LEU F 119 12.67 -36.65 -26.17
C LEU F 119 13.07 -37.38 -24.91
N THR F 120 12.73 -36.78 -23.77
CA THR F 120 12.91 -37.38 -22.46
C THR F 120 12.13 -38.71 -22.37
N GLN F 121 10.93 -38.78 -22.96
CA GLN F 121 10.15 -40.03 -22.98
C GLN F 121 10.75 -41.02 -23.95
N ARG F 122 11.11 -40.53 -25.13
CA ARG F 122 11.58 -41.39 -26.20
C ARG F 122 12.83 -42.16 -25.78
N PHE F 123 13.70 -41.50 -25.03
CA PHE F 123 14.94 -42.11 -24.65
C PHE F 123 14.99 -42.35 -23.16
N SER F 124 13.84 -42.71 -22.57
CA SER F 124 13.78 -42.90 -21.13
C SER F 124 14.61 -44.12 -20.72
N LYS F 125 14.76 -45.07 -21.64
CA LYS F 125 15.52 -46.27 -21.33
C LYS F 125 16.96 -45.97 -20.90
N TYR F 126 17.49 -44.80 -21.28
CA TYR F 126 18.85 -44.40 -20.87
C TYR F 126 18.94 -43.81 -19.45
N GLY F 127 17.81 -43.42 -18.88
CA GLY F 127 17.78 -42.62 -17.65
C GLY F 127 17.02 -41.30 -17.86
N LYS F 128 17.08 -40.44 -16.83
CA LYS F 128 16.52 -39.09 -16.88
C LYS F 128 17.54 -38.23 -17.55
N ILE F 129 17.29 -37.88 -18.79
CA ILE F 129 18.23 -37.15 -19.57
C ILE F 129 18.49 -35.77 -19.00
N SER F 130 19.74 -35.52 -18.72
CA SER F 130 20.12 -34.25 -18.16
C SER F 130 21.59 -33.92 -18.40
N SER F 131 21.85 -33.00 -19.31
CA SER F 131 23.21 -32.58 -19.57
C SER F 131 23.32 -31.08 -19.42
N SER F 132 23.93 -30.62 -18.36
CA SER F 132 24.14 -29.21 -18.16
C SER F 132 25.35 -28.76 -18.97
N PRO F 133 25.17 -27.76 -19.85
CA PRO F 133 26.31 -27.35 -20.65
C PRO F 133 27.40 -26.75 -19.78
N VAL F 134 28.66 -27.20 -19.92
CA VAL F 134 29.81 -26.55 -19.27
C VAL F 134 30.05 -25.13 -19.79
N ALA F 135 29.55 -24.87 -20.99
CA ALA F 135 29.73 -23.59 -21.59
C ALA F 135 28.64 -23.27 -22.59
N ILE F 136 28.34 -21.98 -22.66
CA ILE F 136 27.34 -21.48 -23.55
C ILE F 136 28.00 -20.39 -24.34
N ILE F 137 27.79 -20.43 -25.66
CA ILE F 137 28.33 -19.45 -26.58
C ILE F 137 27.15 -18.91 -27.38
N ALA F 138 26.73 -17.68 -27.05
CA ALA F 138 25.59 -17.08 -27.69
C ALA F 138 26.04 -15.85 -28.47
N ASP F 139 26.18 -16.06 -29.78
CA ASP F 139 26.51 -15.02 -30.72
C ASP F 139 25.22 -14.32 -31.05
N THR F 140 25.08 -13.09 -30.60
CA THR F 140 23.83 -12.36 -30.74
C THR F 140 23.57 -11.85 -32.18
N SER F 141 24.62 -11.76 -32.99
CA SER F 141 24.48 -11.38 -34.40
C SER F 141 23.94 -12.57 -35.22
N ILE F 142 24.36 -13.77 -34.84
CA ILE F 142 23.82 -14.98 -35.46
C ILE F 142 22.38 -15.20 -35.01
N ILE F 143 22.16 -15.17 -33.70
CA ILE F 143 20.85 -15.37 -33.12
C ILE F 143 19.86 -14.33 -33.70
N LEU F 144 20.37 -13.14 -34.01
CA LEU F 144 19.61 -12.09 -34.69
C LEU F 144 18.99 -12.51 -36.04
N SER F 145 19.60 -13.52 -36.64
CA SER F 145 19.22 -14.05 -37.93
C SER F 145 18.21 -15.22 -37.87
N ALA F 146 17.96 -15.75 -36.68
CA ALA F 146 16.93 -16.79 -36.51
C ALA F 146 15.53 -16.27 -36.84
N PRO F 147 14.57 -17.17 -37.12
CA PRO F 147 13.20 -16.74 -37.42
C PRO F 147 12.50 -15.93 -36.32
N SER F 148 11.87 -14.83 -36.71
CA SER F 148 11.25 -13.89 -35.79
C SER F 148 10.20 -14.55 -34.88
N ARG F 149 9.52 -15.56 -35.42
CA ARG F 149 8.52 -16.29 -34.69
C ARG F 149 9.09 -17.06 -33.52
N LEU F 150 10.23 -17.70 -33.77
CA LEU F 150 10.88 -18.50 -32.77
C LEU F 150 11.58 -17.64 -31.71
N LEU F 151 12.07 -16.47 -32.10
CA LEU F 151 12.63 -15.51 -31.12
C LEU F 151 11.53 -14.95 -30.24
N LYS F 152 10.38 -14.66 -30.82
CA LYS F 152 9.28 -14.19 -30.00
C LYS F 152 8.83 -15.30 -29.07
N ALA F 153 9.01 -16.56 -29.50
CA ALA F 153 8.61 -17.71 -28.73
C ALA F 153 9.55 -17.93 -27.53
N GLY F 154 10.75 -17.39 -27.61
CA GLY F 154 11.66 -17.39 -26.50
C GLY F 154 11.03 -16.60 -25.39
N ILE F 155 10.37 -15.49 -25.74
CA ILE F 155 9.76 -14.66 -24.75
C ILE F 155 8.59 -15.40 -24.17
N GLY F 156 7.81 -16.07 -25.01
CA GLY F 156 6.66 -16.83 -24.54
C GLY F 156 7.06 -17.84 -23.47
N ASP F 157 8.17 -18.51 -23.71
CA ASP F 157 8.67 -19.49 -22.77
C ASP F 157 9.00 -18.85 -21.41
N LEU F 158 9.37 -17.57 -21.43
CA LEU F 158 9.72 -16.82 -20.23
C LEU F 158 8.48 -16.41 -19.43
N LEU F 159 7.39 -16.16 -20.12
CA LEU F 159 6.16 -15.72 -19.46
C LEU F 159 5.64 -16.78 -18.49
N GLY F 160 5.97 -18.04 -18.71
CA GLY F 160 5.48 -19.10 -17.85
C GLY F 160 6.12 -19.17 -16.47
N LYS F 161 7.19 -18.38 -16.25
CA LYS F 161 7.97 -18.47 -15.03
C LYS F 161 7.18 -17.97 -13.83
N ILE F 162 6.31 -16.98 -14.02
CA ILE F 162 5.42 -16.57 -12.93
C ILE F 162 4.55 -17.74 -12.42
N ILE F 163 4.05 -18.55 -13.34
CA ILE F 163 3.23 -19.69 -12.98
C ILE F 163 4.04 -20.80 -12.36
N ALA F 164 5.24 -21.03 -12.91
CA ALA F 164 6.08 -22.13 -12.45
C ALA F 164 6.58 -21.88 -11.03
N VAL F 165 6.97 -20.66 -10.74
CA VAL F 165 7.39 -20.34 -9.38
C VAL F 165 6.19 -20.44 -8.44
N ARG F 166 5.02 -20.00 -8.89
CA ARG F 166 3.86 -20.06 -8.02
C ARG F 166 3.42 -21.53 -7.76
N ASP F 167 3.61 -22.40 -8.75
CA ASP F 167 3.31 -23.83 -8.61
C ASP F 167 4.33 -24.50 -7.68
N TRP F 168 5.57 -24.03 -7.74
CA TRP F 168 6.64 -24.60 -6.95
C TRP F 168 6.45 -24.28 -5.45
N GLN F 169 6.15 -23.03 -5.15
CA GLN F 169 5.74 -22.61 -3.80
C GLN F 169 4.58 -23.41 -3.21
N LEU F 170 3.56 -23.59 -4.01
CA LEU F 170 2.42 -24.38 -3.58
C LEU F 170 2.85 -25.80 -3.25
N ALA F 171 3.69 -26.39 -4.13
CA ALA F 171 4.16 -27.75 -3.96
C ALA F 171 5.03 -27.85 -2.70
N HIS F 172 5.80 -26.82 -2.45
CA HIS F 172 6.59 -26.72 -1.25
C HIS F 172 5.72 -26.76 0.00
N ARG F 173 4.71 -25.89 0.04
CA ARG F 173 3.83 -25.78 1.21
C ARG F 173 2.96 -27.00 1.41
N LEU F 174 2.56 -27.66 0.34
CA LEU F 174 1.67 -28.79 0.42
C LEU F 174 2.39 -30.12 0.53
N LYS F 175 3.44 -30.31 -0.27
CA LYS F 175 4.15 -31.61 -0.34
C LYS F 175 5.53 -31.58 0.29
N GLY F 176 5.98 -30.44 0.79
CA GLY F 176 7.33 -30.37 1.35
C GLY F 176 8.47 -30.55 0.36
N GLU F 177 8.18 -30.37 -0.93
CA GLU F 177 9.19 -30.45 -1.98
C GLU F 177 10.23 -29.35 -1.77
N GLU F 178 11.49 -29.63 -2.10
CA GLU F 178 12.56 -28.67 -1.85
C GLU F 178 12.31 -27.39 -2.64
N TYR F 179 12.70 -26.27 -2.07
CA TYR F 179 12.46 -24.97 -2.65
C TYR F 179 13.71 -24.10 -2.42
N SER F 180 14.07 -23.28 -3.41
CA SER F 180 15.23 -22.38 -3.34
C SER F 180 14.84 -20.98 -3.75
N GLU F 181 14.78 -20.06 -2.79
CA GLU F 181 14.46 -18.67 -3.08
C GLU F 181 15.39 -18.10 -4.12
N TYR F 182 16.64 -18.55 -4.08
CA TYR F 182 17.66 -18.18 -5.06
C TYR F 182 17.23 -18.51 -6.49
N ALA F 183 16.90 -19.78 -6.72
CA ALA F 183 16.42 -20.22 -8.01
C ALA F 183 15.19 -19.42 -8.43
N ALA F 184 14.23 -19.31 -7.50
CA ALA F 184 12.96 -18.63 -7.78
C ALA F 184 13.08 -17.12 -8.07
N HIS F 185 13.89 -16.39 -7.32
CA HIS F 185 14.06 -14.96 -7.57
C HIS F 185 14.80 -14.66 -8.85
N LEU F 186 15.67 -15.59 -9.25
CA LEU F 186 16.38 -15.47 -10.50
C LEU F 186 15.39 -15.65 -11.66
N SER F 187 14.60 -16.71 -11.56
CA SER F 187 13.65 -17.06 -12.58
C SER F 187 12.59 -15.97 -12.73
N LEU F 188 12.12 -15.41 -11.60
CA LEU F 188 11.17 -14.30 -11.63
C LEU F 188 11.76 -13.01 -12.15
N THR F 189 13.08 -12.84 -12.06
CA THR F 189 13.75 -11.70 -12.68
C THR F 189 13.74 -11.79 -14.19
N SER F 190 13.99 -12.98 -14.72
CA SER F 190 13.81 -13.20 -16.15
C SER F 190 12.37 -12.88 -16.52
N TYR F 191 11.41 -13.41 -15.76
CA TYR F 191 10.00 -13.07 -16.01
C TYR F 191 9.81 -11.54 -16.04
N LYS F 192 10.29 -10.88 -14.99
CA LYS F 192 10.17 -9.43 -14.82
C LYS F 192 10.68 -8.67 -16.03
N ILE F 193 11.85 -9.11 -16.52
CA ILE F 193 12.53 -8.46 -17.62
C ILE F 193 11.81 -8.71 -18.93
N ALA F 194 11.25 -9.90 -19.08
CA ALA F 194 10.49 -10.26 -20.26
C ALA F 194 9.30 -9.34 -20.43
N VAL F 195 8.45 -9.26 -19.43
CA VAL F 195 7.25 -8.40 -19.54
C VAL F 195 7.65 -6.93 -19.60
N GLY F 196 8.64 -6.55 -18.80
CA GLY F 196 9.12 -5.18 -18.77
C GLY F 196 9.67 -4.69 -20.10
N ASN F 197 10.33 -5.56 -20.84
CA ASN F 197 10.94 -5.18 -22.10
C ASN F 197 10.25 -5.71 -23.38
N ALA F 198 9.10 -6.37 -23.22
CA ALA F 198 8.47 -7.07 -24.34
C ALA F 198 8.20 -6.14 -25.53
N GLN F 199 7.57 -4.99 -25.27
CA GLN F 199 7.27 -3.99 -26.30
C GLN F 199 8.51 -3.50 -27.06
N LYS F 200 9.61 -3.32 -26.35
CA LYS F 200 10.82 -2.79 -26.95
C LYS F 200 11.56 -3.83 -27.77
N ILE F 201 11.67 -5.06 -27.25
CA ILE F 201 12.54 -6.06 -27.89
C ILE F 201 11.78 -6.95 -28.88
N LYS F 202 10.46 -6.98 -28.81
CA LYS F 202 9.65 -7.97 -29.55
C LYS F 202 9.90 -8.13 -31.04
N ASN F 203 10.47 -7.13 -31.72
CA ASN F 203 10.76 -7.21 -33.15
C ASN F 203 12.14 -7.79 -33.44
N PHE F 204 13.00 -7.78 -32.44
CA PHE F 204 14.33 -8.36 -32.56
C PHE F 204 15.03 -7.93 -33.86
N ILE F 205 14.97 -6.65 -34.19
CA ILE F 205 15.71 -6.14 -35.34
C ILE F 205 17.11 -5.62 -34.97
N ARG F 206 17.38 -5.43 -33.68
CA ARG F 206 18.69 -5.00 -33.24
C ARG F 206 19.32 -5.97 -32.25
N GLU F 207 20.64 -6.11 -32.33
CA GLU F 207 21.40 -6.96 -31.42
C GLU F 207 21.06 -6.76 -29.94
N GLU F 208 20.79 -5.53 -29.55
CA GLU F 208 20.41 -5.22 -28.16
C GLU F 208 19.11 -5.92 -27.72
N ASP F 209 18.13 -6.00 -28.61
CA ASP F 209 16.90 -6.74 -28.34
C ASP F 209 17.13 -8.23 -28.04
N VAL F 210 17.98 -8.84 -28.86
CA VAL F 210 18.30 -10.25 -28.74
C VAL F 210 19.10 -10.52 -27.45
N ARG F 211 19.98 -9.58 -27.11
CA ARG F 211 20.79 -9.62 -25.91
C ARG F 211 19.90 -9.75 -24.66
N VAL F 212 18.81 -9.00 -24.62
CA VAL F 212 17.88 -9.04 -23.50
C VAL F 212 17.24 -10.43 -23.37
N LEU F 213 16.73 -10.96 -24.47
CA LEU F 213 16.10 -12.25 -24.45
C LEU F 213 17.08 -13.35 -24.02
N VAL F 214 18.27 -13.33 -24.62
CA VAL F 214 19.25 -14.36 -24.39
C VAL F 214 19.70 -14.37 -22.95
N LYS F 215 19.93 -13.20 -22.40
CA LYS F 215 20.36 -13.11 -21.02
C LYS F 215 19.26 -13.62 -20.07
N ALA F 216 17.99 -13.45 -20.45
CA ALA F 216 16.90 -13.89 -19.60
C ALA F 216 16.80 -15.41 -19.61
N LEU F 217 17.02 -16.00 -20.79
CA LEU F 217 17.02 -17.44 -20.93
C LEU F 217 18.20 -18.09 -20.21
N ILE F 218 19.36 -17.47 -20.29
CA ILE F 218 20.53 -18.00 -19.59
C ILE F 218 20.29 -17.93 -18.09
N GLY F 219 19.84 -16.79 -17.60
CA GLY F 219 19.41 -16.64 -16.21
C GLY F 219 18.50 -17.77 -15.70
N CYS F 220 17.55 -18.16 -16.53
CA CYS F 220 16.69 -19.32 -16.23
C CYS F 220 17.49 -20.62 -16.15
N GLY F 221 18.49 -20.75 -17.03
CA GLY F 221 19.31 -21.95 -17.08
C GLY F 221 20.10 -22.04 -15.80
N VAL F 222 20.65 -20.91 -15.37
CA VAL F 222 21.35 -20.85 -14.10
C VAL F 222 20.38 -21.11 -12.95
N ALA F 223 19.13 -20.66 -13.09
CA ALA F 223 18.13 -20.91 -12.06
C ALA F 223 17.84 -22.38 -11.90
N MET F 224 17.71 -23.08 -13.02
CA MET F 224 17.44 -24.52 -12.97
C MET F 224 18.62 -25.28 -12.38
N GLY F 225 19.82 -24.82 -12.68
CA GLY F 225 21.01 -25.42 -12.10
C GLY F 225 21.04 -25.30 -10.58
N ILE F 226 20.86 -24.09 -10.07
CA ILE F 226 20.77 -23.86 -8.63
C ILE F 226 19.67 -24.71 -7.96
N ALA F 227 18.55 -24.90 -8.66
CA ALA F 227 17.42 -25.62 -8.08
C ALA F 227 17.60 -27.14 -8.07
N GLY F 228 18.49 -27.65 -8.91
CA GLY F 228 18.54 -29.08 -9.14
C GLY F 228 17.34 -29.62 -9.93
N SER F 229 16.51 -28.73 -10.50
CA SER F 229 15.33 -29.19 -11.26
C SER F 229 14.80 -28.10 -12.20
N SER F 230 13.81 -28.42 -13.01
CA SER F 230 13.16 -27.42 -13.86
C SER F 230 12.07 -26.63 -13.13
N ARG F 231 11.86 -26.92 -11.85
CA ARG F 231 10.81 -26.25 -11.08
C ARG F 231 10.67 -24.72 -11.21
N PRO F 232 11.78 -23.97 -11.07
CA PRO F 232 11.68 -22.50 -11.23
C PRO F 232 11.22 -22.01 -12.62
N CYS F 233 11.34 -22.85 -13.64
CA CYS F 233 11.08 -22.44 -15.02
C CYS F 233 10.00 -23.20 -15.72
N SER F 234 9.39 -24.15 -15.01
CA SER F 234 8.40 -25.03 -15.61
C SER F 234 7.40 -25.51 -14.57
N GLY F 235 6.12 -25.27 -14.82
CA GLY F 235 5.07 -25.78 -13.97
C GLY F 235 3.88 -26.26 -14.76
N SER F 236 2.69 -25.96 -14.26
CA SER F 236 1.44 -26.38 -14.86
C SER F 236 1.27 -25.82 -16.30
N GLU F 237 1.86 -24.65 -16.56
CA GLU F 237 1.89 -24.09 -17.91
C GLU F 237 2.76 -24.94 -18.87
N HIS F 238 3.85 -25.52 -18.37
CA HIS F 238 4.65 -26.42 -19.18
C HIS F 238 3.94 -27.76 -19.35
N LEU F 239 3.13 -28.16 -18.35
CA LEU F 239 2.40 -29.40 -18.48
C LEU F 239 1.42 -29.32 -19.63
N PHE F 240 0.78 -28.16 -19.78
CA PHE F 240 -0.16 -27.98 -20.88
C PHE F 240 0.61 -28.07 -22.19
N ALA F 241 1.76 -27.41 -22.25
CA ALA F 241 2.59 -27.44 -23.44
C ALA F 241 2.99 -28.86 -23.82
N HIS F 242 3.51 -29.60 -22.86
CA HIS F 242 3.94 -30.97 -23.08
C HIS F 242 2.82 -31.90 -23.52
N ALA F 243 1.61 -31.66 -22.99
CA ALA F 243 0.45 -32.49 -23.27
C ALA F 243 -0.02 -32.32 -24.72
N ILE F 244 0.11 -31.10 -25.24
CA ILE F 244 -0.08 -30.82 -26.65
C ILE F 244 1.07 -31.43 -27.49
N GLU F 245 2.30 -31.33 -26.98
CA GLU F 245 3.50 -31.71 -27.74
C GLU F 245 3.62 -33.20 -28.05
N VAL F 246 3.18 -34.05 -27.13
CA VAL F 246 3.22 -35.50 -27.35
C VAL F 246 2.06 -36.00 -28.18
N ARG F 247 1.05 -35.16 -28.34
CA ARG F 247 -0.14 -35.49 -29.09
C ARG F 247 -0.13 -35.00 -30.53
N VAL F 248 0.90 -34.25 -30.94
CA VAL F 248 0.94 -33.74 -32.32
C VAL F 248 1.67 -34.71 -33.26
N GLU F 249 1.22 -34.74 -34.52
CA GLU F 249 1.78 -35.65 -35.53
C GLU F 249 3.27 -35.37 -35.83
N LYS F 250 3.64 -34.09 -35.92
CA LYS F 250 5.05 -33.70 -36.05
C LYS F 250 5.35 -32.46 -35.20
N GLU F 251 6.56 -32.40 -34.64
CA GLU F 251 6.98 -31.30 -33.74
C GLU F 251 6.57 -29.92 -34.24
N ASP F 252 6.96 -29.61 -35.49
CA ASP F 252 6.83 -28.26 -36.05
C ASP F 252 5.40 -27.74 -36.29
N GLU F 253 4.39 -28.58 -36.06
CA GLU F 253 2.99 -28.15 -36.14
C GLU F 253 2.65 -27.15 -35.03
N VAL F 254 3.40 -27.20 -33.93
CA VAL F 254 3.27 -26.24 -32.84
C VAL F 254 4.62 -25.75 -32.41
N VAL F 255 4.64 -24.59 -31.74
CA VAL F 255 5.89 -24.00 -31.23
C VAL F 255 5.87 -23.89 -29.70
N HIS F 256 6.83 -24.53 -29.06
CA HIS F 256 6.84 -24.73 -27.60
C HIS F 256 6.48 -23.47 -26.82
N GLY F 257 7.13 -22.37 -27.16
CA GLY F 257 7.01 -21.12 -26.41
C GLY F 257 5.65 -20.45 -26.58
N GLU F 258 4.99 -20.71 -27.70
CA GLU F 258 3.65 -20.23 -27.91
C GLU F 258 2.73 -21.01 -26.99
N LEU F 259 2.83 -22.34 -27.03
CA LEU F 259 2.08 -23.19 -26.11
C LEU F 259 2.30 -22.81 -24.64
N VAL F 260 3.55 -22.52 -24.27
CA VAL F 260 3.82 -22.08 -22.90
C VAL F 260 3.02 -20.80 -22.56
N ALA F 261 3.00 -19.86 -23.50
CA ALA F 261 2.29 -18.62 -23.30
C ALA F 261 0.82 -18.85 -23.13
N LEU F 262 0.24 -19.71 -23.96
CA LEU F 262 -1.19 -20.00 -23.89
C LEU F 262 -1.52 -20.63 -22.55
N GLY F 263 -0.77 -21.64 -22.21
CA GLY F 263 -0.94 -22.25 -20.91
C GLY F 263 -0.71 -21.31 -19.75
N THR F 264 0.10 -20.27 -19.94
CA THR F 264 0.36 -19.32 -18.86
C THR F 264 -0.89 -18.49 -18.53
N ILE F 265 -1.64 -18.13 -19.55
CA ILE F 265 -2.85 -17.38 -19.40
C ILE F 265 -3.86 -18.24 -18.67
N ILE F 266 -3.97 -19.47 -19.11
CA ILE F 266 -4.91 -20.41 -18.56
C ILE F 266 -4.60 -20.68 -17.11
N MET F 267 -3.37 -21.06 -16.81
CA MET F 267 -3.01 -21.38 -15.41
C MET F 267 -3.06 -20.17 -14.50
N ALA F 268 -2.90 -18.98 -15.06
CA ALA F 268 -2.99 -17.78 -14.27
C ALA F 268 -4.45 -17.56 -13.82
N TYR F 269 -5.36 -17.76 -14.75
CA TYR F 269 -6.77 -17.84 -14.41
C TYR F 269 -7.06 -18.84 -13.26
N LEU F 270 -6.48 -20.04 -13.31
CA LEU F 270 -6.72 -21.06 -12.30
C LEU F 270 -6.09 -20.70 -10.95
N HIS F 271 -4.93 -20.08 -10.97
CA HIS F 271 -4.32 -19.59 -9.75
C HIS F 271 -5.07 -18.36 -9.18
N GLY F 272 -6.00 -17.81 -9.95
CA GLY F 272 -6.71 -16.62 -9.51
C GLY F 272 -5.89 -15.34 -9.50
N ILE F 273 -4.83 -15.26 -10.30
CA ILE F 273 -4.06 -14.01 -10.44
C ILE F 273 -4.45 -13.28 -11.72
N ASN F 274 -3.68 -12.29 -12.12
CA ASN F 274 -4.07 -11.40 -13.19
C ASN F 274 -3.66 -11.96 -14.54
N TRP F 275 -4.56 -12.76 -15.09
CA TRP F 275 -4.36 -13.34 -16.42
C TRP F 275 -4.53 -12.35 -17.56
N ARG F 276 -5.26 -11.29 -17.28
CA ARG F 276 -5.58 -10.27 -18.26
C ARG F 276 -4.30 -9.56 -18.66
N ARG F 277 -3.43 -9.38 -17.68
CA ARG F 277 -2.17 -8.65 -17.84
C ARG F 277 -1.18 -9.47 -18.66
N ILE F 278 -1.12 -10.76 -18.38
CA ILE F 278 -0.26 -11.65 -19.14
C ILE F 278 -0.75 -11.80 -20.58
N LYS F 279 -2.07 -11.92 -20.78
CA LYS F 279 -2.62 -11.97 -22.14
C LYS F 279 -2.24 -10.74 -22.98
N ARG F 280 -2.32 -9.55 -22.36
CA ARG F 280 -2.00 -8.30 -23.04
C ARG F 280 -0.56 -8.32 -23.53
N ILE F 281 0.35 -8.74 -22.67
CA ILE F 281 1.76 -8.87 -22.99
C ILE F 281 2.01 -9.83 -24.14
N ALA F 282 1.29 -10.96 -24.14
CA ALA F 282 1.35 -11.88 -25.25
C ALA F 282 0.84 -11.29 -26.57
N ASP F 283 -0.19 -10.45 -26.52
CA ASP F 283 -0.69 -9.80 -27.74
C ASP F 283 0.26 -8.70 -28.21
N ILE F 284 0.98 -8.11 -27.26
CA ILE F 284 1.97 -7.13 -27.60
C ILE F 284 3.06 -7.79 -28.44
N ILE F 285 3.50 -8.97 -28.03
CA ILE F 285 4.56 -9.69 -28.71
C ILE F 285 4.11 -10.29 -30.04
N GLY F 286 2.81 -10.53 -30.16
CA GLY F 286 2.22 -11.16 -31.33
C GLY F 286 2.13 -12.66 -31.15
N LEU F 287 2.38 -13.14 -29.93
CA LEU F 287 2.12 -14.55 -29.59
C LEU F 287 0.63 -14.90 -29.74
N PRO F 288 0.34 -16.11 -30.22
CA PRO F 288 -1.04 -16.57 -30.26
C PRO F 288 -1.75 -16.42 -28.93
N THR F 289 -2.94 -15.82 -28.94
CA THR F 289 -3.81 -15.72 -27.76
C THR F 289 -5.17 -16.33 -28.02
N SER F 290 -5.22 -17.28 -28.95
CA SER F 290 -6.41 -18.05 -29.19
C SER F 290 -5.98 -19.41 -29.71
N LEU F 291 -6.79 -20.42 -29.45
CA LEU F 291 -6.57 -21.74 -30.04
C LEU F 291 -6.62 -21.70 -31.57
N ARG F 292 -7.51 -20.87 -32.12
CA ARG F 292 -7.62 -20.70 -33.58
C ARG F 292 -6.30 -20.24 -34.15
N GLN F 293 -5.74 -19.15 -33.62
CA GLN F 293 -4.46 -18.63 -34.13
C GLN F 293 -3.31 -19.65 -34.07
N ALA F 294 -3.30 -20.49 -33.04
CA ALA F 294 -2.22 -21.44 -32.82
C ALA F 294 -2.46 -22.70 -33.64
N ASN F 295 -3.67 -22.82 -34.18
CA ASN F 295 -4.04 -23.98 -34.98
C ASN F 295 -4.16 -25.21 -34.09
N ILE F 296 -4.89 -25.08 -32.99
CA ILE F 296 -5.05 -26.18 -32.05
C ILE F 296 -6.52 -26.44 -31.96
N ASP F 297 -6.90 -27.68 -32.24
CA ASP F 297 -8.28 -28.10 -32.14
C ASP F 297 -8.70 -27.99 -30.68
N VAL F 298 -9.84 -27.38 -30.47
CA VAL F 298 -10.46 -27.37 -29.15
C VAL F 298 -10.36 -28.75 -28.46
N ASP F 299 -10.71 -29.83 -29.15
CA ASP F 299 -10.74 -31.17 -28.52
C ASP F 299 -9.37 -31.61 -28.02
N LEU F 300 -8.32 -31.34 -28.81
CA LEU F 300 -6.94 -31.61 -28.38
C LEU F 300 -6.56 -30.83 -27.13
N ALA F 301 -7.05 -29.59 -27.02
CA ALA F 301 -6.70 -28.74 -25.89
C ALA F 301 -7.39 -29.19 -24.63
N LEU F 302 -8.62 -29.67 -24.78
CA LEU F 302 -9.35 -30.19 -23.61
C LEU F 302 -8.73 -31.48 -23.10
N GLU F 303 -8.52 -32.43 -24.00
CA GLU F 303 -7.82 -33.67 -23.65
C GLU F 303 -6.48 -33.38 -23.01
N ALA F 304 -5.79 -32.35 -23.49
CA ALA F 304 -4.52 -31.95 -22.95
C ALA F 304 -4.66 -31.33 -21.55
N LEU F 305 -5.63 -30.43 -21.36
CA LEU F 305 -5.90 -29.80 -20.06
C LEU F 305 -6.34 -30.81 -18.98
N THR F 306 -7.20 -31.74 -19.34
CA THR F 306 -7.69 -32.72 -18.38
C THR F 306 -6.70 -33.86 -18.02
N THR F 307 -5.63 -34.01 -18.78
CA THR F 307 -4.68 -35.08 -18.52
C THR F 307 -3.29 -34.60 -18.13
N ALA F 308 -3.02 -33.30 -18.25
CA ALA F 308 -1.67 -32.77 -18.07
C ALA F 308 -1.09 -33.09 -16.69
N HIS F 309 -1.94 -33.16 -15.68
CA HIS F 309 -1.53 -33.55 -14.34
C HIS F 309 -0.96 -34.98 -14.25
N THR F 310 -1.25 -35.83 -15.24
CA THR F 310 -0.75 -37.22 -15.24
C THR F 310 0.66 -37.36 -15.83
N LEU F 311 1.20 -36.30 -16.44
CA LEU F 311 2.49 -36.36 -17.13
C LEU F 311 3.66 -36.44 -16.17
N ARG F 312 3.57 -35.70 -15.07
CA ARG F 312 4.62 -35.78 -14.05
C ARG F 312 3.94 -35.74 -12.70
N PRO F 313 3.41 -36.89 -12.25
CA PRO F 313 2.64 -37.01 -11.02
C PRO F 313 3.37 -36.59 -9.74
N ASP F 314 4.64 -36.94 -9.66
CA ASP F 314 5.53 -36.41 -8.61
C ASP F 314 5.52 -34.88 -8.51
N ARG F 315 5.11 -34.19 -9.57
CA ARG F 315 5.13 -32.72 -9.62
C ARG F 315 3.77 -32.07 -9.38
N TYR F 316 3.54 -31.67 -8.14
CA TYR F 316 2.33 -30.98 -7.80
C TYR F 316 2.26 -29.59 -8.43
N THR F 317 1.14 -29.28 -9.06
CA THR F 317 0.88 -27.93 -9.51
C THR F 317 -0.52 -27.53 -9.08
N ILE F 318 -0.96 -26.35 -9.52
CA ILE F 318 -2.35 -25.91 -9.31
C ILE F 318 -3.33 -26.95 -9.85
N LEU F 319 -2.89 -27.83 -10.75
CA LEU F 319 -3.84 -28.72 -11.40
C LEU F 319 -4.31 -29.81 -10.46
N GLY F 320 -3.62 -29.96 -9.34
CA GLY F 320 -4.05 -30.91 -8.34
C GLY F 320 -4.13 -32.30 -8.93
N ASP F 321 -5.26 -32.97 -8.70
CA ASP F 321 -5.52 -34.31 -9.18
C ASP F 321 -6.42 -34.23 -10.42
N GLY F 322 -6.36 -33.11 -11.13
CA GLY F 322 -6.98 -33.01 -12.44
C GLY F 322 -8.01 -31.90 -12.59
N LEU F 323 -7.91 -31.18 -13.69
CA LEU F 323 -8.87 -30.17 -14.06
C LEU F 323 -9.97 -30.90 -14.79
N SER F 324 -11.23 -30.68 -14.41
CA SER F 324 -12.34 -31.39 -15.06
C SER F 324 -12.59 -30.79 -16.42
N ARG F 325 -13.17 -31.57 -17.32
CA ARG F 325 -13.47 -31.10 -18.68
C ARG F 325 -14.32 -29.85 -18.67
N GLU F 326 -15.37 -29.87 -17.85
CA GLU F 326 -16.26 -28.73 -17.71
C GLU F 326 -15.48 -27.49 -17.30
N ALA F 327 -14.62 -27.64 -16.30
CA ALA F 327 -13.78 -26.54 -15.81
C ALA F 327 -12.75 -26.09 -16.85
N ALA F 328 -12.18 -27.04 -17.58
CA ALA F 328 -11.26 -26.73 -18.66
C ALA F 328 -11.95 -25.89 -19.73
N LYS F 329 -13.18 -26.26 -20.08
CA LYS F 329 -13.98 -25.51 -21.05
C LYS F 329 -14.29 -24.07 -20.56
N ARG F 330 -14.66 -23.93 -19.29
CA ARG F 330 -14.97 -22.60 -18.72
C ARG F 330 -13.76 -21.67 -18.81
N ALA F 331 -12.59 -22.19 -18.45
CA ALA F 331 -11.39 -21.40 -18.43
C ALA F 331 -11.05 -20.94 -19.84
N LEU F 332 -11.04 -21.87 -20.78
CA LEU F 332 -10.83 -21.50 -22.19
C LEU F 332 -11.77 -20.37 -22.62
N GLU F 333 -13.04 -20.49 -22.27
CA GLU F 333 -14.00 -19.41 -22.48
C GLU F 333 -13.59 -18.10 -21.81
N ASP F 334 -13.31 -18.13 -20.50
CA ASP F 334 -13.14 -16.88 -19.76
C ASP F 334 -11.86 -16.14 -20.15
N VAL F 335 -10.83 -16.87 -20.56
CA VAL F 335 -9.59 -16.23 -21.00
C VAL F 335 -9.58 -15.93 -22.51
N GLU F 336 -10.69 -16.24 -23.18
CA GLU F 336 -10.92 -15.90 -24.58
C GLU F 336 -9.90 -16.57 -25.53
N LEU F 337 -9.51 -17.79 -25.20
CA LEU F 337 -8.72 -18.64 -26.10
C LEU F 337 -9.61 -19.43 -27.05
N ILE F 338 -10.89 -19.51 -26.71
CA ILE F 338 -11.94 -19.97 -27.63
C ILE F 338 -13.13 -19.07 -27.44
#